data_7EL4
# 
_entry.id   7EL4 
# 
_audit_conform.dict_name       mmcif_pdbx.dic 
_audit_conform.dict_version    5.380 
_audit_conform.dict_location   http://mmcif.pdb.org/dictionaries/ascii/mmcif_pdbx.dic 
# 
loop_
_database_2.database_id 
_database_2.database_code 
_database_2.pdbx_database_accession 
_database_2.pdbx_DOI 
PDB   7EL4         pdb_00007el4 10.2210/pdb7el4/pdb 
WWPDB D_1300021634 ?            ?                   
# 
_pdbx_database_status.status_code                     REL 
_pdbx_database_status.status_code_sf                  REL 
_pdbx_database_status.status_code_mr                  ? 
_pdbx_database_status.entry_id                        7EL4 
_pdbx_database_status.recvd_initial_deposition_date   2021-04-08 
_pdbx_database_status.SG_entry                        N 
_pdbx_database_status.deposit_site                    PDBJ 
_pdbx_database_status.process_site                    PDBJ 
_pdbx_database_status.status_code_cs                  ? 
_pdbx_database_status.status_code_nmr_data            ? 
_pdbx_database_status.methods_development_category    ? 
_pdbx_database_status.pdb_format_compatible           Y 
# 
loop_
_audit_author.name 
_audit_author.pdbx_ordinal 
_audit_author.identifier_ORCID 
'Cheng, X.Y.' 1 0000-0003-2161-1743 
'Zhang, B.L.' 2 0000-0002-0447-9579 
'Li, Z.C.'    3 0000-0003-0285-4336 
'Kuang, Z.K.' 4 0000-0002-3154-7127 
'Su, Z.D.'    5 0000-0003-3558-001X 
# 
_citation.abstract                  ? 
_citation.abstract_id_CAS           ? 
_citation.book_id_ISBN              ? 
_citation.book_publisher            ? 
_citation.book_publisher_city       ? 
_citation.book_title                ? 
_citation.coordinate_linkage        ? 
_citation.country                   ? 
_citation.database_id_Medline       ? 
_citation.details                   ? 
_citation.id                        primary 
_citation.journal_abbrev            'To Be Published' 
_citation.journal_id_ASTM           ? 
_citation.journal_id_CSD            0353 
_citation.journal_id_ISSN           ? 
_citation.journal_full              ? 
_citation.journal_issue             ? 
_citation.journal_volume            ? 
_citation.language                  ? 
_citation.page_first                ? 
_citation.page_last                 ? 
_citation.title                     'The crystal structure of the N-terminal domain of MdmX in complex with p53p peptide fragment' 
_citation.year                      ? 
_citation.database_id_CSD           ? 
_citation.pdbx_database_id_DOI      ? 
_citation.pdbx_database_id_PubMed   ? 
_citation.pdbx_database_id_patent   ? 
_citation.unpublished_flag          ? 
# 
loop_
_citation_author.citation_id 
_citation_author.name 
_citation_author.ordinal 
_citation_author.identifier_ORCID 
primary 'Cheng, X.Y.' 1 0000-0003-2161-1743 
primary 'Zhang, B.L.' 2 0000-0002-0447-9579 
primary 'Li, Z.C.'    3 0000-0003-0285-4336 
primary 'Kuang, Z.K.' 4 0000-0002-3154-7127 
primary 'Su, Z.D.'    5 0000-0003-3558-001X 
# 
_cell.entry_id           7EL4 
_cell.length_a           65.097 
_cell.length_b           65.097 
_cell.length_c           94.977 
_cell.angle_alpha        90.00 
_cell.angle_beta         90.00 
_cell.angle_gamma        90.00 
_cell.Z_PDB              8 
_cell.pdbx_unique_axis   ? 
# 
_symmetry.entry_id                         7EL4 
_symmetry.space_group_name_H-M             'I 41' 
_symmetry.pdbx_full_space_group_name_H-M   ? 
_symmetry.cell_setting                     ? 
_symmetry.Int_Tables_number                80 
# 
loop_
_entity.id 
_entity.type 
_entity.src_method 
_entity.pdbx_description 
_entity.formula_weight 
_entity.pdbx_number_of_molecules 
_entity.pdbx_ec 
_entity.pdbx_mutation 
_entity.pdbx_fragment 
_entity.details 
1 polymer     man 'Cellular tumor antigen p53,Protein Mdm4' 14626.523 1  ? ? ? ? 
2 non-polymer syn 1,4,7,10,13,16-HEXAOXACYCLOOCTADECANE     264.315   2  ? ? ? ? 
3 non-polymer syn 'MAGNESIUM ION'                           24.305    2  ? ? ? ? 
4 water       nat water                                     18.015    36 ? ? ? ? 
# 
_entity_name_com.entity_id   1 
_entity_name_com.name        'Double minute 4 protein,Mdm2-like p53-binding protein,Protein Mdmx,p53-binding protein Mdm4' 
# 
_entity_poly.entity_id                      1 
_entity_poly.type                           'polypeptide(L)' 
_entity_poly.nstd_linkage                   no 
_entity_poly.nstd_monomer                   no 
_entity_poly.pdbx_seq_one_letter_code       
;GSSHHHHHHSQDLENLYFQGSWKLLPENGSGSSENSGFSGSQINQVRPKLPLLKILHAAGAQGEMFTVKEVMHYLGQYIM
VKQLYDQQEQHMVYCGGDLLGELLGRQSFSVKDPSPLYDMLRKNLVTLAT
;
_entity_poly.pdbx_seq_one_letter_code_can   
;GSSHHHHHHSQDLENLYFQGSWKLLPENGSGSSENSGFSGSQINQVRPKLPLLKILHAAGAQGEMFTVKEVMHYLGQYIM
VKQLYDQQEQHMVYCGGDLLGELLGRQSFSVKDPSPLYDMLRKNLVTLAT
;
_entity_poly.pdbx_strand_id                 A 
_entity_poly.pdbx_target_identifier         ? 
# 
loop_
_entity_poly_seq.entity_id 
_entity_poly_seq.num 
_entity_poly_seq.mon_id 
_entity_poly_seq.hetero 
1 1   GLY n 
1 2   SER n 
1 3   SER n 
1 4   HIS n 
1 5   HIS n 
1 6   HIS n 
1 7   HIS n 
1 8   HIS n 
1 9   HIS n 
1 10  SER n 
1 11  GLN n 
1 12  ASP n 
1 13  LEU n 
1 14  GLU n 
1 15  ASN n 
1 16  LEU n 
1 17  TYR n 
1 18  PHE n 
1 19  GLN n 
1 20  GLY n 
1 21  SER n 
1 22  TRP n 
1 23  LYS n 
1 24  LEU n 
1 25  LEU n 
1 26  PRO n 
1 27  GLU n 
1 28  ASN n 
1 29  GLY n 
1 30  SER n 
1 31  GLY n 
1 32  SER n 
1 33  SER n 
1 34  GLU n 
1 35  ASN n 
1 36  SER n 
1 37  GLY n 
1 38  PHE n 
1 39  SER n 
1 40  GLY n 
1 41  SER n 
1 42  GLN n 
1 43  ILE n 
1 44  ASN n 
1 45  GLN n 
1 46  VAL n 
1 47  ARG n 
1 48  PRO n 
1 49  LYS n 
1 50  LEU n 
1 51  PRO n 
1 52  LEU n 
1 53  LEU n 
1 54  LYS n 
1 55  ILE n 
1 56  LEU n 
1 57  HIS n 
1 58  ALA n 
1 59  ALA n 
1 60  GLY n 
1 61  ALA n 
1 62  GLN n 
1 63  GLY n 
1 64  GLU n 
1 65  MET n 
1 66  PHE n 
1 67  THR n 
1 68  VAL n 
1 69  LYS n 
1 70  GLU n 
1 71  VAL n 
1 72  MET n 
1 73  HIS n 
1 74  TYR n 
1 75  LEU n 
1 76  GLY n 
1 77  GLN n 
1 78  TYR n 
1 79  ILE n 
1 80  MET n 
1 81  VAL n 
1 82  LYS n 
1 83  GLN n 
1 84  LEU n 
1 85  TYR n 
1 86  ASP n 
1 87  GLN n 
1 88  GLN n 
1 89  GLU n 
1 90  GLN n 
1 91  HIS n 
1 92  MET n 
1 93  VAL n 
1 94  TYR n 
1 95  CYS n 
1 96  GLY n 
1 97  GLY n 
1 98  ASP n 
1 99  LEU n 
1 100 LEU n 
1 101 GLY n 
1 102 GLU n 
1 103 LEU n 
1 104 LEU n 
1 105 GLY n 
1 106 ARG n 
1 107 GLN n 
1 108 SER n 
1 109 PHE n 
1 110 SER n 
1 111 VAL n 
1 112 LYS n 
1 113 ASP n 
1 114 PRO n 
1 115 SER n 
1 116 PRO n 
1 117 LEU n 
1 118 TYR n 
1 119 ASP n 
1 120 MET n 
1 121 LEU n 
1 122 ARG n 
1 123 LYS n 
1 124 ASN n 
1 125 LEU n 
1 126 VAL n 
1 127 THR n 
1 128 LEU n 
1 129 ALA n 
1 130 THR n 
# 
loop_
_entity_src_gen.entity_id 
_entity_src_gen.pdbx_src_id 
_entity_src_gen.pdbx_alt_source_flag 
_entity_src_gen.pdbx_seq_type 
_entity_src_gen.pdbx_beg_seq_num 
_entity_src_gen.pdbx_end_seq_num 
_entity_src_gen.gene_src_common_name 
_entity_src_gen.gene_src_genus 
_entity_src_gen.pdbx_gene_src_gene 
_entity_src_gen.gene_src_species 
_entity_src_gen.gene_src_strain 
_entity_src_gen.gene_src_tissue 
_entity_src_gen.gene_src_tissue_fraction 
_entity_src_gen.gene_src_details 
_entity_src_gen.pdbx_gene_src_fragment 
_entity_src_gen.pdbx_gene_src_scientific_name 
_entity_src_gen.pdbx_gene_src_ncbi_taxonomy_id 
_entity_src_gen.pdbx_gene_src_variant 
_entity_src_gen.pdbx_gene_src_cell_line 
_entity_src_gen.pdbx_gene_src_atcc 
_entity_src_gen.pdbx_gene_src_organ 
_entity_src_gen.pdbx_gene_src_organelle 
_entity_src_gen.pdbx_gene_src_cell 
_entity_src_gen.pdbx_gene_src_cellular_location 
_entity_src_gen.host_org_common_name 
_entity_src_gen.pdbx_host_org_scientific_name 
_entity_src_gen.pdbx_host_org_ncbi_taxonomy_id 
_entity_src_gen.host_org_genus 
_entity_src_gen.pdbx_host_org_gene 
_entity_src_gen.pdbx_host_org_organ 
_entity_src_gen.host_org_species 
_entity_src_gen.pdbx_host_org_tissue 
_entity_src_gen.pdbx_host_org_tissue_fraction 
_entity_src_gen.pdbx_host_org_strain 
_entity_src_gen.pdbx_host_org_variant 
_entity_src_gen.pdbx_host_org_cell_line 
_entity_src_gen.pdbx_host_org_atcc 
_entity_src_gen.pdbx_host_org_culture_collection 
_entity_src_gen.pdbx_host_org_cell 
_entity_src_gen.pdbx_host_org_organelle 
_entity_src_gen.pdbx_host_org_cellular_location 
_entity_src_gen.pdbx_host_org_vector_type 
_entity_src_gen.pdbx_host_org_vector 
_entity_src_gen.host_org_details 
_entity_src_gen.expression_system_id 
_entity_src_gen.plasmid_name 
_entity_src_gen.plasmid_details 
_entity_src_gen.pdbx_description 
1 1 sample 'Biological sequence' 1  28  Human ? ?            ? ? ? ? ? ? 'Homo sapiens' 9606 ? ? ? ? ? ? ? ? 
'Escherichia coli K-12' 83333 ? ? ? ? ? ? K-12 ? ? ? ? ? ? ? ? ? ? ? ? ? ? 
1 2 sample 'Biological sequence' 29 130 Human ? 'MDM4, MDMX' ? ? ? ? ? ? 'Homo sapiens' 9606 ? ? ? ? ? ? ? ? 
'Escherichia coli K-12' 83333 ? ? ? ? ? ? K-12 ? ? ? ? ? ? ? ? ? ? ? ? ? ? 
# 
loop_
_struct_ref.id 
_struct_ref.db_name 
_struct_ref.db_code 
_struct_ref.pdbx_db_accession 
_struct_ref.pdbx_db_isoform 
_struct_ref.entity_id 
_struct_ref.pdbx_seq_one_letter_code 
_struct_ref.pdbx_align_begin 
1 UNP P53_HUMAN  P04637 ? 1 WKLLPEN                                                                                      23 
2 UNP MDM4_HUMAN O15151 ? 1 
;QINQVRPKLPLLKILHAAGAQGEMFTVKEVMHYLGQYIMVKQLYDQQEQHMVYCGGDLLGELLGRQSFSVKDPSPLYDML
RKNLVTLAT
;
23 
# 
loop_
_struct_ref_seq.align_id 
_struct_ref_seq.ref_id 
_struct_ref_seq.pdbx_PDB_id_code 
_struct_ref_seq.pdbx_strand_id 
_struct_ref_seq.seq_align_beg 
_struct_ref_seq.pdbx_seq_align_beg_ins_code 
_struct_ref_seq.seq_align_end 
_struct_ref_seq.pdbx_seq_align_end_ins_code 
_struct_ref_seq.pdbx_db_accession 
_struct_ref_seq.db_align_beg 
_struct_ref_seq.pdbx_db_align_beg_ins_code 
_struct_ref_seq.db_align_end 
_struct_ref_seq.pdbx_db_align_end_ins_code 
_struct_ref_seq.pdbx_auth_seq_align_beg 
_struct_ref_seq.pdbx_auth_seq_align_end 
1 1 7EL4 A 22 ? 28  ? P04637 23 ? 29  ? 22 28  
2 2 7EL4 A 42 ? 130 ? O15151 23 ? 111 ? 42 130 
# 
loop_
_struct_ref_seq_dif.align_id 
_struct_ref_seq_dif.pdbx_pdb_id_code 
_struct_ref_seq_dif.mon_id 
_struct_ref_seq_dif.pdbx_pdb_strand_id 
_struct_ref_seq_dif.seq_num 
_struct_ref_seq_dif.pdbx_pdb_ins_code 
_struct_ref_seq_dif.pdbx_seq_db_name 
_struct_ref_seq_dif.pdbx_seq_db_accession_code 
_struct_ref_seq_dif.db_mon_id 
_struct_ref_seq_dif.pdbx_seq_db_seq_num 
_struct_ref_seq_dif.details 
_struct_ref_seq_dif.pdbx_auth_seq_num 
_struct_ref_seq_dif.pdbx_ordinal 
1 7EL4 GLY A 1  ? UNP P04637 ? ? 'expression tag' 1  1  
1 7EL4 SER A 2  ? UNP P04637 ? ? 'expression tag' 2  2  
1 7EL4 SER A 3  ? UNP P04637 ? ? 'expression tag' 3  3  
1 7EL4 HIS A 4  ? UNP P04637 ? ? 'expression tag' 4  4  
1 7EL4 HIS A 5  ? UNP P04637 ? ? 'expression tag' 5  5  
1 7EL4 HIS A 6  ? UNP P04637 ? ? 'expression tag' 6  6  
1 7EL4 HIS A 7  ? UNP P04637 ? ? 'expression tag' 7  7  
1 7EL4 HIS A 8  ? UNP P04637 ? ? 'expression tag' 8  8  
1 7EL4 HIS A 9  ? UNP P04637 ? ? 'expression tag' 9  9  
1 7EL4 SER A 10 ? UNP P04637 ? ? 'expression tag' 10 10 
1 7EL4 GLN A 11 ? UNP P04637 ? ? 'expression tag' 11 11 
1 7EL4 ASP A 12 ? UNP P04637 ? ? 'expression tag' 12 12 
1 7EL4 LEU A 13 ? UNP P04637 ? ? 'expression tag' 13 13 
1 7EL4 GLU A 14 ? UNP P04637 ? ? 'expression tag' 14 14 
1 7EL4 ASN A 15 ? UNP P04637 ? ? 'expression tag' 15 15 
1 7EL4 LEU A 16 ? UNP P04637 ? ? 'expression tag' 16 16 
1 7EL4 TYR A 17 ? UNP P04637 ? ? 'expression tag' 17 17 
1 7EL4 PHE A 18 ? UNP P04637 ? ? 'expression tag' 18 18 
1 7EL4 GLN A 19 ? UNP P04637 ? ? 'expression tag' 19 19 
1 7EL4 GLY A 20 ? UNP P04637 ? ? 'expression tag' 20 20 
1 7EL4 SER A 21 ? UNP P04637 ? ? 'expression tag' 21 21 
1 7EL4 GLY A 29 ? UNP P04637 ? ? linker           29 22 
1 7EL4 SER A 30 ? UNP P04637 ? ? linker           30 23 
1 7EL4 GLY A 31 ? UNP P04637 ? ? linker           31 24 
1 7EL4 SER A 32 ? UNP P04637 ? ? linker           32 25 
1 7EL4 SER A 33 ? UNP P04637 ? ? linker           33 26 
1 7EL4 GLU A 34 ? UNP P04637 ? ? linker           34 27 
1 7EL4 ASN A 35 ? UNP P04637 ? ? linker           35 28 
1 7EL4 SER A 36 ? UNP P04637 ? ? linker           36 29 
1 7EL4 GLY A 37 ? UNP P04637 ? ? linker           37 30 
1 7EL4 PHE A 38 ? UNP P04637 ? ? linker           38 31 
1 7EL4 SER A 39 ? UNP P04637 ? ? linker           39 32 
1 7EL4 GLY A 40 ? UNP P04637 ? ? linker           40 33 
1 7EL4 SER A 41 ? UNP P04637 ? ? linker           41 34 
# 
loop_
_chem_comp.id 
_chem_comp.type 
_chem_comp.mon_nstd_flag 
_chem_comp.name 
_chem_comp.pdbx_synonyms 
_chem_comp.formula 
_chem_comp.formula_weight 
ALA 'L-peptide linking' y ALANINE                               ? 'C3 H7 N O2'     89.093  
ARG 'L-peptide linking' y ARGININE                              ? 'C6 H15 N4 O2 1' 175.209 
ASN 'L-peptide linking' y ASPARAGINE                            ? 'C4 H8 N2 O3'    132.118 
ASP 'L-peptide linking' y 'ASPARTIC ACID'                       ? 'C4 H7 N O4'     133.103 
CYS 'L-peptide linking' y CYSTEINE                              ? 'C3 H7 N O2 S'   121.158 
GLN 'L-peptide linking' y GLUTAMINE                             ? 'C5 H10 N2 O3'   146.144 
GLU 'L-peptide linking' y 'GLUTAMIC ACID'                       ? 'C5 H9 N O4'     147.129 
GLY 'peptide linking'   y GLYCINE                               ? 'C2 H5 N O2'     75.067  
HIS 'L-peptide linking' y HISTIDINE                             ? 'C6 H10 N3 O2 1' 156.162 
HOH non-polymer         . WATER                                 ? 'H2 O'           18.015  
ILE 'L-peptide linking' y ISOLEUCINE                            ? 'C6 H13 N O2'    131.173 
LEU 'L-peptide linking' y LEUCINE                               ? 'C6 H13 N O2'    131.173 
LYS 'L-peptide linking' y LYSINE                                ? 'C6 H15 N2 O2 1' 147.195 
MET 'L-peptide linking' y METHIONINE                            ? 'C5 H11 N O2 S'  149.211 
MG  non-polymer         . 'MAGNESIUM ION'                       ? 'Mg 2'           24.305  
O4B non-polymer         . 1,4,7,10,13,16-HEXAOXACYCLOOCTADECANE ? 'C12 H24 O6'     264.315 
PHE 'L-peptide linking' y PHENYLALANINE                         ? 'C9 H11 N O2'    165.189 
PRO 'L-peptide linking' y PROLINE                               ? 'C5 H9 N O2'     115.130 
SER 'L-peptide linking' y SERINE                                ? 'C3 H7 N O3'     105.093 
THR 'L-peptide linking' y THREONINE                             ? 'C4 H9 N O3'     119.119 
TRP 'L-peptide linking' y TRYPTOPHAN                            ? 'C11 H12 N2 O2'  204.225 
TYR 'L-peptide linking' y TYROSINE                              ? 'C9 H11 N O3'    181.189 
VAL 'L-peptide linking' y VALINE                                ? 'C5 H11 N O2'    117.146 
# 
_exptl.absorpt_coefficient_mu     ? 
_exptl.absorpt_correction_T_max   ? 
_exptl.absorpt_correction_T_min   ? 
_exptl.absorpt_correction_type    ? 
_exptl.absorpt_process_details    ? 
_exptl.entry_id                   7EL4 
_exptl.crystals_number            1 
_exptl.details                    ? 
_exptl.method                     'X-RAY DIFFRACTION' 
_exptl.method_details             ? 
# 
_exptl_crystal.colour                      ? 
_exptl_crystal.density_diffrn              ? 
_exptl_crystal.density_Matthews            3.44 
_exptl_crystal.density_method              ? 
_exptl_crystal.density_percent_sol         64.31 
_exptl_crystal.description                 ? 
_exptl_crystal.F_000                       ? 
_exptl_crystal.id                          1 
_exptl_crystal.preparation                 ? 
_exptl_crystal.size_max                    ? 
_exptl_crystal.size_mid                    ? 
_exptl_crystal.size_min                    ? 
_exptl_crystal.size_rad                    ? 
_exptl_crystal.colour_lustre               ? 
_exptl_crystal.colour_modifier             ? 
_exptl_crystal.colour_primary              ? 
_exptl_crystal.density_meas                ? 
_exptl_crystal.density_meas_esd            ? 
_exptl_crystal.density_meas_gt             ? 
_exptl_crystal.density_meas_lt             ? 
_exptl_crystal.density_meas_temp           ? 
_exptl_crystal.density_meas_temp_esd       ? 
_exptl_crystal.density_meas_temp_gt        ? 
_exptl_crystal.density_meas_temp_lt        ? 
_exptl_crystal.pdbx_crystal_image_url      ? 
_exptl_crystal.pdbx_crystal_image_format   ? 
_exptl_crystal.pdbx_mosaicity              ? 
_exptl_crystal.pdbx_mosaicity_esd          ? 
# 
_exptl_crystal_grow.apparatus       ? 
_exptl_crystal_grow.atmosphere      ? 
_exptl_crystal_grow.crystal_id      1 
_exptl_crystal_grow.details         ? 
_exptl_crystal_grow.method          'VAPOR DIFFUSION, SITTING DROP' 
_exptl_crystal_grow.method_ref      ? 
_exptl_crystal_grow.pH              7.16 
_exptl_crystal_grow.pressure        ? 
_exptl_crystal_grow.pressure_esd    ? 
_exptl_crystal_grow.seeding         ? 
_exptl_crystal_grow.seeding_ref     ? 
_exptl_crystal_grow.temp            291 
_exptl_crystal_grow.temp_details    ? 
_exptl_crystal_grow.temp_esd        ? 
_exptl_crystal_grow.time            ? 
_exptl_crystal_grow.pdbx_details    '0.1 M MES pH 6.5, 2 M MgSO4' 
_exptl_crystal_grow.pdbx_pH_range   6.5 
# 
_diffrn.ambient_environment              ? 
_diffrn.ambient_temp                     100 
_diffrn.ambient_temp_details             ? 
_diffrn.ambient_temp_esd                 ? 
_diffrn.crystal_id                       1 
_diffrn.crystal_support                  ? 
_diffrn.crystal_treatment                ? 
_diffrn.details                          ? 
_diffrn.id                               1 
_diffrn.ambient_pressure                 ? 
_diffrn.ambient_pressure_esd             ? 
_diffrn.ambient_pressure_gt              ? 
_diffrn.ambient_pressure_lt              ? 
_diffrn.ambient_temp_gt                  ? 
_diffrn.ambient_temp_lt                  ? 
_diffrn.pdbx_serial_crystal_experiment   N 
# 
_diffrn_detector.details                      ? 
_diffrn_detector.detector                     PIXEL 
_diffrn_detector.diffrn_id                    1 
_diffrn_detector.type                         'DECTRIS EIGER X 16M' 
_diffrn_detector.area_resol_mean              ? 
_diffrn_detector.dtime                        ? 
_diffrn_detector.pdbx_frames_total            ? 
_diffrn_detector.pdbx_collection_time_total   ? 
_diffrn_detector.pdbx_collection_date         2020-12-27 
_diffrn_detector.pdbx_frequency               ? 
# 
_diffrn_radiation.collimation                      ? 
_diffrn_radiation.diffrn_id                        1 
_diffrn_radiation.filter_edge                      ? 
_diffrn_radiation.inhomogeneity                    ? 
_diffrn_radiation.monochromator                    ? 
_diffrn_radiation.polarisn_norm                    ? 
_diffrn_radiation.polarisn_ratio                   ? 
_diffrn_radiation.probe                            ? 
_diffrn_radiation.type                             ? 
_diffrn_radiation.xray_symbol                      ? 
_diffrn_radiation.wavelength_id                    1 
_diffrn_radiation.pdbx_monochromatic_or_laue_m_l   M 
_diffrn_radiation.pdbx_wavelength_list             ? 
_diffrn_radiation.pdbx_wavelength                  ? 
_diffrn_radiation.pdbx_diffrn_protocol             'SINGLE WAVELENGTH' 
_diffrn_radiation.pdbx_analyzer                    ? 
_diffrn_radiation.pdbx_scattering_type             x-ray 
# 
_diffrn_radiation_wavelength.id           1 
_diffrn_radiation_wavelength.wavelength   0.9792 
_diffrn_radiation_wavelength.wt           1.0 
# 
_diffrn_source.current                     ? 
_diffrn_source.details                     ? 
_diffrn_source.diffrn_id                   1 
_diffrn_source.power                       ? 
_diffrn_source.size                        ? 
_diffrn_source.source                      SYNCHROTRON 
_diffrn_source.target                      ? 
_diffrn_source.type                        'SSRF BEAMLINE BL17U1' 
_diffrn_source.voltage                     ? 
_diffrn_source.take-off_angle              ? 
_diffrn_source.pdbx_wavelength_list        0.9792 
_diffrn_source.pdbx_wavelength             ? 
_diffrn_source.pdbx_synchrotron_beamline   BL17U1 
_diffrn_source.pdbx_synchrotron_site       SSRF 
# 
_reflns.pdbx_diffrn_id               1 
_reflns.pdbx_ordinal                 1 
_reflns.entry_id                     7EL4 
_reflns.observed_criterion_sigma_I   ? 
_reflns.observed_criterion_sigma_F   ? 
_reflns.d_resolution_low             53.695 
_reflns.d_resolution_high            2.109 
_reflns.number_obs                   22483 
_reflns.number_all                   ? 
_reflns.percent_possible_obs         100.0 
_reflns.pdbx_Rmerge_I_obs            ? 
_reflns.pdbx_Rsym_value              ? 
_reflns.pdbx_netI_over_sigmaI        17.0000 
_reflns.B_iso_Wilson_estimate        ? 
_reflns.pdbx_redundancy              12.90 
_reflns.pdbx_CC_half                 ? 
_reflns.pdbx_CC_star                 ? 
_reflns.pdbx_Rpim_I_all              ? 
_reflns.pdbx_Rrim_I_all              ? 
# 
_refine.pdbx_refine_id                           'X-RAY DIFFRACTION' 
_refine.entry_id                                 7EL4 
_refine.pdbx_diffrn_id                           1 
_refine.pdbx_TLS_residual_ADP_flag               ? 
_refine.ls_number_reflns_obs                     10599 
_refine.ls_number_reflns_all                     ? 
_refine.pdbx_ls_sigma_I                          ? 
_refine.pdbx_ls_sigma_F                          ? 
_refine.pdbx_data_cutoff_high_absF               ? 
_refine.pdbx_data_cutoff_low_absF                ? 
_refine.pdbx_data_cutoff_high_rms_absF           ? 
_refine.ls_d_res_low                             53.70 
_refine.ls_d_res_high                            2.11 
_refine.ls_percent_reflns_obs                    96.9149 
_refine.ls_R_factor_obs                          ? 
_refine.ls_R_factor_all                          ? 
_refine.ls_R_factor_R_work                       0.224 
_refine.ls_R_factor_R_free                       0.225 
_refine.ls_R_factor_R_free_error                 ? 
_refine.ls_R_factor_R_free_error_details         ? 
_refine.ls_percent_reflns_R_free                 5.009 
_refine.ls_number_reflns_R_free                  490 
_refine.ls_number_parameters                     ? 
_refine.ls_number_restraints                     ? 
_refine.occupancy_min                            ? 
_refine.occupancy_max                            ? 
_refine.correlation_coeff_Fo_to_Fc               ? 
_refine.correlation_coeff_Fo_to_Fc_free          ? 
_refine.B_iso_mean                               44.55 
_refine.aniso_B[1][1]                            0.08600 
_refine.aniso_B[2][2]                            0.08600 
_refine.aniso_B[3][3]                            -0.17300 
_refine.aniso_B[1][2]                            0.00000 
_refine.aniso_B[1][3]                            0.00000 
_refine.aniso_B[2][3]                            0.00000 
_refine.solvent_model_details                    ? 
_refine.solvent_model_param_ksol                 ? 
_refine.solvent_model_param_bsol                 ? 
_refine.pdbx_solvent_vdw_probe_radii             ? 
_refine.pdbx_solvent_ion_probe_radii             ? 
_refine.pdbx_solvent_shrinkage_radii             ? 
_refine.pdbx_ls_cross_valid_method               NONE 
_refine.details                                  
;HYDROGENS HAVE BEEN ADDED IN THEIR
 RIDING POSITIONS
;
_refine.pdbx_starting_model                      7C3Y 
_refine.pdbx_method_to_determine_struct          'MOLECULAR REPLACEMENT' 
_refine.pdbx_isotropic_thermal_model             ? 
_refine.pdbx_stereochemistry_target_values       ? 
_refine.pdbx_stereochem_target_val_spec_case     ? 
_refine.pdbx_R_Free_selection_details            ? 
_refine.pdbx_overall_ESU_R                       0.142 
_refine.pdbx_overall_ESU_R_Free                  0.122 
_refine.overall_SU_ML                            ? 
_refine.pdbx_overall_phase_error                 ? 
_refine.overall_SU_B                             ? 
_refine.overall_SU_R_Cruickshank_DPI             ? 
_refine.pdbx_overall_SU_R_free_Cruickshank_DPI   ? 
_refine.pdbx_overall_SU_R_Blow_DPI               ? 
_refine.pdbx_overall_SU_R_free_Blow_DPI          ? 
# 
_refine_hist.pdbx_refine_id                   'X-RAY DIFFRACTION' 
_refine_hist.cycle_id                         LAST 
_refine_hist.pdbx_number_atoms_protein        761 
_refine_hist.pdbx_number_atoms_nucleic_acid   0 
_refine_hist.pdbx_number_atoms_ligand         38 
_refine_hist.number_atoms_solvent             36 
_refine_hist.number_atoms_total               835 
_refine_hist.d_res_high                       2.11 
_refine_hist.d_res_low                        53.70 
# 
_struct.entry_id                     7EL4 
_struct.title                        'The crystal structure of p53p peptide fragment in complex with the N-terminal domain of MdmX' 
_struct.pdbx_model_details           ? 
_struct.pdbx_formula_weight          ? 
_struct.pdbx_formula_weight_method   ? 
_struct.pdbx_model_type_details      ? 
_struct.pdbx_CASP_flag               N 
# 
_struct_keywords.entry_id        7EL4 
_struct_keywords.text            'p53, MdmX, SIGNALING PROTEIN, ONCOPROTEIN' 
_struct_keywords.pdbx_keywords   ONCOPROTEIN 
# 
loop_
_struct_asym.id 
_struct_asym.pdbx_blank_PDB_chainid_flag 
_struct_asym.pdbx_modified 
_struct_asym.entity_id 
_struct_asym.details 
A N N 1 ? 
B N N 2 ? 
C N N 2 ? 
D N N 3 ? 
E N N 3 ? 
F N N 4 ? 
# 
loop_
_struct_conf.conf_type_id 
_struct_conf.id 
_struct_conf.pdbx_PDB_helix_id 
_struct_conf.beg_label_comp_id 
_struct_conf.beg_label_asym_id 
_struct_conf.beg_label_seq_id 
_struct_conf.pdbx_beg_PDB_ins_code 
_struct_conf.end_label_comp_id 
_struct_conf.end_label_asym_id 
_struct_conf.end_label_seq_id 
_struct_conf.pdbx_end_PDB_ins_code 
_struct_conf.beg_auth_comp_id 
_struct_conf.beg_auth_asym_id 
_struct_conf.beg_auth_seq_id 
_struct_conf.end_auth_comp_id 
_struct_conf.end_auth_asym_id 
_struct_conf.end_auth_seq_id 
_struct_conf.pdbx_PDB_helix_class 
_struct_conf.details 
_struct_conf.pdbx_PDB_helix_length 
HELX_P HELX_P1 AA1 TYR A 17  ? LYS A 23  ? TYR A 17  LYS A 23  1 ? 7  
HELX_P HELX_P2 AA2 LYS A 49  ? ALA A 59  ? LYS A 49  ALA A 59  1 ? 11 
HELX_P HELX_P3 AA3 THR A 67  ? LYS A 82  ? THR A 67  LYS A 82  1 ? 16 
HELX_P HELX_P4 AA4 ASP A 98  ? GLY A 105 ? ASP A 98  GLY A 105 1 ? 8  
HELX_P HELX_P5 AA5 PRO A 114 ? ASN A 124 ? PRO A 114 ASN A 124 1 ? 11 
# 
_struct_conf_type.id          HELX_P 
_struct_conf_type.criteria    ? 
_struct_conf_type.reference   ? 
# 
loop_
_struct_sheet.id 
_struct_sheet.type 
_struct_sheet.number_strands 
_struct_sheet.details 
AA1 ? 2 ? 
AA2 ? 2 ? 
# 
loop_
_struct_sheet_order.sheet_id 
_struct_sheet_order.range_id_1 
_struct_sheet_order.range_id_2 
_struct_sheet_order.offset 
_struct_sheet_order.sense 
AA1 1 2 ? anti-parallel 
AA2 1 2 ? anti-parallel 
# 
loop_
_struct_sheet_range.sheet_id 
_struct_sheet_range.id 
_struct_sheet_range.beg_label_comp_id 
_struct_sheet_range.beg_label_asym_id 
_struct_sheet_range.beg_label_seq_id 
_struct_sheet_range.pdbx_beg_PDB_ins_code 
_struct_sheet_range.end_label_comp_id 
_struct_sheet_range.end_label_asym_id 
_struct_sheet_range.end_label_seq_id 
_struct_sheet_range.pdbx_end_PDB_ins_code 
_struct_sheet_range.beg_auth_comp_id 
_struct_sheet_range.beg_auth_asym_id 
_struct_sheet_range.beg_auth_seq_id 
_struct_sheet_range.end_auth_comp_id 
_struct_sheet_range.end_auth_asym_id 
_struct_sheet_range.end_auth_seq_id 
AA1 1 ARG A 47  ? PRO A 48  ? ARG A 47  PRO A 48  
AA1 2 LEU A 125 ? VAL A 126 ? LEU A 125 VAL A 126 
AA2 1 MET A 92  ? TYR A 94  ? MET A 92  TYR A 94  
AA2 2 SER A 108 ? SER A 110 ? SER A 108 SER A 110 
# 
loop_
_pdbx_struct_sheet_hbond.sheet_id 
_pdbx_struct_sheet_hbond.range_id_1 
_pdbx_struct_sheet_hbond.range_id_2 
_pdbx_struct_sheet_hbond.range_1_label_atom_id 
_pdbx_struct_sheet_hbond.range_1_label_comp_id 
_pdbx_struct_sheet_hbond.range_1_label_asym_id 
_pdbx_struct_sheet_hbond.range_1_label_seq_id 
_pdbx_struct_sheet_hbond.range_1_PDB_ins_code 
_pdbx_struct_sheet_hbond.range_1_auth_atom_id 
_pdbx_struct_sheet_hbond.range_1_auth_comp_id 
_pdbx_struct_sheet_hbond.range_1_auth_asym_id 
_pdbx_struct_sheet_hbond.range_1_auth_seq_id 
_pdbx_struct_sheet_hbond.range_2_label_atom_id 
_pdbx_struct_sheet_hbond.range_2_label_comp_id 
_pdbx_struct_sheet_hbond.range_2_label_asym_id 
_pdbx_struct_sheet_hbond.range_2_label_seq_id 
_pdbx_struct_sheet_hbond.range_2_PDB_ins_code 
_pdbx_struct_sheet_hbond.range_2_auth_atom_id 
_pdbx_struct_sheet_hbond.range_2_auth_comp_id 
_pdbx_struct_sheet_hbond.range_2_auth_asym_id 
_pdbx_struct_sheet_hbond.range_2_auth_seq_id 
AA1 1 2 N ARG A 47 ? N ARG A 47 O VAL A 126 ? O VAL A 126 
AA2 1 2 N VAL A 93 ? N VAL A 93 O PHE A 109 ? O PHE A 109 
# 
loop_
_struct_site.id 
_struct_site.pdbx_evidence_code 
_struct_site.pdbx_auth_asym_id 
_struct_site.pdbx_auth_comp_id 
_struct_site.pdbx_auth_seq_id 
_struct_site.pdbx_auth_ins_code 
_struct_site.pdbx_num_residues 
_struct_site.details 
AC1 Software A O4B 200 ? 6 'binding site for residue O4B A 200' 
AC2 Software A O4B 201 ? 4 'binding site for residue O4B A 201' 
AC3 Software A MG  202 ? 3 'binding site for residue MG A 202'  
AC4 Software A MG  203 ? 2 'binding site for residue MG A 203'  
# 
loop_
_struct_site_gen.id 
_struct_site_gen.site_id 
_struct_site_gen.pdbx_num_res 
_struct_site_gen.label_comp_id 
_struct_site_gen.label_asym_id 
_struct_site_gen.label_seq_id 
_struct_site_gen.pdbx_auth_ins_code 
_struct_site_gen.auth_comp_id 
_struct_site_gen.auth_asym_id 
_struct_site_gen.auth_seq_id 
_struct_site_gen.label_atom_id 
_struct_site_gen.label_alt_id 
_struct_site_gen.symmetry 
_struct_site_gen.details 
1  AC1 6 TYR A 17  ? TYR A 17  . ? 1_555 ? 
2  AC1 6 GLN A 19  ? GLN A 19  . ? 1_555 ? 
3  AC1 6 LYS A 23  ? LYS A 23  . ? 1_555 ? 
4  AC1 6 ALA A 59  ? ALA A 59  . ? 6_655 ? 
5  AC1 6 GLN A 77  ? GLN A 77  . ? 6_655 ? 
6  AC1 6 VAL A 81  ? VAL A 81  . ? 6_655 ? 
7  AC2 4 LEU A 50  ? LEU A 50  . ? 1_555 ? 
8  AC2 4 LYS A 54  ? LYS A 54  . ? 1_555 ? 
9  AC2 4 TYR A 85  ? TYR A 85  . ? 7_554 ? 
10 AC2 4 TYR A 94  ? TYR A 94  . ? 7_554 ? 
11 AC3 3 GLN A 19  ? GLN A 19  . ? 1_555 ? 
12 AC3 3 LYS A 23  ? LYS A 23  . ? 1_555 ? 
13 AC3 3 HIS A 73  ? HIS A 73  . ? 1_555 ? 
14 AC4 2 GLU A 64  ? GLU A 64  . ? 1_555 ? 
15 AC4 2 ARG A 106 ? ARG A 106 . ? 7_554 ? 
# 
_atom_sites.entry_id                    7EL4 
_atom_sites.fract_transf_matrix[1][1]   0.00181130 
_atom_sites.fract_transf_matrix[1][2]   0.01451240 
_atom_sites.fract_transf_matrix[1][3]   0.00470111 
_atom_sites.fract_transf_matrix[2][1]   0.01194231 
_atom_sites.fract_transf_matrix[2][2]   0.00159664 
_atom_sites.fract_transf_matrix[2][3]   -0.00953011 
_atom_sites.fract_transf_matrix[3][1]   -0.00650551 
_atom_sites.fract_transf_matrix[3][2]   0.00327500 
_atom_sites.fract_transf_matrix[3][3]   -0.00760346 
_atom_sites.fract_transf_vector[1]      0.316227 
_atom_sites.fract_transf_vector[2]      0.048135 
_atom_sites.fract_transf_vector[3]      -0.000897 
# 
loop_
_atom_type.symbol 
_atom_type.pdbx_scat_Z 
_atom_type.pdbx_N_electrons 
_atom_type.scat_Cromer_Mann_a1 
_atom_type.scat_Cromer_Mann_b1 
_atom_type.scat_Cromer_Mann_a2 
_atom_type.scat_Cromer_Mann_b2 
_atom_type.scat_Cromer_Mann_a3 
_atom_type.scat_Cromer_Mann_b3 
_atom_type.scat_Cromer_Mann_a4 
_atom_type.scat_Cromer_Mann_b4 
_atom_type.scat_Cromer_Mann_c 
C  6  6  2.310  20.844 1.020 10.208 1.589 0.569  0.865 51.651 0.216   
H  1  1  0.493  10.511 0.323 26.126 0.140 3.142  0.041 57.800 0.003   
MG 12 12 5.427  2.828  2.176 79.261 1.228 0.381  2.310 7.194  0.935   
N  7  7  12.222 0.006  3.135 9.893  2.014 28.997 1.167 0.583  -11.538 
O  8  8  3.049  13.277 2.287 5.701  1.546 0.324  0.867 32.909 0.251   
S  16 16 6.905  1.468  5.203 22.215 1.438 0.254  1.586 56.172 1.049   
# 
loop_
_atom_site.group_PDB 
_atom_site.id 
_atom_site.type_symbol 
_atom_site.label_atom_id 
_atom_site.label_alt_id 
_atom_site.label_comp_id 
_atom_site.label_asym_id 
_atom_site.label_entity_id 
_atom_site.label_seq_id 
_atom_site.pdbx_PDB_ins_code 
_atom_site.Cartn_x 
_atom_site.Cartn_y 
_atom_site.Cartn_z 
_atom_site.occupancy 
_atom_site.B_iso_or_equiv 
_atom_site.pdbx_formal_charge 
_atom_site.auth_seq_id 
_atom_site.auth_comp_id 
_atom_site.auth_asym_id 
_atom_site.auth_atom_id 
_atom_site.pdbx_PDB_model_num 
_atom_site.calc_flag 
ATOM   1    N  N    . TYR A 1 17  ? -14.666 8.217   -3.015  1.00 66.32  ? 17  TYR A N    1 ? 
ATOM   2    C  CA   . TYR A 1 17  ? -13.373 8.791   -3.534  1.00 68.10  ? 17  TYR A CA   1 ? 
ATOM   3    C  C    . TYR A 1 17  ? -12.205 8.147   -2.753  1.00 60.41  ? 17  TYR A C    1 ? 
ATOM   4    O  O    . TYR A 1 17  ? -12.410 7.732   -1.597  1.00 52.24  ? 17  TYR A O    1 ? 
ATOM   5    C  CB   . TYR A 1 17  ? -13.430 10.326  -3.505  1.00 69.32  ? 17  TYR A CB   1 ? 
ATOM   6    C  CG   . TYR A 1 17  ? -12.796 10.961  -2.294  1.00 74.29  ? 17  TYR A CG   1 ? 
ATOM   7    C  CD1  . TYR A 1 17  ? -11.743 11.854  -2.421  1.00 78.27  ? 17  TYR A CD1  1 ? 
ATOM   8    C  CD2  . TYR A 1 17  ? -13.227 10.644  -1.016  1.00 80.25  ? 17  TYR A CD2  1 ? 
ATOM   9    C  CE1  . TYR A 1 17  ? -11.148 12.431  -1.312  1.00 77.19  ? 17  TYR A CE1  1 ? 
ATOM   10   C  CE2  . TYR A 1 17  ? -12.638 11.205  0.104   1.00 80.03  ? 17  TYR A CE2  1 ? 
ATOM   11   C  CZ   . TYR A 1 17  ? -11.597 12.103  -0.046  1.00 81.61  ? 17  TYR A CZ   1 ? 
ATOM   12   O  OH   . TYR A 1 17  ? -11.027 12.653  1.063   1.00 91.19  ? 17  TYR A OH   1 ? 
ATOM   13   H  H    . TYR A 1 17  ? -15.185 8.889   -2.683  1.00 66.32  ? 17  TYR A H    1 ? 
ATOM   14   H  HA   . TYR A 1 17  ? -13.299 8.581   -4.499  1.00 68.10  ? 17  TYR A HA   1 ? 
ATOM   15   H  HB2  . TYR A 1 17  ? -12.959 10.668  -4.294  1.00 69.32  ? 17  TYR A HB2  1 ? 
ATOM   16   H  HB3  . TYR A 1 17  ? -14.370 10.602  -3.521  1.00 69.32  ? 17  TYR A HB3  1 ? 
ATOM   17   H  HD1  . TYR A 1 17  ? -11.419 12.067  -3.281  1.00 78.27  ? 17  TYR A HD1  1 ? 
ATOM   18   H  HD2  . TYR A 1 17  ? -13.935 10.032  -0.906  1.00 80.25  ? 17  TYR A HD2  1 ? 
ATOM   19   H  HE1  . TYR A 1 17  ? -10.433 13.036  -1.418  1.00 77.19  ? 17  TYR A HE1  1 ? 
ATOM   20   H  HE2  . TYR A 1 17  ? -12.947 10.979  0.965   1.00 80.03  ? 17  TYR A HE2  1 ? 
ATOM   21   N  N    . PHE A 1 18  ? -11.018 8.049   -3.376  1.00 57.86  ? 18  PHE A N    1 ? 
ATOM   22   C  CA   . PHE A 1 18  ? -9.952  7.053   -3.053  1.00 50.05  ? 18  PHE A CA   1 ? 
ATOM   23   C  C    . PHE A 1 18  ? -9.598  7.009   -1.556  1.00 43.61  ? 18  PHE A C    1 ? 
ATOM   24   O  O    . PHE A 1 18  ? -9.560  5.870   -1.032  1.00 41.44  ? 18  PHE A O    1 ? 
ATOM   25   C  CB   . PHE A 1 18  ? -8.657  7.278   -3.842  1.00 47.95  ? 18  PHE A CB   1 ? 
ATOM   26   C  CG   . PHE A 1 18  ? -7.595  6.283   -3.445  1.00 47.78  ? 18  PHE A CG   1 ? 
ATOM   27   C  CD1  . PHE A 1 18  ? -7.595  4.998   -3.975  1.00 42.29  ? 18  PHE A CD1  1 ? 
ATOM   28   C  CD2  . PHE A 1 18  ? -6.672  6.595   -2.455  1.00 41.82  ? 18  PHE A CD2  1 ? 
ATOM   29   C  CE1  . PHE A 1 18  ? -6.652  4.070   -3.575  1.00 40.97  ? 18  PHE A CE1  1 ? 
ATOM   30   C  CE2  . PHE A 1 18  ? -5.739  5.661   -2.046  1.00 38.74  ? 18  PHE A CE2  1 ? 
ATOM   31   C  CZ   . PHE A 1 18  ? -5.731  4.403   -2.611  1.00 43.39  ? 18  PHE A CZ   1 ? 
ATOM   32   H  H    . PHE A 1 18  ? -10.861 8.716   -4.118  1.00 57.86  ? 18  PHE A H    1 ? 
ATOM   33   H  HA   . PHE A 1 18  ? -10.280 6.149   -3.294  1.00 50.05  ? 18  PHE A HA   1 ? 
ATOM   34   H  HB2  . PHE A 1 18  ? -8.860  7.204   -4.798  1.00 47.95  ? 18  PHE A HB2  1 ? 
ATOM   35   H  HB3  . PHE A 1 18  ? -8.350  8.195   -3.679  1.00 47.95  ? 18  PHE A HB3  1 ? 
ATOM   36   H  HD1  . PHE A 1 18  ? -8.266  4.748   -4.589  1.00 42.29  ? 18  PHE A HD1  1 ? 
ATOM   37   H  HD2  . PHE A 1 18  ? -6.683  7.451   -2.059  1.00 41.82  ? 18  PHE A HD2  1 ? 
ATOM   38   H  HE1  . PHE A 1 18  ? -6.663  3.201   -3.943  1.00 40.97  ? 18  PHE A HE1  1 ? 
ATOM   39   H  HE2  . PHE A 1 18  ? -5.103  5.882   -1.384  1.00 38.74  ? 18  PHE A HE2  1 ? 
ATOM   40   H  HZ   . PHE A 1 18  ? -5.086  3.771   -2.335  1.00 43.39  ? 18  PHE A HZ   1 ? 
ATOM   41   N  N    . GLN A 1 19  ? -9.248  8.135   -0.910  1.00 41.23  ? 19  GLN A N    1 ? 
ATOM   42   C  CA   . GLN A 1 19  ? -8.751  8.085   0.496   1.00 43.86  ? 19  GLN A CA   1 ? 
ATOM   43   C  C    . GLN A 1 19  ? -9.928  7.686   1.403   1.00 43.55  ? 19  GLN A C    1 ? 
ATOM   44   O  O    . GLN A 1 19  ? -9.694  6.898   2.327   1.00 40.27  ? 19  GLN A O    1 ? 
ATOM   45   C  CB   . GLN A 1 19  ? -8.058  9.370   0.977   1.00 41.13  ? 19  GLN A CB   1 ? 
ATOM   46   C  CG   . GLN A 1 19  ? -7.398  9.201   2.347   1.00 39.49  ? 19  GLN A CG   1 ? 
ATOM   47   C  CD   . GLN A 1 19  ? -6.617  10.417  2.795   1.00 39.31  ? 19  GLN A CD   1 ? 
ATOM   48   O  OE1  . GLN A 1 19  ? -6.737  11.495  2.225   1.00 39.95  ? 19  GLN A OE1  1 ? 
ATOM   49   N  NE2  . GLN A 1 19  ? -5.820  10.258  3.842   1.00 33.50  ? 19  GLN A NE2  1 ? 
ATOM   50   H  H    . GLN A 1 19  ? -9.321  9.028   -1.376  1.00 41.23  ? 19  GLN A H    1 ? 
ATOM   51   H  HA   . GLN A 1 19  ? -8.046  7.399   0.554   1.00 43.86  ? 19  GLN A HA   1 ? 
ATOM   52   H  HB2  . GLN A 1 19  ? -7.383  9.626   0.315   1.00 41.13  ? 19  GLN A HB2  1 ? 
ATOM   53   H  HB3  . GLN A 1 19  ? -8.725  10.087  1.018   1.00 41.13  ? 19  GLN A HB3  1 ? 
ATOM   54   H  HG2  . GLN A 1 19  ? -8.090  9.013   3.017   1.00 39.49  ? 19  GLN A HG2  1 ? 
ATOM   55   H  HG3  . GLN A 1 19  ? -6.789  8.433   2.319   1.00 39.49  ? 19  GLN A HG3  1 ? 
ATOM   56   N  N    . GLY A 1 20  ? -11.147 8.159   1.110   1.00 45.67  ? 20  GLY A N    1 ? 
ATOM   57   C  CA   . GLY A 1 20  ? -12.384 7.750   1.803   1.00 43.91  ? 20  GLY A CA   1 ? 
ATOM   58   C  C    . GLY A 1 20  ? -12.542 6.241   1.892   1.00 40.36  ? 20  GLY A C    1 ? 
ATOM   59   O  O    . GLY A 1 20  ? -12.683 5.744   3.019   1.00 48.95  ? 20  GLY A O    1 ? 
ATOM   60   H  H    . GLY A 1 20  ? -11.203 8.837   0.364   1.00 45.67  ? 20  GLY A H    1 ? 
ATOM   61   H  HA2  . GLY A 1 20  ? -12.379 8.125   2.719   1.00 43.91  ? 20  GLY A HA2  1 ? 
ATOM   62   H  HA3  . GLY A 1 20  ? -13.163 8.124   1.321   1.00 43.91  ? 20  GLY A HA3  1 ? 
ATOM   63   N  N    . SER A 1 21  ? -12.523 5.546   0.747   1.00 46.59  ? 21  SER A N    1 ? 
ATOM   64   C  CA   . SER A 1 21  ? -12.594 4.060   0.590   1.00 47.64  ? 21  SER A CA   1 ? 
ATOM   65   C  C    . SER A 1 21  ? -11.334 3.391   1.141   1.00 49.05  ? 21  SER A C    1 ? 
ATOM   66   O  O    . SER A 1 21  ? -11.422 2.268   1.725   1.00 49.36  ? 21  SER A O    1 ? 
ATOM   67   C  CB   . SER A 1 21  ? -12.831 3.641   -0.869  1.00 53.10  ? 21  SER A CB   1 ? 
ATOM   68   O  OG   . SER A 1 21  ? -11.868 4.191   -1.771  1.00 58.78  ? 21  SER A OG   1 ? 
ATOM   69   H  H    . SER A 1 21  ? -12.453 6.126   -0.077  1.00 46.59  ? 21  SER A H    1 ? 
ATOM   70   H  HA   . SER A 1 21  ? -13.369 3.731   1.121   1.00 47.64  ? 21  SER A HA   1 ? 
ATOM   71   H  HB2  . SER A 1 21  ? -12.794 2.660   -0.936  1.00 53.10  ? 21  SER A HB2  1 ? 
ATOM   72   H  HB3  . SER A 1 21  ? -13.725 3.939   -1.151  1.00 53.10  ? 21  SER A HB3  1 ? 
ATOM   73   N  N    . TRP A 1 22  ? -10.172 3.999   0.922   1.00 42.11  ? 22  TRP A N    1 ? 
ATOM   74   C  CA   . TRP A 1 22  ? -8.926  3.415   1.454   1.00 41.29  ? 22  TRP A CA   1 ? 
ATOM   75   C  C    . TRP A 1 22  ? -9.032  3.308   2.978   1.00 42.40  ? 22  TRP A C    1 ? 
ATOM   76   O  O    . TRP A 1 22  ? -8.622  2.276   3.530   1.00 42.21  ? 22  TRP A O    1 ? 
ATOM   77   C  CB   . TRP A 1 22  ? -7.716  4.225   1.008   1.00 41.97  ? 22  TRP A CB   1 ? 
ATOM   78   C  CG   . TRP A 1 22  ? -6.444  3.622   1.501   1.00 41.59  ? 22  TRP A CG   1 ? 
ATOM   79   C  CD1  . TRP A 1 22  ? -5.766  3.973   2.632   1.00 42.68  ? 22  TRP A CD1  1 ? 
ATOM   80   C  CD2  . TRP A 1 22  ? -5.732  2.521   0.913   1.00 41.13  ? 22  TRP A CD2  1 ? 
ATOM   81   N  NE1  . TRP A 1 22  ? -4.643  3.202   2.762   1.00 41.10  ? 22  TRP A NE1  1 ? 
ATOM   82   C  CE2  . TRP A 1 22  ? -4.596  2.298   1.727   1.00 37.84  ? 22  TRP A CE2  1 ? 
ATOM   83   C  CE3  . TRP A 1 22  ? -5.900  1.756   -0.253  1.00 40.21  ? 22  TRP A CE3  1 ? 
ATOM   84   C  CZ2  . TRP A 1 22  ? -3.656  1.318   1.432   1.00 39.56  ? 22  TRP A CZ2  1 ? 
ATOM   85   C  CZ3  . TRP A 1 22  ? -4.958  0.797   -0.554  1.00 38.24  ? 22  TRP A CZ3  1 ? 
ATOM   86   C  CH2  . TRP A 1 22  ? -3.858  0.581   0.284   1.00 42.65  ? 22  TRP A CH2  1 ? 
ATOM   87   H  H    . TRP A 1 22  ? -10.127 4.860   0.395   1.00 42.11  ? 22  TRP A H    1 ? 
ATOM   88   H  HA   . TRP A 1 22  ? -8.824  2.512   1.073   1.00 41.29  ? 22  TRP A HA   1 ? 
ATOM   89   H  HB2  . TRP A 1 22  ? -7.715  4.263   0.030   1.00 41.97  ? 22  TRP A HB2  1 ? 
ATOM   90   H  HB3  . TRP A 1 22  ? -7.813  5.137   1.352   1.00 41.97  ? 22  TRP A HB3  1 ? 
ATOM   91   H  HD1  . TRP A 1 22  ? -6.031  4.648   3.239   1.00 42.68  ? 22  TRP A HD1  1 ? 
ATOM   92   H  HE1  . TRP A 1 22  ? -4.062  3.259   3.416   1.00 41.10  ? 22  TRP A HE1  1 ? 
ATOM   93   H  HE3  . TRP A 1 22  ? -6.651  1.889   -0.809  1.00 40.21  ? 22  TRP A HE3  1 ? 
ATOM   94   H  HZ2  . TRP A 1 22  ? -2.914  1.164   1.991   1.00 39.56  ? 22  TRP A HZ2  1 ? 
ATOM   95   H  HZ3  . TRP A 1 22  ? -5.058  0.276   -1.335  1.00 38.24  ? 22  TRP A HZ3  1 ? 
ATOM   96   H  HH2  . TRP A 1 22  ? -3.229  -0.080  0.056   1.00 42.65  ? 22  TRP A HH2  1 ? 
ATOM   97   N  N    . LYS A 1 23  ? -9.544  4.350   3.627   1.00 43.34  ? 23  LYS A N    1 ? 
ATOM   98   C  CA   . LYS A 1 23  ? -9.650  4.455   5.107   1.00 48.73  ? 23  LYS A CA   1 ? 
ATOM   99   C  C    . LYS A 1 23  ? -10.538 3.352   5.683   1.00 49.07  ? 23  LYS A C    1 ? 
ATOM   100  O  O    . LYS A 1 23  ? -10.377 3.037   6.880   1.00 45.72  ? 23  LYS A O    1 ? 
ATOM   101  C  CB   . LYS A 1 23  ? -10.213 5.827   5.493   1.00 48.80  ? 23  LYS A CB   1 ? 
ATOM   102  C  CG   . LYS A 1 23  ? -9.146  6.900   5.532   1.00 55.41  ? 23  LYS A CG   1 ? 
ATOM   103  C  CD   . LYS A 1 23  ? -9.445  7.996   6.501   1.00 51.99  ? 23  LYS A CD   1 ? 
ATOM   104  C  CE   . LYS A 1 23  ? -10.536 8.907   6.018   1.00 46.57  ? 23  LYS A CE   1 ? 
ATOM   105  N  NZ   . LYS A 1 23  ? -10.542 10.149  6.818   1.00 43.87  ? 23  LYS A NZ   1 ? 
ATOM   106  H  H    . LYS A 1 23  ? -9.878  5.112   3.054   1.00 43.34  ? 23  LYS A H    1 ? 
ATOM   107  H  HA   . LYS A 1 23  ? -8.750  4.349   5.494   1.00 48.73  ? 23  LYS A HA   1 ? 
ATOM   108  H  HB2  . LYS A 1 23  ? -10.911 6.069   4.850   1.00 48.80  ? 23  LYS A HB2  1 ? 
ATOM   109  H  HB3  . LYS A 1 23  ? -10.648 5.751   6.368   1.00 48.80  ? 23  LYS A HB3  1 ? 
ATOM   110  H  HG2  . LYS A 1 23  ? -8.292  6.484   5.779   1.00 55.41  ? 23  LYS A HG2  1 ? 
ATOM   111  H  HG3  . LYS A 1 23  ? -9.058  7.287   4.635   1.00 55.41  ? 23  LYS A HG3  1 ? 
ATOM   112  H  HD2  . LYS A 1 23  ? -9.711  7.601   7.359   1.00 51.99  ? 23  LYS A HD2  1 ? 
ATOM   113  H  HD3  . LYS A 1 23  ? -8.630  8.521   6.653   1.00 51.99  ? 23  LYS A HD3  1 ? 
ATOM   114  H  HE2  . LYS A 1 23  ? -10.393 9.118   5.076   1.00 46.57  ? 23  LYS A HE2  1 ? 
ATOM   115  H  HE3  . LYS A 1 23  ? -11.398 8.456   6.097   1.00 46.57  ? 23  LYS A HE3  1 ? 
ATOM   116  H  HZ1  . LYS A 1 23  ? -10.683 9.950   7.692   1.00 43.87  ? 23  LYS A HZ1  1 ? 
ATOM   117  H  HZ2  . LYS A 1 23  ? -11.200 10.700  6.524   1.00 43.87  ? 23  LYS A HZ2  1 ? 
ATOM   118  H  HZ3  . LYS A 1 23  ? -9.744  10.571  6.735   1.00 43.87  ? 23  LYS A HZ3  1 ? 
ATOM   119  N  N    . LEU A 1 24  ? -11.441 2.802   4.871   1.00 55.25  ? 24  LEU A N    1 ? 
ATOM   120  C  CA   . LEU A 1 24  ? -12.440 1.787   5.306   1.00 62.30  ? 24  LEU A CA   1 ? 
ATOM   121  C  C    . LEU A 1 24  ? -11.812 0.391   5.432   1.00 64.25  ? 24  LEU A C    1 ? 
ATOM   122  O  O    . LEU A 1 24  ? -12.470 -0.492  6.042   1.00 62.28  ? 24  LEU A O    1 ? 
ATOM   123  C  CB   . LEU A 1 24  ? -13.588 1.797   4.295   1.00 63.62  ? 24  LEU A CB   1 ? 
ATOM   124  C  CG   . LEU A 1 24  ? -14.444 3.063   4.325   1.00 66.36  ? 24  LEU A CG   1 ? 
ATOM   125  C  CD1  . LEU A 1 24  ? -15.615 2.950   3.360   1.00 67.98  ? 24  LEU A CD1  1 ? 
ATOM   126  C  CD2  . LEU A 1 24  ? -14.940 3.336   5.735   1.00 61.95  ? 24  LEU A CD2  1 ? 
ATOM   127  H  H    . LEU A 1 24  ? -11.433 3.104   3.907   1.00 55.25  ? 24  LEU A H    1 ? 
ATOM   128  H  HA   . LEU A 1 24  ? -12.779 2.043   6.194   1.00 62.30  ? 24  LEU A HA   1 ? 
ATOM   129  H  HB2  . LEU A 1 24  ? -13.210 1.690   3.399   1.00 63.62  ? 24  LEU A HB2  1 ? 
ATOM   130  H  HB3  . LEU A 1 24  ? -14.158 1.022   4.468   1.00 63.62  ? 24  LEU A HB3  1 ? 
ATOM   131  H  HG   . LEU A 1 24  ? -13.878 3.823   4.043   1.00 66.36  ? 24  LEU A HG   1 ? 
ATOM   132  H  HD11 . LEU A 1 24  ? -15.279 2.821   2.456   1.00 67.98  ? 24  LEU A HD11 1 ? 
ATOM   133  H  HD12 . LEU A 1 24  ? -16.146 3.764   3.396   1.00 67.98  ? 24  LEU A HD12 1 ? 
ATOM   134  H  HD13 . LEU A 1 24  ? -16.170 2.191   3.610   1.00 67.98  ? 24  LEU A HD13 1 ? 
ATOM   135  H  HD21 . LEU A 1 24  ? -15.476 2.584   6.042   1.00 61.95  ? 24  LEU A HD21 1 ? 
ATOM   136  H  HD22 . LEU A 1 24  ? -15.482 4.144   5.738   1.00 61.95  ? 24  LEU A HD22 1 ? 
ATOM   137  H  HD23 . LEU A 1 24  ? -14.180 3.455   6.329   1.00 61.95  ? 24  LEU A HD23 1 ? 
ATOM   138  N  N    . LEU A 1 25  ? -10.599 0.197   4.893   1.00 66.75  ? 25  LEU A N    1 ? 
ATOM   139  C  CA   . LEU A 1 25  ? -9.894  -1.116  4.851   1.00 62.16  ? 25  LEU A CA   1 ? 
ATOM   140  C  C    . LEU A 1 25  ? -9.663  -1.638  6.273   1.00 66.65  ? 25  LEU A C    1 ? 
ATOM   141  O  O    . LEU A 1 25  ? -9.139  -0.904  7.114   1.00 53.97  ? 25  LEU A O    1 ? 
ATOM   142  C  CB   . LEU A 1 25  ? -8.557  -0.980  4.110   1.00 56.10  ? 25  LEU A CB   1 ? 
ATOM   143  C  CG   . LEU A 1 25  ? -8.605  -0.944  2.582   1.00 55.92  ? 25  LEU A CG   1 ? 
ATOM   144  C  CD1  . LEU A 1 25  ? -7.212  -1.137  2.006   1.00 55.03  ? 25  LEU A CD1  1 ? 
ATOM   145  C  CD2  . LEU A 1 25  ? -9.539  -1.995  2.015   1.00 58.99  ? 25  LEU A CD2  1 ? 
ATOM   146  H  H    . LEU A 1 25  ? -10.151 1.010   4.494   1.00 66.75  ? 25  LEU A H    1 ? 
ATOM   147  H  HA   . LEU A 1 25  ? -10.463 -1.761  4.372   1.00 62.16  ? 25  LEU A HA   1 ? 
ATOM   148  H  HB2  . LEU A 1 25  ? -8.120  -0.158  4.411   1.00 56.10  ? 25  LEU A HB2  1 ? 
ATOM   149  H  HB3  . LEU A 1 25  ? -7.984  -1.729  4.369   1.00 56.10  ? 25  LEU A HB3  1 ? 
ATOM   150  H  HG   . LEU A 1 25  ? -8.952  -0.060  2.307   1.00 55.92  ? 25  LEU A HG   1 ? 
ATOM   151  H  HD11 . LEU A 1 25  ? -6.628  -0.427  2.322   1.00 55.03  ? 25  LEU A HD11 1 ? 
ATOM   152  H  HD12 . LEU A 1 25  ? -7.258  -1.113  1.034   1.00 55.03  ? 25  LEU A HD12 1 ? 
ATOM   153  H  HD13 . LEU A 1 25  ? -6.859  -1.998  2.291   1.00 55.03  ? 25  LEU A HD13 1 ? 
ATOM   154  H  HD21 . LEU A 1 25  ? -9.236  -2.879  2.287   1.00 58.99  ? 25  LEU A HD21 1 ? 
ATOM   155  H  HD22 . LEU A 1 25  ? -9.540  -1.938  1.044   1.00 58.99  ? 25  LEU A HD22 1 ? 
ATOM   156  H  HD23 . LEU A 1 25  ? -10.439 -1.844  2.349   1.00 58.99  ? 25  LEU A HD23 1 ? 
ATOM   157  N  N    . PRO A 1 26  ? -10.023 -2.924  6.539   1.00 69.40  ? 26  PRO A N    1 ? 
ATOM   158  C  CA   . PRO A 1 26  ? -9.800  -3.603  7.822   1.00 77.15  ? 26  PRO A CA   1 ? 
ATOM   159  C  C    . PRO A 1 26  ? -8.557  -3.282  8.674   1.00 85.05  ? 26  PRO A C    1 ? 
ATOM   160  O  O    . PRO A 1 26  ? -8.749  -2.594  9.661   1.00 89.43  ? 26  PRO A O    1 ? 
ATOM   161  C  CB   . PRO A 1 26  ? -9.775  -5.070  7.346   1.00 73.95  ? 26  PRO A CB   1 ? 
ATOM   162  C  CG   . PRO A 1 26  ? -10.903 -5.112  6.343   1.00 69.72  ? 26  PRO A CG   1 ? 
ATOM   163  C  CD   . PRO A 1 26  ? -10.744 -3.806  5.598   1.00 70.50  ? 26  PRO A CD   1 ? 
ATOM   164  H  HA   . PRO A 1 26  ? -10.572 -3.436  8.418   1.00 77.15  ? 26  PRO A HA   1 ? 
ATOM   165  H  HB2  . PRO A 1 26  ? -8.912  -5.293  6.940   1.00 73.95  ? 26  PRO A HB2  1 ? 
ATOM   166  H  HB3  . PRO A 1 26  ? -9.924  -5.684  8.095   1.00 73.95  ? 26  PRO A HB3  1 ? 
ATOM   167  H  HG2  . PRO A 1 26  ? -10.814 -5.887  5.750   1.00 69.72  ? 26  PRO A HG2  1 ? 
ATOM   168  H  HG3  . PRO A 1 26  ? -11.770 -5.175  6.795   1.00 69.72  ? 26  PRO A HG3  1 ? 
ATOM   169  H  HD2  . PRO A 1 26  ? -10.233 -3.935  4.771   1.00 70.50  ? 26  PRO A HD2  1 ? 
ATOM   170  H  HD3  . PRO A 1 26  ? -11.618 -3.431  5.359   1.00 70.50  ? 26  PRO A HD3  1 ? 
ATOM   171  N  N    . GLU A 1 27  ? -7.364  -3.812  8.356   1.00 85.27  ? 27  GLU A N    1 ? 
ATOM   172  C  CA   . GLU A 1 27  ? -6.210  -3.815  9.308   1.00 90.98  ? 27  GLU A CA   1 ? 
ATOM   173  C  C    . GLU A 1 27  ? -5.350  -2.567  9.080   1.00 99.46  ? 27  GLU A C    1 ? 
ATOM   174  O  O    . GLU A 1 27  ? -4.898  -1.991  10.096  1.00 96.72  ? 27  GLU A O    1 ? 
ATOM   175  C  CB   . GLU A 1 27  ? -5.352  -5.082  9.185   1.00 93.20  ? 27  GLU A CB   1 ? 
ATOM   176  C  CG   . GLU A 1 27  ? -5.497  -6.048  10.349  1.00 86.73  ? 27  GLU A CG   1 ? 
ATOM   177  C  CD   . GLU A 1 27  ? -6.173  -7.369  10.024  1.00 89.69  ? 27  GLU A CD   1 ? 
ATOM   178  O  OE1  . GLU A 1 27  ? -6.990  -7.413  9.070   1.00 85.68  ? 27  GLU A OE1  1 ? 
ATOM   179  O  OE2  . GLU A 1 27  ? -5.875  -8.360  10.727  1.00 83.25  ? 27  GLU A OE2  1 ? 
ATOM   180  H  H    . GLU A 1 27  ? -7.248  -4.220  7.439   1.00 85.27  ? 27  GLU A H    1 ? 
ATOM   181  H  HA   . GLU A 1 27  ? -6.563  -3.791  10.227  1.00 90.98  ? 27  GLU A HA   1 ? 
ATOM   182  H  HB2  . GLU A 1 27  ? -5.601  -5.549  8.360   1.00 93.20  ? 27  GLU A HB2  1 ? 
ATOM   183  H  HB3  . GLU A 1 27  ? -4.410  -4.815  9.117   1.00 93.20  ? 27  GLU A HB3  1 ? 
ATOM   184  H  HG2  . GLU A 1 27  ? -4.608  -6.246  10.711  1.00 86.73  ? 27  GLU A HG2  1 ? 
ATOM   185  H  HG3  . GLU A 1 27  ? -6.013  -5.613  11.060  1.00 86.73  ? 27  GLU A HG3  1 ? 
ATOM   186  N  N    . GLN A 1 45  ? 5.912   -1.103  16.368  1.00 63.04  ? 45  GLN A N    1 ? 
ATOM   187  C  CA   . GLN A 1 45  ? 5.197   -2.410  16.421  1.00 61.79  ? 45  GLN A CA   1 ? 
ATOM   188  C  C    . GLN A 1 45  ? 5.735   -3.338  15.321  1.00 60.28  ? 45  GLN A C    1 ? 
ATOM   189  O  O    . GLN A 1 45  ? 5.985   -4.512  15.661  1.00 60.48  ? 45  GLN A O    1 ? 
ATOM   190  C  CB   . GLN A 1 45  ? 3.681   -2.226  16.307  1.00 67.32  ? 45  GLN A CB   1 ? 
ATOM   191  C  CG   . GLN A 1 45  ? 2.861   -3.145  17.208  1.00 71.50  ? 45  GLN A CG   1 ? 
ATOM   192  C  CD   . GLN A 1 45  ? 1.411   -2.717  17.261  1.00 78.54  ? 45  GLN A CD   1 ? 
ATOM   193  O  OE1  . GLN A 1 45  ? 0.701   -2.960  18.236  1.00 75.95  ? 45  GLN A OE1  1 ? 
ATOM   194  N  NE2  . GLN A 1 45  ? 0.961   -2.049  16.207  1.00 75.31  ? 45  GLN A NE2  1 ? 
ATOM   195  H  H    . GLN A 1 45  ? 5.318   -0.428  16.218  1.00 63.04  ? 45  GLN A H    1 ? 
ATOM   196  H  HA   . GLN A 1 45  ? 5.352   -2.816  17.305  1.00 61.79  ? 45  GLN A HA   1 ? 
ATOM   197  H  HB2  . GLN A 1 45  ? 3.460   -1.304  16.550  1.00 67.32  ? 45  GLN A HB2  1 ? 
ATOM   198  H  HB3  . GLN A 1 45  ? 3.413   -2.409  15.382  1.00 67.32  ? 45  GLN A HB3  1 ? 
ATOM   199  H  HG2  . GLN A 1 45  ? 2.918   -4.064  16.870  1.00 71.50  ? 45  GLN A HG2  1 ? 
ATOM   200  H  HG3  . GLN A 1 45  ? 3.239   -3.132  18.113  1.00 71.50  ? 45  GLN A HG3  1 ? 
ATOM   201  N  N    . VAL A 1 46  ? 5.909   -2.866  14.070  1.00 50.18  ? 46  VAL A N    1 ? 
ATOM   202  C  CA   . VAL A 1 46  ? 6.444   -3.714  12.956  1.00 47.75  ? 46  VAL A CA   1 ? 
ATOM   203  C  C    . VAL A 1 46  ? 7.515   -2.962  12.181  1.00 44.96  ? 46  VAL A C    1 ? 
ATOM   204  O  O    . VAL A 1 46  ? 7.382   -1.768  12.019  1.00 43.64  ? 46  VAL A O    1 ? 
ATOM   205  C  CB   . VAL A 1 46  ? 5.374   -4.197  11.964  1.00 48.05  ? 46  VAL A CB   1 ? 
ATOM   206  C  CG1  . VAL A 1 46  ? 4.476   -5.263  12.565  1.00 52.34  ? 46  VAL A CG1  1 ? 
ATOM   207  C  CG2  . VAL A 1 46  ? 4.560   -3.036  11.406  1.00 48.28  ? 46  VAL A CG2  1 ? 
ATOM   208  H  H    . VAL A 1 46  ? 5.669   -1.903  13.883  1.00 50.18  ? 46  VAL A H    1 ? 
ATOM   209  H  HA   . VAL A 1 46  ? 6.859   -4.506  13.344  1.00 47.75  ? 46  VAL A HA   1 ? 
ATOM   210  H  HB   . VAL A 1 46  ? 5.847   -4.623  11.207  1.00 48.05  ? 46  VAL A HB   1 ? 
ATOM   211  H  HG11 . VAL A 1 46  ? 5.014   -6.031  12.829  1.00 52.34  ? 46  VAL A HG11 1 ? 
ATOM   212  H  HG12 . VAL A 1 46  ? 3.816   -5.540  11.907  1.00 52.34  ? 46  VAL A HG12 1 ? 
ATOM   213  H  HG13 . VAL A 1 46  ? 4.023   -4.903  13.347  1.00 52.34  ? 46  VAL A HG13 1 ? 
ATOM   214  H  HG21 . VAL A 1 46  ? 4.115   -2.571  12.136  1.00 48.28  ? 46  VAL A HG21 1 ? 
ATOM   215  H  HG22 . VAL A 1 46  ? 3.895   -3.376  10.783  1.00 48.28  ? 46  VAL A HG22 1 ? 
ATOM   216  H  HG23 . VAL A 1 46  ? 5.152   -2.418  10.942  1.00 48.28  ? 46  VAL A HG23 1 ? 
ATOM   217  N  N    . ARG A 1 47  ? 8.482   -3.712  11.651  1.00 48.11  ? 47  ARG A N    1 ? 
ATOM   218  C  CA   . ARG A 1 47  ? 9.606   -3.226  10.826  1.00 48.89  ? 47  ARG A CA   1 ? 
ATOM   219  C  C    . ARG A 1 47  ? 9.360   -3.729  9.412   1.00 47.68  ? 47  ARG A C    1 ? 
ATOM   220  O  O    . ARG A 1 47  ? 9.396   -4.934  9.170   1.00 42.11  ? 47  ARG A O    1 ? 
ATOM   221  C  CB   . ARG A 1 47  ? 10.914  -3.735  11.424  1.00 51.52  ? 47  ARG A CB   1 ? 
ATOM   222  C  CG   . ARG A 1 47  ? 12.152  -3.487  10.577  1.00 57.42  ? 47  ARG A CG   1 ? 
ATOM   223  C  CD   . ARG A 1 47  ? 13.362  -4.187  11.176  1.00 60.49  ? 47  ARG A CD   1 ? 
ATOM   224  N  NE   . ARG A 1 47  ? 14.214  -3.158  11.746  1.00 78.79  ? 47  ARG A NE   1 ? 
ATOM   225  C  CZ   . ARG A 1 47  ? 14.305  -2.815  13.034  1.00 75.94  ? 47  ARG A CZ   1 ? 
ATOM   226  N  NH1  . ARG A 1 47  ? 13.627  -3.460  13.973  1.00 79.90  ? 47  ARG A NH1  1 ? 
ATOM   227  N  NH2  . ARG A 1 47  ? 15.098  -1.812  13.374  1.00 65.12  ? 47  ARG A NH2  1 ? 
ATOM   228  H  H    . ARG A 1 47  ? 8.408   -4.699  11.852  1.00 48.11  ? 47  ARG A H    1 ? 
ATOM   229  H  HA   . ARG A 1 47  ? 9.601   -2.241  10.839  1.00 48.89  ? 47  ARG A HA   1 ? 
ATOM   230  H  HB2  . ARG A 1 47  ? 11.047  -3.306  12.294  1.00 51.52  ? 47  ARG A HB2  1 ? 
ATOM   231  H  HB3  . ARG A 1 47  ? 10.833  -4.700  11.573  1.00 51.52  ? 47  ARG A HB3  1 ? 
ATOM   232  H  HG2  . ARG A 1 47  ? 11.993  -3.818  9.667   1.00 57.42  ? 47  ARG A HG2  1 ? 
ATOM   233  H  HG3  . ARG A 1 47  ? 12.319  -2.522  10.523  1.00 57.42  ? 47  ARG A HG3  1 ? 
ATOM   234  H  HD2  . ARG A 1 47  ? 13.061  -4.828  11.853  1.00 60.49  ? 47  ARG A HD2  1 ? 
ATOM   235  H  HD3  . ARG A 1 47  ? 13.823  -4.693  10.472  1.00 60.49  ? 47  ARG A HD3  1 ? 
ATOM   236  H  HE   . ARG A 1 47  ? 14.727  -2.707  11.204  1.00 78.79  ? 47  ARG A HE   1 ? 
ATOM   237  H  HH11 . ARG A 1 47  ? 13.103  -4.131  13.752  1.00 79.90  ? 47  ARG A HH11 1 ? 
ATOM   238  H  HH12 . ARG A 1 47  ? 13.703  -3.216  14.814  1.00 79.90  ? 47  ARG A HH12 1 ? 
ATOM   239  H  HH21 . ARG A 1 47  ? 15.553  -1.384  12.753  1.00 65.12  ? 47  ARG A HH21 1 ? 
ATOM   240  H  HH22 . ARG A 1 47  ? 15.167  -1.575  14.220  1.00 65.12  ? 47  ARG A HH22 1 ? 
ATOM   241  N  N    . PRO A 1 48  ? 9.031   -2.836  8.454   1.00 43.71  ? 48  PRO A N    1 ? 
ATOM   242  C  CA   . PRO A 1 48  ? 8.829   -3.272  7.081   1.00 45.07  ? 48  PRO A CA   1 ? 
ATOM   243  C  C    . PRO A 1 48  ? 10.154  -3.831  6.539   1.00 45.54  ? 48  PRO A C    1 ? 
ATOM   244  O  O    . PRO A 1 48  ? 11.207  -3.293  6.883   1.00 42.23  ? 48  PRO A O    1 ? 
ATOM   245  C  CB   . PRO A 1 48  ? 8.352   -2.006  6.341   1.00 40.62  ? 48  PRO A CB   1 ? 
ATOM   246  C  CG   . PRO A 1 48  ? 7.901   -1.065  7.422   1.00 43.09  ? 48  PRO A CG   1 ? 
ATOM   247  C  CD   . PRO A 1 48  ? 8.787   -1.392  8.613   1.00 43.01  ? 48  PRO A CD   1 ? 
ATOM   248  H  HA   . PRO A 1 48  ? 8.113   -3.955  7.057   1.00 45.07  ? 48  PRO A HA   1 ? 
ATOM   249  H  HB2  . PRO A 1 48  ? 9.079   -1.611  5.816   1.00 40.62  ? 48  PRO A HB2  1 ? 
ATOM   250  H  HB3  . PRO A 1 48  ? 7.616   -2.213  5.729   1.00 40.62  ? 48  PRO A HB3  1 ? 
ATOM   251  H  HG2  . PRO A 1 48  ? 8.013   -0.133  7.142   1.00 43.09  ? 48  PRO A HG2  1 ? 
ATOM   252  H  HG3  . PRO A 1 48  ? 6.955   -1.207  7.636   1.00 43.09  ? 48  PRO A HG3  1 ? 
ATOM   253  H  HD2  . PRO A 1 48  ? 9.618   -0.873  8.583   1.00 43.01  ? 48  PRO A HD2  1 ? 
ATOM   254  H  HD3  . PRO A 1 48  ? 8.331   -1.185  9.455   1.00 43.01  ? 48  PRO A HD3  1 ? 
ATOM   255  N  N    . LYS A 1 49  ? 10.068  -4.900  5.735   1.00 42.59  ? 49  LYS A N    1 ? 
ATOM   256  C  CA   . LYS A 1 49  ? 11.176  -5.322  4.846   1.00 44.78  ? 49  LYS A CA   1 ? 
ATOM   257  C  C    . LYS A 1 49  ? 11.466  -4.177  3.876   1.00 45.13  ? 49  LYS A C    1 ? 
ATOM   258  O  O    . LYS A 1 49  ? 10.556  -3.342  3.638   1.00 38.87  ? 49  LYS A O    1 ? 
ATOM   259  C  CB   . LYS A 1 49  ? 10.844  -6.590  4.058   1.00 47.66  ? 49  LYS A CB   1 ? 
ATOM   260  C  CG   . LYS A 1 49  ? 10.745  -7.865  4.885   1.00 54.43  ? 49  LYS A CG   1 ? 
ATOM   261  C  CD   . LYS A 1 49  ? 10.974  -9.114  4.033   1.00 53.55  ? 49  LYS A CD   1 ? 
ATOM   262  C  CE   . LYS A 1 49  ? 11.089  -10.381 4.848   1.00 61.18  ? 49  LYS A CE   1 ? 
ATOM   263  N  NZ   . LYS A 1 49  ? 9.759   -10.830 5.313   1.00 63.05  ? 49  LYS A NZ   1 ? 
ATOM   264  H  H    . LYS A 1 49  ? 9.210   -5.434  5.740   1.00 42.59  ? 49  LYS A H    1 ? 
ATOM   265  H  HA   . LYS A 1 49  ? 11.973  -5.492  5.399   1.00 44.78  ? 49  LYS A HA   1 ? 
ATOM   266  H  HB2  . LYS A 1 49  ? 9.993   -6.453  3.591   1.00 47.66  ? 49  LYS A HB2  1 ? 
ATOM   267  H  HB3  . LYS A 1 49  ? 11.528  -6.716  3.368   1.00 47.66  ? 49  LYS A HB3  1 ? 
ATOM   268  H  HG2  . LYS A 1 49  ? 11.416  -7.827  5.600   1.00 54.43  ? 49  LYS A HG2  1 ? 
ATOM   269  H  HG3  . LYS A 1 49  ? 9.855   -7.904  5.293   1.00 54.43  ? 49  LYS A HG3  1 ? 
ATOM   270  H  HD2  . LYS A 1 49  ? 10.230  -9.212  3.402   1.00 53.55  ? 49  LYS A HD2  1 ? 
ATOM   271  H  HD3  . LYS A 1 49  ? 11.796  -9.000  3.511   1.00 53.55  ? 49  LYS A HD3  1 ? 
ATOM   272  H  HE2  . LYS A 1 49  ? 11.497  -11.082 4.306   1.00 61.18  ? 49  LYS A HE2  1 ? 
ATOM   273  H  HE3  . LYS A 1 49  ? 11.666  -10.223 5.619   1.00 61.18  ? 49  LYS A HE3  1 ? 
ATOM   274  H  HZ1  . LYS A 1 49  ? 9.380   -10.185 5.826   1.00 63.05  ? 49  LYS A HZ1  1 ? 
ATOM   275  H  HZ2  . LYS A 1 49  ? 9.844   -11.591 5.798   1.00 63.05  ? 49  LYS A HZ2  1 ? 
ATOM   276  H  HZ3  . LYS A 1 49  ? 9.223   -10.992 4.600   1.00 63.05  ? 49  LYS A HZ3  1 ? 
ATOM   277  N  N    . LEU A 1 50  ? 12.678  -4.186  3.316   1.00 41.00  ? 50  LEU A N    1 ? 
ATOM   278  C  CA   . LEU A 1 50  ? 13.293  -3.037  2.602   1.00 45.17  ? 50  LEU A CA   1 ? 
ATOM   279  C  C    . LEU A 1 50  ? 12.478  -2.621  1.371   1.00 38.67  ? 50  LEU A C    1 ? 
ATOM   280  O  O    . LEU A 1 50  ? 12.249  -1.429  1.166   1.00 41.60  ? 50  LEU A O    1 ? 
ATOM   281  C  CB   . LEU A 1 50  ? 14.725  -3.449  2.252   1.00 49.61  ? 50  LEU A CB   1 ? 
ATOM   282  C  CG   . LEU A 1 50  ? 15.728  -2.339  1.980   1.00 51.25  ? 50  LEU A CG   1 ? 
ATOM   283  C  CD1  . LEU A 1 50  ? 15.669  -1.258  3.027   1.00 50.69  ? 50  LEU A CD1  1 ? 
ATOM   284  C  CD2  . LEU A 1 50  ? 17.134  -2.915  1.902   1.00 55.35  ? 50  LEU A CD2  1 ? 
ATOM   285  H  H    . LEU A 1 50  ? 13.196  -5.050  3.397   1.00 41.00  ? 50  LEU A H    1 ? 
ATOM   286  H  HA   . LEU A 1 50  ? 13.317  -2.265  3.215   1.00 45.17  ? 50  LEU A HA   1 ? 
ATOM   287  H  HB2  . LEU A 1 50  ? 15.079  -3.988  2.987   1.00 49.61  ? 50  LEU A HB2  1 ? 
ATOM   288  H  HB3  . LEU A 1 50  ? 14.695  -4.018  1.456   1.00 49.61  ? 50  LEU A HB3  1 ? 
ATOM   289  H  HG   . LEU A 1 50  ? 15.507  -1.934  1.105   1.00 51.25  ? 50  LEU A HG   1 ? 
ATOM   290  H  HD11 . LEU A 1 50  ? 14.779  -0.867  3.041   1.00 50.69  ? 50  LEU A HD11 1 ? 
ATOM   291  H  HD12 . LEU A 1 50  ? 16.324  -0.568  2.820   1.00 50.69  ? 50  LEU A HD12 1 ? 
ATOM   292  H  HD13 . LEU A 1 50  ? 15.869  -1.640  3.899   1.00 50.69  ? 50  LEU A HD13 1 ? 
ATOM   293  H  HD21 . LEU A 1 50  ? 17.354  -3.347  2.746   1.00 55.35  ? 50  LEU A HD21 1 ? 
ATOM   294  H  HD22 . LEU A 1 50  ? 17.769  -2.198  1.727   1.00 55.35  ? 50  LEU A HD22 1 ? 
ATOM   295  H  HD23 . LEU A 1 50  ? 17.177  -3.569  1.183   1.00 55.35  ? 50  LEU A HD23 1 ? 
ATOM   296  N  N    . PRO A 1 51  ? 11.992  -3.537  0.496   1.00 40.84  ? 51  PRO A N    1 ? 
ATOM   297  C  CA   . PRO A 1 51  ? 11.186  -3.107  -0.646  1.00 37.76  ? 51  PRO A CA   1 ? 
ATOM   298  C  C    . PRO A 1 51  ? 9.960   -2.299  -0.206  1.00 36.11  ? 51  PRO A C    1 ? 
ATOM   299  O  O    . PRO A 1 51  ? 9.661   -1.274  -0.816  1.00 35.97  ? 51  PRO A O    1 ? 
ATOM   300  C  CB   . PRO A 1 51  ? 10.775  -4.430  -1.319  1.00 39.90  ? 51  PRO A CB   1 ? 
ATOM   301  C  CG   . PRO A 1 51  ? 11.797  -5.447  -0.855  1.00 40.41  ? 51  PRO A CG   1 ? 
ATOM   302  C  CD   . PRO A 1 51  ? 12.161  -5.007  0.542   1.00 39.09  ? 51  PRO A CD   1 ? 
ATOM   303  H  HA   . PRO A 1 51  ? 11.745  -2.563  -1.255  1.00 37.76  ? 51  PRO A HA   1 ? 
ATOM   304  H  HB2  . PRO A 1 51  ? 9.871   -4.696  -1.049  1.00 39.90  ? 51  PRO A HB2  1 ? 
ATOM   305  H  HB3  . PRO A 1 51  ? 10.785  -4.345  -2.295  1.00 39.90  ? 51  PRO A HB3  1 ? 
ATOM   306  H  HG2  . PRO A 1 51  ? 11.417  -6.349  -0.856  1.00 40.41  ? 51  PRO A HG2  1 ? 
ATOM   307  H  HG3  . PRO A 1 51  ? 12.581  -5.447  -1.443  1.00 40.41  ? 51  PRO A HG3  1 ? 
ATOM   308  H  HD2  . PRO A 1 51  ? 11.569  -5.420  1.204   1.00 39.09  ? 51  PRO A HD2  1 ? 
ATOM   309  H  HD3  . PRO A 1 51  ? 13.083  -5.261  0.759   1.00 39.09  ? 51  PRO A HD3  1 ? 
ATOM   310  N  N    . LEU A 1 52  ? 9.282   -2.741  0.866   1.00 38.00  ? 52  LEU A N    1 ? 
ATOM   311  C  CA   . LEU A 1 52  ? 8.096   -2.019  1.400   1.00 36.44  ? 52  LEU A CA   1 ? 
ATOM   312  C  C    . LEU A 1 52  ? 8.552   -0.710  2.051   1.00 37.14  ? 52  LEU A C    1 ? 
ATOM   313  O  O    . LEU A 1 52  ? 7.911   0.351   1.797   1.00 31.46  ? 52  LEU A O    1 ? 
ATOM   314  C  CB   . LEU A 1 52  ? 7.359   -2.909  2.395   1.00 35.12  ? 52  LEU A CB   1 ? 
ATOM   315  C  CG   . LEU A 1 52  ? 6.169   -2.236  3.059   1.00 38.27  ? 52  LEU A CG   1 ? 
ATOM   316  C  CD1  . LEU A 1 52  ? 5.195   -1.682  2.018   1.00 35.50  ? 52  LEU A CD1  1 ? 
ATOM   317  C  CD2  . LEU A 1 52  ? 5.487   -3.205  3.986   1.00 41.83  ? 52  LEU A CD2  1 ? 
ATOM   318  H  H    . LEU A 1 52  ? 9.588   -3.589  1.322   1.00 38.00  ? 52  LEU A H    1 ? 
ATOM   319  H  HA   . LEU A 1 52  ? 7.495   -1.807  0.648   1.00 36.44  ? 52  LEU A HA   1 ? 
ATOM   320  H  HB2  . LEU A 1 52  ? 7.055   -3.711  1.924   1.00 35.12  ? 52  LEU A HB2  1 ? 
ATOM   321  H  HB3  . LEU A 1 52  ? 7.994   -3.194  3.081   1.00 35.12  ? 52  LEU A HB3  1 ? 
ATOM   322  H  HG   . LEU A 1 52  ? 6.506   -1.474  3.591   1.00 38.27  ? 52  LEU A HG   1 ? 
ATOM   323  H  HD11 . LEU A 1 52  ? 5.652   -1.028  1.462   1.00 35.50  ? 52  LEU A HD11 1 ? 
ATOM   324  H  HD12 . LEU A 1 52  ? 4.445   -1.258  2.469   1.00 35.50  ? 52  LEU A HD12 1 ? 
ATOM   325  H  HD13 . LEU A 1 52  ? 4.869   -2.409  1.460   1.00 35.50  ? 52  LEU A HD13 1 ? 
ATOM   326  H  HD21 . LEU A 1 52  ? 5.180   -3.977  3.480   1.00 41.83  ? 52  LEU A HD21 1 ? 
ATOM   327  H  HD22 . LEU A 1 52  ? 4.727   -2.770  4.409   1.00 41.83  ? 52  LEU A HD22 1 ? 
ATOM   328  H  HD23 . LEU A 1 52  ? 6.115   -3.496  4.669   1.00 41.83  ? 52  LEU A HD23 1 ? 
ATOM   329  N  N    . LEU A 1 53  ? 9.625   -0.764  2.859   1.00 38.31  ? 53  LEU A N    1 ? 
ATOM   330  C  CA   . LEU A 1 53  ? 10.178  0.442   3.550   1.00 36.66  ? 53  LEU A CA   1 ? 
ATOM   331  C  C    . LEU A 1 53  ? 10.420  1.562   2.535   1.00 35.97  ? 53  LEU A C    1 ? 
ATOM   332  O  O    . LEU A 1 53  ? 10.046  2.736   2.835   1.00 33.04  ? 53  LEU A O    1 ? 
ATOM   333  C  CB   . LEU A 1 53  ? 11.493  0.114   4.263   1.00 34.41  ? 53  LEU A CB   1 ? 
ATOM   334  C  CG   . LEU A 1 53  ? 12.026  1.179   5.216   1.00 35.15  ? 53  LEU A CG   1 ? 
ATOM   335  C  CD1  . LEU A 1 53  ? 10.974  1.690   6.191   1.00 36.79  ? 53  LEU A CD1  1 ? 
ATOM   336  C  CD2  . LEU A 1 53  ? 13.202  0.624   5.994   1.00 36.55  ? 53  LEU A CD2  1 ? 
ATOM   337  H  H    . LEU A 1 53  ? 10.070  -1.660  2.999   1.00 38.31  ? 53  LEU A H    1 ? 
ATOM   338  H  HA   . LEU A 1 53  ? 9.515   0.755   4.209   1.00 36.66  ? 53  LEU A HA   1 ? 
ATOM   339  H  HB2  . LEU A 1 53  ? 11.369  -0.714  4.769   1.00 34.41  ? 53  LEU A HB2  1 ? 
ATOM   340  H  HB3  . LEU A 1 53  ? 12.176  -0.057  3.584   1.00 34.41  ? 53  LEU A HB3  1 ? 
ATOM   341  H  HG   . LEU A 1 53  ? 12.338  1.945   4.675   1.00 35.15  ? 53  LEU A HG   1 ? 
ATOM   342  H  HD11 . LEU A 1 53  ? 10.234  2.081   5.696   1.00 36.79  ? 53  LEU A HD11 1 ? 
ATOM   343  H  HD12 . LEU A 1 53  ? 11.369  2.363   6.772   1.00 36.79  ? 53  LEU A HD12 1 ? 
ATOM   344  H  HD13 . LEU A 1 53  ? 10.646  0.950   6.731   1.00 36.79  ? 53  LEU A HD13 1 ? 
ATOM   345  H  HD21 . LEU A 1 53  ? 12.917  -0.152  6.505   1.00 36.55  ? 53  LEU A HD21 1 ? 
ATOM   346  H  HD22 . LEU A 1 53  ? 13.541  1.306   6.600   1.00 36.55  ? 53  LEU A HD22 1 ? 
ATOM   347  H  HD23 . LEU A 1 53  ? 13.907  0.363   5.376   1.00 36.55  ? 53  LEU A HD23 1 ? 
ATOM   348  N  N    . LYS A 1 54  ? 11.010  1.236   1.384   1.00 38.09  ? 54  LYS A N    1 ? 
ATOM   349  C  CA   . LYS A 1 54  ? 11.341  2.247   0.332   1.00 36.05  ? 54  LYS A CA   1 ? 
ATOM   350  C  C    . LYS A 1 54  ? 10.059  2.884   -0.213  1.00 34.84  ? 54  LYS A C    1 ? 
ATOM   351  O  O    . LYS A 1 54  ? 10.026  4.096   -0.361  1.00 36.64  ? 54  LYS A O    1 ? 
ATOM   352  C  CB   . LYS A 1 54  ? 12.155  1.602   -0.783  1.00 37.31  ? 54  LYS A CB   1 ? 
ATOM   353  C  CG   . LYS A 1 54  ? 13.616  1.362   -0.412  1.00 40.04  ? 54  LYS A CG   1 ? 
ATOM   354  C  CD   . LYS A 1 54  ? 14.311  0.520   -1.411  1.00 41.13  ? 54  LYS A CD   1 ? 
ATOM   355  C  CE   . LYS A 1 54  ? 15.799  0.415   -1.216  1.00 39.74  ? 54  LYS A CE   1 ? 
ATOM   356  N  NZ   . LYS A 1 54  ? 16.384  -0.392  -2.311  1.00 39.94  ? 54  LYS A NZ   1 ? 
ATOM   357  H  H    . LYS A 1 54  ? 11.239  0.265   1.224   1.00 38.09  ? 54  LYS A H    1 ? 
ATOM   358  H  HA   . LYS A 1 54  ? 11.889  2.955   0.741   1.00 36.05  ? 54  LYS A HA   1 ? 
ATOM   359  H  HB2  . LYS A 1 54  ? 11.734  0.750   -1.025  1.00 37.31  ? 54  LYS A HB2  1 ? 
ATOM   360  H  HB3  . LYS A 1 54  ? 12.109  2.177   -1.575  1.00 37.31  ? 54  LYS A HB3  1 ? 
ATOM   361  H  HG2  . LYS A 1 54  ? 14.068  2.230   -0.343  1.00 40.04  ? 54  LYS A HG2  1 ? 
ATOM   362  H  HG3  . LYS A 1 54  ? 13.647  0.923   0.465   1.00 40.04  ? 54  LYS A HG3  1 ? 
ATOM   363  H  HD2  . LYS A 1 54  ? 13.935  -0.386  -1.384  1.00 41.13  ? 54  LYS A HD2  1 ? 
ATOM   364  H  HD3  . LYS A 1 54  ? 14.145  0.885   -2.307  1.00 41.13  ? 54  LYS A HD3  1 ? 
ATOM   365  H  HE2  . LYS A 1 54  ? 16.192  1.309   -1.211  1.00 39.74  ? 54  LYS A HE2  1 ? 
ATOM   366  H  HE3  . LYS A 1 54  ? 15.987  -0.001  -0.354  1.00 39.74  ? 54  LYS A HE3  1 ? 
ATOM   367  H  HZ1  . LYS A 1 54  ? 16.019  -1.223  -2.309  1.00 39.94  ? 54  LYS A HZ1  1 ? 
ATOM   368  H  HZ2  . LYS A 1 54  ? 17.281  -0.456  -2.200  1.00 39.94  ? 54  LYS A HZ2  1 ? 
ATOM   369  H  HZ3  . LYS A 1 54  ? 16.212  0.003   -3.109  1.00 39.94  ? 54  LYS A HZ3  1 ? 
ATOM   370  N  N    . ILE A 1 55  ? 9.024   2.089   -0.452  1.00 39.93  ? 55  ILE A N    1 ? 
ATOM   371  C  CA   . ILE A 1 55  ? 7.678   2.600   -0.846  1.00 38.98  ? 55  ILE A CA   1 ? 
ATOM   372  C  C    . ILE A 1 55  ? 7.169   3.545   0.252   1.00 33.32  ? 55  ILE A C    1 ? 
ATOM   373  O  O    . ILE A 1 55  ? 6.803   4.665   -0.076  1.00 33.96  ? 55  ILE A O    1 ? 
ATOM   374  C  CB   . ILE A 1 55  ? 6.751   1.416   -1.170  1.00 40.87  ? 55  ILE A CB   1 ? 
ATOM   375  C  CG1  . ILE A 1 55  ? 7.180   0.779   -2.495  1.00 42.62  ? 55  ILE A CG1  1 ? 
ATOM   376  C  CG2  . ILE A 1 55  ? 5.275   1.823   -1.193  1.00 43.72  ? 55  ILE A CG2  1 ? 
ATOM   377  C  CD1  . ILE A 1 55  ? 6.596   -0.570  -2.732  1.00 44.34  ? 55  ILE A CD1  1 ? 
ATOM   378  H  H    . ILE A 1 55  ? 9.164   1.093   -0.359  1.00 39.93  ? 55  ILE A H    1 ? 
ATOM   379  H  HA   . ILE A 1 55  ? 7.771   3.107   -1.673  1.00 38.98  ? 55  ILE A HA   1 ? 
ATOM   380  H  HB   . ILE A 1 55  ? 6.856   0.752   -0.445  1.00 40.87  ? 55  ILE A HB   1 ? 
ATOM   381  H  HG12 . ILE A 1 55  ? 6.913   1.371   -3.230  1.00 42.62  ? 55  ILE A HG12 1 ? 
ATOM   382  H  HG13 . ILE A 1 55  ? 8.158   0.707   -2.507  1.00 42.62  ? 55  ILE A HG13 1 ? 
ATOM   383  H  HG21 . ILE A 1 55  ? 5.018   2.172   -0.322  1.00 43.72  ? 55  ILE A HG21 1 ? 
ATOM   384  H  HG22 . ILE A 1 55  ? 4.725   1.047   -1.399  1.00 43.72  ? 55  ILE A HG22 1 ? 
ATOM   385  H  HG23 . ILE A 1 55  ? 5.135   2.508   -1.870  1.00 43.72  ? 55  ILE A HG23 1 ? 
ATOM   386  H  HD11 . ILE A 1 55  ? 6.872   -1.174  -2.021  1.00 44.34  ? 55  ILE A HD11 1 ? 
ATOM   387  H  HD12 . ILE A 1 55  ? 6.908   -0.915  -3.587  1.00 44.34  ? 55  ILE A HD12 1 ? 
ATOM   388  H  HD13 . ILE A 1 55  ? 5.625   -0.508  -2.744  1.00 44.34  ? 55  ILE A HD13 1 ? 
ATOM   389  N  N    . LEU A 1 56  ? 7.240   3.160   1.530   1.00 34.04  ? 56  LEU A N    1 ? 
ATOM   390  C  CA   . LEU A 1 56  ? 6.701   4.003   2.637   1.00 32.04  ? 56  LEU A CA   1 ? 
ATOM   391  C  C    . LEU A 1 56  ? 7.477   5.320   2.697   1.00 32.79  ? 56  LEU A C    1 ? 
ATOM   392  O  O    . LEU A 1 56  ? 6.822   6.363   2.805   1.00 34.15  ? 56  LEU A O    1 ? 
ATOM   393  C  CB   . LEU A 1 56  ? 6.743   3.246   3.975   1.00 34.82  ? 56  LEU A CB   1 ? 
ATOM   394  C  CG   . LEU A 1 56  ? 5.908   1.970   4.054   1.00 36.12  ? 56  LEU A CG   1 ? 
ATOM   395  C  CD1  . LEU A 1 56  ? 5.950   1.376   5.465   1.00 40.55  ? 56  LEU A CD1  1 ? 
ATOM   396  C  CD2  . LEU A 1 56  ? 4.469   2.216   3.639   1.00 35.56  ? 56  LEU A CD2  1 ? 
ATOM   397  H  H    . LEU A 1 56  ? 7.670   2.274   1.751   1.00 34.04  ? 56  LEU A H    1 ? 
ATOM   398  H  HA   . LEU A 1 56  ? 5.755   4.202   2.446   1.00 32.04  ? 56  LEU A HA   1 ? 
ATOM   399  H  HB2  . LEU A 1 56  ? 7.673   3.013   4.167   1.00 34.82  ? 56  LEU A HB2  1 ? 
ATOM   400  H  HB3  . LEU A 1 56  ? 6.440   3.851   4.681   1.00 34.82  ? 56  LEU A HB3  1 ? 
ATOM   401  H  HG   . LEU A 1 56  ? 6.294   1.311   3.425   1.00 36.12  ? 56  LEU A HG   1 ? 
ATOM   402  H  HD11 . LEU A 1 56  ? 6.869   1.163   5.702   1.00 40.55  ? 56  LEU A HD11 1 ? 
ATOM   403  H  HD12 . LEU A 1 56  ? 5.412   0.565   5.492   1.00 40.55  ? 56  LEU A HD12 1 ? 
ATOM   404  H  HD13 . LEU A 1 56  ? 5.594   2.023   6.100   1.00 40.55  ? 56  LEU A HD13 1 ? 
ATOM   405  H  HD21 . LEU A 1 56  ? 4.071   2.881   4.227   1.00 35.56  ? 56  LEU A HD21 1 ? 
ATOM   406  H  HD22 . LEU A 1 56  ? 3.966   1.385   3.700   1.00 35.56  ? 56  LEU A HD22 1 ? 
ATOM   407  H  HD23 . LEU A 1 56  ? 4.446   2.540   2.722   1.00 35.56  ? 56  LEU A HD23 1 ? 
ATOM   408  N  N    . HIS A 1 57  ? 8.819   5.292   2.570   1.00 35.00  ? 57  HIS A N    1 ? 
ATOM   409  C  CA   . HIS A 1 57  ? 9.694   6.505   2.565   1.00 36.63  ? 57  HIS A CA   1 ? 
ATOM   410  C  C    . HIS A 1 57  ? 9.335   7.401   1.361   1.00 35.09  ? 57  HIS A C    1 ? 
ATOM   411  O  O    . HIS A 1 57  ? 9.190   8.620   1.518   1.00 32.20  ? 57  HIS A O    1 ? 
ATOM   412  C  CB   . HIS A 1 57  ? 11.199  6.135   2.607   1.00 39.95  ? 57  HIS A CB   1 ? 
ATOM   413  C  CG   . HIS A 1 57  ? 11.704  5.635   3.926   1.00 38.43  ? 57  HIS A CG   1 ? 
ATOM   414  N  ND1  . HIS A 1 57  ? 10.907  5.553   5.027   1.00 40.72  ? 57  HIS A ND1  1 ? 
ATOM   415  C  CD2  . HIS A 1 57  ? 12.922  5.238   4.337   1.00 40.34  ? 57  HIS A CD2  1 ? 
ATOM   416  C  CE1  . HIS A 1 57  ? 11.601  5.117   6.051   1.00 39.98  ? 57  HIS A CE1  1 ? 
ATOM   417  N  NE2  . HIS A 1 57  ? 12.836  4.942   5.671   1.00 38.02  ? 57  HIS A NE2  1 ? 
ATOM   418  H  H    . HIS A 1 57  ? 9.241   4.380   2.472   1.00 35.00  ? 57  HIS A H    1 ? 
ATOM   419  H  HA   . HIS A 1 57  ? 9.518   7.013   3.392   1.00 36.63  ? 57  HIS A HA   1 ? 
ATOM   420  H  HB2  . HIS A 1 57  ? 11.372  5.439   1.935   1.00 39.95  ? 57  HIS A HB2  1 ? 
ATOM   421  H  HB3  . HIS A 1 57  ? 11.726  6.928   2.363   1.00 39.95  ? 57  HIS A HB3  1 ? 
ATOM   422  H  HD2  . HIS A 1 57  ? 13.694  5.174   3.805   1.00 40.34  ? 57  HIS A HD2  1 ? 
ATOM   423  H  HE1  . HIS A 1 57  ? 11.268  4.978   6.921   1.00 39.98  ? 57  HIS A HE1  1 ? 
ATOM   424  N  N    . ALA A 1 58  ? 9.139   6.810   0.195   1.00 37.73  ? 58  ALA A N    1 ? 
ATOM   425  C  CA   . ALA A 1 58  ? 8.654   7.526   -1.006  1.00 39.05  ? 58  ALA A CA   1 ? 
ATOM   426  C  C    . ALA A 1 58  ? 7.356   8.286   -0.679  1.00 37.35  ? 58  ALA A C    1 ? 
ATOM   427  O  O    . ALA A 1 58  ? 7.189   9.385   -1.226  1.00 36.48  ? 58  ALA A O    1 ? 
ATOM   428  C  CB   . ALA A 1 58  ? 8.528   6.536   -2.151  1.00 42.31  ? 58  ALA A CB   1 ? 
ATOM   429  H  H    . ALA A 1 58  ? 9.334   5.822   0.133   1.00 37.73  ? 58  ALA A H    1 ? 
ATOM   430  H  HA   . ALA A 1 58  ? 9.337   8.182   -1.277  1.00 39.05  ? 58  ALA A HA   1 ? 
ATOM   431  H  HB1  . ALA A 1 58  ? 8.210   6.996   -2.944  1.00 42.31  ? 58  ALA A HB1  1 ? 
ATOM   432  H  HB2  . ALA A 1 58  ? 9.395   6.140   -2.334  1.00 42.31  ? 58  ALA A HB2  1 ? 
ATOM   433  H  HB3  . ALA A 1 58  ? 7.898   5.837   -1.909  1.00 42.31  ? 58  ALA A HB3  1 ? 
ATOM   434  N  N    . ALA A 1 59  ? 6.503   7.789   0.231   1.00 35.68  ? 59  ALA A N    1 ? 
ATOM   435  C  CA   . ALA A 1 59  ? 5.200   8.422   0.560   1.00 38.23  ? 59  ALA A CA   1 ? 
ATOM   436  C  C    . ALA A 1 59  ? 5.353   9.451   1.691   1.00 41.59  ? 59  ALA A C    1 ? 
ATOM   437  O  O    . ALA A 1 59  ? 4.323   9.985   2.129   1.00 38.71  ? 59  ALA A O    1 ? 
ATOM   438  C  CB   . ALA A 1 59  ? 4.185   7.357   0.907   1.00 41.45  ? 59  ALA A CB   1 ? 
ATOM   439  H  H    . ALA A 1 59  ? 6.774   6.941   0.709   1.00 35.68  ? 59  ALA A H    1 ? 
ATOM   440  H  HA   . ALA A 1 59  ? 4.873   8.898   -0.238  1.00 38.23  ? 59  ALA A HA   1 ? 
ATOM   441  H  HB1  . ALA A 1 59  ? 3.337   7.775   1.121   1.00 41.45  ? 59  ALA A HB1  1 ? 
ATOM   442  H  HB2  . ALA A 1 59  ? 4.069   6.761   0.151   1.00 41.45  ? 59  ALA A HB2  1 ? 
ATOM   443  H  HB3  . ALA A 1 59  ? 4.498   6.848   1.674   1.00 41.45  ? 59  ALA A HB3  1 ? 
ATOM   444  N  N    . GLY A 1 60  ? 6.585   9.716   2.157   1.00 36.34  ? 60  GLY A N    1 ? 
ATOM   445  C  CA   . GLY A 1 60  ? 6.885   10.755  3.159   1.00 36.15  ? 60  GLY A CA   1 ? 
ATOM   446  C  C    . GLY A 1 60  ? 7.180   10.174  4.538   1.00 38.21  ? 60  GLY A C    1 ? 
ATOM   447  O  O    . GLY A 1 60  ? 7.508   10.967  5.430   1.00 44.41  ? 60  GLY A O    1 ? 
ATOM   448  H  H    . GLY A 1 60  ? 7.339   9.158   1.786   1.00 36.34  ? 60  GLY A H    1 ? 
ATOM   449  H  HA2  . GLY A 1 60  ? 7.669   11.278  2.856   1.00 36.15  ? 60  GLY A HA2  1 ? 
ATOM   450  H  HA3  . GLY A 1 60  ? 6.113   11.370  3.227   1.00 36.15  ? 60  GLY A HA3  1 ? 
ATOM   451  N  N    . ALA A 1 61  ? 7.054   8.852   4.726   1.00 35.15  ? 61  ALA A N    1 ? 
ATOM   452  C  CA   . ALA A 1 61  ? 7.314   8.171   6.012   1.00 38.27  ? 61  ALA A CA   1 ? 
ATOM   453  C  C    . ALA A 1 61  ? 8.789   8.347   6.390   1.00 40.40  ? 61  ALA A C    1 ? 
ATOM   454  O  O    . ALA A 1 61  ? 9.624   8.474   5.487   1.00 42.28  ? 61  ALA A O    1 ? 
ATOM   455  C  CB   . ALA A 1 61  ? 6.959   6.712   5.931   1.00 43.18  ? 61  ALA A CB   1 ? 
ATOM   456  H  H    . ALA A 1 61  ? 6.762   8.303   3.929   1.00 35.15  ? 61  ALA A H    1 ? 
ATOM   457  H  HA   . ALA A 1 61  ? 6.757   8.592   6.707   1.00 38.27  ? 61  ALA A HA   1 ? 
ATOM   458  H  HB1  . ALA A 1 61  ? 7.137   6.286   6.784   1.00 43.18  ? 61  ALA A HB1  1 ? 
ATOM   459  H  HB2  . ALA A 1 61  ? 6.017   6.618   5.716   1.00 43.18  ? 61  ALA A HB2  1 ? 
ATOM   460  H  HB3  . ALA A 1 61  ? 7.492   6.285   5.240   1.00 43.18  ? 61  ALA A HB3  1 ? 
ATOM   461  N  N    . GLN A 1 62  ? 9.078   8.380   7.688   1.00 40.76  ? 62  GLN A N    1 ? 
ATOM   462  C  CA   . GLN A 1 62  ? 10.458  8.459   8.227   1.00 40.99  ? 62  GLN A CA   1 ? 
ATOM   463  C  C    . GLN A 1 62  ? 10.673  7.297   9.202   1.00 40.68  ? 62  GLN A C    1 ? 
ATOM   464  O  O    . GLN A 1 62  ? 9.707   6.890   9.873   1.00 36.49  ? 62  GLN A O    1 ? 
ATOM   465  C  CB   . GLN A 1 62  ? 10.691  9.812   8.906   1.00 45.39  ? 62  GLN A CB   1 ? 
ATOM   466  C  CG   . GLN A 1 62  ? 10.862  10.978  7.935   1.00 43.34  ? 62  GLN A CG   1 ? 
ATOM   467  C  CD   . GLN A 1 62  ? 10.577  12.297  8.606   1.00 43.80  ? 62  GLN A CD   1 ? 
ATOM   468  O  OE1  . GLN A 1 62  ? 11.429  13.174  8.665   1.00 49.15  ? 62  GLN A OE1  1 ? 
ATOM   469  N  NE2  . GLN A 1 62  ? 9.380   12.451  9.151   1.00 43.12  ? 62  GLN A NE2  1 ? 
ATOM   470  H  H    . GLN A 1 62  ? 8.299   8.348   8.330   1.00 40.76  ? 62  GLN A H    1 ? 
ATOM   471  H  HA   . GLN A 1 62  ? 11.092  8.372   7.478   1.00 40.99  ? 62  GLN A HA   1 ? 
ATOM   472  H  HB2  . GLN A 1 62  ? 9.930   10.000  9.494   1.00 45.39  ? 62  GLN A HB2  1 ? 
ATOM   473  H  HB3  . GLN A 1 62  ? 11.492  9.746   9.466   1.00 45.39  ? 62  GLN A HB3  1 ? 
ATOM   474  H  HG2  . GLN A 1 62  ? 11.780  10.978  7.589   1.00 43.34  ? 62  GLN A HG2  1 ? 
ATOM   475  H  HG3  . GLN A 1 62  ? 10.253  10.858  7.176   1.00 43.34  ? 62  GLN A HG3  1 ? 
ATOM   476  N  N    . GLY A 1 63  ? 11.918  6.823   9.316   1.00 38.06  ? 63  GLY A N    1 ? 
ATOM   477  C  CA   . GLY A 1 63  ? 12.279  5.716   10.215  1.00 43.69  ? 63  GLY A CA   1 ? 
ATOM   478  C  C    . GLY A 1 63  ? 11.798  4.390   9.660   1.00 42.31  ? 63  GLY A C    1 ? 
ATOM   479  O  O    . GLY A 1 63  ? 11.506  4.279   8.464   1.00 45.47  ? 63  GLY A O    1 ? 
ATOM   480  H  H    . GLY A 1 63  ? 12.636  7.254   8.752   1.00 38.06  ? 63  GLY A H    1 ? 
ATOM   481  H  HA2  . GLY A 1 63  ? 13.262  5.697   10.326  1.00 43.69  ? 63  GLY A HA2  1 ? 
ATOM   482  H  HA3  . GLY A 1 63  ? 11.873  5.876   11.104  1.00 43.69  ? 63  GLY A HA3  1 ? 
ATOM   483  N  N    . GLU A 1 64  ? 11.629  3.424   10.530  1.00 41.31  ? 64  GLU A N    1 ? 
ATOM   484  C  CA   . GLU A 1 64  ? 11.606  1.996   10.159  1.00 44.04  ? 64  GLU A CA   1 ? 
ATOM   485  C  C    . GLU A 1 64  ? 10.637  1.202   11.049  1.00 41.59  ? 64  GLU A C    1 ? 
ATOM   486  O  O    . GLU A 1 64  ? 10.299  0.057   10.691  1.00 42.07  ? 64  GLU A O    1 ? 
ATOM   487  C  CB   . GLU A 1 64  ? 13.059  1.597   10.334  1.00 48.94  ? 64  GLU A CB   1 ? 
ATOM   488  C  CG   . GLU A 1 64  ? 13.351  0.202   9.954   1.00 51.23  ? 64  GLU A CG   1 ? 
ATOM   489  C  CD   . GLU A 1 64  ? 14.839  0.027   10.026  1.00 46.62  ? 64  GLU A CD   1 ? 
ATOM   490  O  OE1  . GLU A 1 64  ? 15.269  -0.770  10.825  1.00 43.13  ? 64  GLU A OE1  1 ? 
ATOM   491  O  OE2  . GLU A 1 64  ? 15.534  0.705   9.256   1.00 55.04  ? 64  GLU A OE2  1 ? 
ATOM   492  H  H    . GLU A 1 64  ? 11.511  3.682   11.499  1.00 41.31  ? 64  GLU A H    1 ? 
ATOM   493  H  HA   . GLU A 1 64  ? 11.291  1.921   9.228   1.00 44.04  ? 64  GLU A HA   1 ? 
ATOM   494  H  HB2  . GLU A 1 64  ? 13.613  2.192   9.788   1.00 48.94  ? 64  GLU A HB2  1 ? 
ATOM   495  H  HB3  . GLU A 1 64  ? 13.305  1.722   11.275  1.00 48.94  ? 64  GLU A HB3  1 ? 
ATOM   496  H  HG2  . GLU A 1 64  ? 12.877  -0.401  10.566  1.00 51.23  ? 64  GLU A HG2  1 ? 
ATOM   497  H  HG3  . GLU A 1 64  ? 13.000  0.038   9.052   1.00 51.23  ? 64  GLU A HG3  1 ? 
ATOM   498  N  N    . MET A 1 65  ? 10.175  1.808   12.145  1.00 42.89  ? 65  MET A N    1 ? 
ATOM   499  C  CA   . MET A 1 65  ? 9.266   1.189   13.133  1.00 46.50  ? 65  MET A CA   1 ? 
ATOM   500  C  C    . MET A 1 65  ? 7.897   1.849   12.983  1.00 40.68  ? 65  MET A C    1 ? 
ATOM   501  O  O    . MET A 1 65  ? 7.818   3.052   13.214  1.00 40.26  ? 65  MET A O    1 ? 
ATOM   502  C  CB   . MET A 1 65  ? 9.823   1.394   14.547  1.00 52.54  ? 65  MET A CB   1 ? 
ATOM   503  C  CG   . MET A 1 65  ? 9.469   0.282   15.537  1.00 66.64  ? 65  MET A CG   1 ? 
ATOM   504  S  SD   . MET A 1 65  ? 9.855   -1.447  15.009  1.00 75.23  ? 65  MET A SD   1 ? 
ATOM   505  C  CE   . MET A 1 65  ? 11.360  -1.223  14.066  1.00 54.89  ? 65  MET A CE   1 ? 
ATOM   506  H  H    . MET A 1 65  ? 10.483  2.758   12.288  1.00 42.89  ? 65  MET A H    1 ? 
ATOM   507  H  HA   . MET A 1 65  ? 9.193   0.227   12.932  1.00 46.50  ? 65  MET A HA   1 ? 
ATOM   508  H  HB2  . MET A 1 65  ? 10.797  1.461   14.493  1.00 52.54  ? 65  MET A HB2  1 ? 
ATOM   509  H  HB3  . MET A 1 65  ? 9.482   2.241   14.898  1.00 52.54  ? 65  MET A HB3  1 ? 
ATOM   510  H  HG2  . MET A 1 65  ? 9.948   0.436   16.380  1.00 66.64  ? 65  MET A HG2  1 ? 
ATOM   511  H  HG3  . MET A 1 65  ? 8.507   0.313   15.726  1.00 66.64  ? 65  MET A HG3  1 ? 
ATOM   512  H  HE1  . MET A 1 65  ? 11.659  -2.072  13.735  1.00 54.89  ? 65  MET A HE1  1 ? 
ATOM   513  H  HE2  . MET A 1 65  ? 11.189  -0.633  13.328  1.00 54.89  ? 65  MET A HE2  1 ? 
ATOM   514  H  HE3  . MET A 1 65  ? 12.040  -0.840  14.633  1.00 54.89  ? 65  MET A HE3  1 ? 
ATOM   515  N  N    . PHE A 1 66  ? 6.871   1.070   12.633  1.00 41.35  ? 66  PHE A N    1 ? 
ATOM   516  C  CA   . PHE A 1 66  ? 5.510   1.563   12.332  1.00 40.61  ? 66  PHE A CA   1 ? 
ATOM   517  C  C    . PHE A 1 66  ? 4.462   0.702   13.023  1.00 39.44  ? 66  PHE A C    1 ? 
ATOM   518  O  O    . PHE A 1 66  ? 4.689   -0.469  13.275  1.00 44.14  ? 66  PHE A O    1 ? 
ATOM   519  C  CB   . PHE A 1 66  ? 5.287   1.574   10.815  1.00 40.23  ? 66  PHE A CB   1 ? 
ATOM   520  C  CG   . PHE A 1 66  ? 6.218   2.496   10.068  1.00 38.91  ? 66  PHE A CG   1 ? 
ATOM   521  C  CD1  . PHE A 1 66  ? 6.093   3.873   10.189  1.00 43.38  ? 66  PHE A CD1  1 ? 
ATOM   522  C  CD2  . PHE A 1 66  ? 7.213   2.003   9.233   1.00 43.38  ? 66  PHE A CD2  1 ? 
ATOM   523  C  CE1  . PHE A 1 66  ? 6.951   4.735   9.505   1.00 46.15  ? 66  PHE A CE1  1 ? 
ATOM   524  C  CE2  . PHE A 1 66  ? 8.091   2.863   8.578   1.00 44.73  ? 66  PHE A CE2  1 ? 
ATOM   525  C  CZ   . PHE A 1 66  ? 7.955   4.233   8.712   1.00 39.04  ? 66  PHE A CZ   1 ? 
ATOM   526  H  H    . PHE A 1 66  ? 7.060   0.079   12.577  1.00 41.35  ? 66  PHE A H    1 ? 
ATOM   527  H  HA   . PHE A 1 66  ? 5.424   2.486   12.682  1.00 40.61  ? 66  PHE A HA   1 ? 
ATOM   528  H  HB2  . PHE A 1 66  ? 5.397   0.661   10.478  1.00 40.23  ? 66  PHE A HB2  1 ? 
ATOM   529  H  HB3  . PHE A 1 66  ? 4.359   1.839   10.640  1.00 40.23  ? 66  PHE A HB3  1 ? 
ATOM   530  H  HD1  . PHE A 1 66  ? 5.420   4.233   10.743  1.00 43.38  ? 66  PHE A HD1  1 ? 
ATOM   531  H  HD2  . PHE A 1 66  ? 7.293   1.070   9.111   1.00 43.38  ? 66  PHE A HD2  1 ? 
ATOM   532  H  HE1  . PHE A 1 66  ? 6.850   5.669   9.600   1.00 46.15  ? 66  PHE A HE1  1 ? 
ATOM   533  H  HE2  . PHE A 1 66  ? 8.778   2.510   8.036   1.00 44.73  ? 66  PHE A HE2  1 ? 
ATOM   534  H  HZ   . PHE A 1 66  ? 8.532   4.822   8.252   1.00 39.04  ? 66  PHE A HZ   1 ? 
ATOM   535  N  N    . THR A 1 67  ? 3.307   1.298   13.270  1.00 38.85  ? 67  THR A N    1 ? 
ATOM   536  C  CA   . THR A 1 67  ? 2.030   0.591   13.466  1.00 41.55  ? 67  THR A CA   1 ? 
ATOM   537  C  C    . THR A 1 67  ? 1.519   0.160   12.095  1.00 48.80  ? 67  THR A C    1 ? 
ATOM   538  O  O    . THR A 1 67  ? 1.937   0.788   11.076  1.00 45.79  ? 67  THR A O    1 ? 
ATOM   539  C  CB   . THR A 1 67  ? 1.055   1.475   14.234  1.00 40.36  ? 67  THR A CB   1 ? 
ATOM   540  O  OG1  . THR A 1 67  ? 0.820   2.637   13.433  1.00 42.11  ? 67  THR A OG1  1 ? 
ATOM   541  C  CG2  . THR A 1 67  ? 1.616   1.834   15.596  1.00 39.66  ? 67  THR A CG2  1 ? 
ATOM   542  H  H    . THR A 1 67  ? 3.326   2.306   13.324  1.00 38.85  ? 67  THR A H    1 ? 
ATOM   543  H  HA   . THR A 1 67  ? 2.205   -0.208  14.015  1.00 41.55  ? 67  THR A HA   1 ? 
ATOM   544  H  HB   . THR A 1 67  ? 0.207   0.982   14.340  1.00 40.36  ? 67  THR A HB   1 ? 
ATOM   545  H  HG21 . THR A 1 67  ? 1.773   1.021   16.109  1.00 39.66  ? 67  THR A HG21 1 ? 
ATOM   546  H  HG22 . THR A 1 67  ? 0.981   2.397   16.072  1.00 39.66  ? 67  THR A HG22 1 ? 
ATOM   547  H  HG23 . THR A 1 67  ? 2.456   2.314   15.486  1.00 39.66  ? 67  THR A HG23 1 ? 
ATOM   548  N  N    . VAL A 1 68  ? 0.674   -0.874  12.073  1.00 47.96  ? 68  VAL A N    1 ? 
ATOM   549  C  CA   . VAL A 1 68  ? -0.032  -1.338  10.843  1.00 46.81  ? 68  VAL A CA   1 ? 
ATOM   550  C  C    . VAL A 1 68  ? -0.866  -0.168  10.318  1.00 46.96  ? 68  VAL A C    1 ? 
ATOM   551  O  O    . VAL A 1 68  ? -0.866  0.101   9.082   1.00 44.65  ? 68  VAL A O    1 ? 
ATOM   552  C  CB   . VAL A 1 68  ? -0.898  -2.583  11.103  1.00 51.71  ? 68  VAL A CB   1 ? 
ATOM   553  C  CG1  . VAL A 1 68  ? -1.609  -3.031  9.834   1.00 53.45  ? 68  VAL A CG1  1 ? 
ATOM   554  C  CG2  . VAL A 1 68  ? -0.080  -3.744  11.664  1.00 54.01  ? 68  VAL A CG2  1 ? 
ATOM   555  H  H    . VAL A 1 68  ? 0.515   -1.360  12.944  1.00 47.96  ? 68  VAL A H    1 ? 
ATOM   556  H  HA   . VAL A 1 68  ? 0.637   -1.576  10.177  1.00 46.81  ? 68  VAL A HA   1 ? 
ATOM   557  H  HB   . VAL A 1 68  ? -1.569  -2.336  11.786  1.00 51.71  ? 68  VAL A HB   1 ? 
ATOM   558  H  HG11 . VAL A 1 68  ? -2.184  -2.315  9.512   1.00 53.45  ? 68  VAL A HG11 1 ? 
ATOM   559  H  HG12 . VAL A 1 68  ? -2.148  -3.818  10.024  1.00 53.45  ? 68  VAL A HG12 1 ? 
ATOM   560  H  HG13 . VAL A 1 68  ? -0.950  -3.248  9.151   1.00 53.45  ? 68  VAL A HG13 1 ? 
ATOM   561  H  HG21 . VAL A 1 68  ? 0.617   -3.986  11.030  1.00 54.01  ? 68  VAL A HG21 1 ? 
ATOM   562  H  HG22 . VAL A 1 68  ? -0.663  -4.508  11.814  1.00 54.01  ? 68  VAL A HG22 1 ? 
ATOM   563  H  HG23 . VAL A 1 68  ? 0.327   -3.477  12.506  1.00 54.01  ? 68  VAL A HG23 1 ? 
ATOM   564  N  N    . LYS A 1 69  ? -1.544  0.536   11.216  1.00 42.94  ? 69  LYS A N    1 ? 
ATOM   565  C  CA   . LYS A 1 69  ? -2.339  1.733   10.839  1.00 42.78  ? 69  LYS A CA   1 ? 
ATOM   566  C  C    . LYS A 1 69  ? -1.435  2.691   10.037  1.00 41.25  ? 69  LYS A C    1 ? 
ATOM   567  O  O    . LYS A 1 69  ? -1.863  3.157   8.983   1.00 36.92  ? 69  LYS A O    1 ? 
ATOM   568  C  CB   . LYS A 1 69  ? -2.942  2.332   12.102  1.00 44.19  ? 69  LYS A CB   1 ? 
ATOM   569  C  CG   . LYS A 1 69  ? -3.953  3.438   11.874  1.00 47.81  ? 69  LYS A CG   1 ? 
ATOM   570  C  CD   . LYS A 1 69  ? -4.502  3.956   13.201  1.00 51.69  ? 69  LYS A CD   1 ? 
ATOM   571  C  CE   . LYS A 1 69  ? -5.151  5.320   13.127  1.00 52.77  ? 69  LYS A CE   1 ? 
ATOM   572  N  NZ   . LYS A 1 69  ? -6.011  5.415   11.934  1.00 60.20  ? 69  LYS A NZ   1 ? 
ATOM   573  H  H    . LYS A 1 69  ? -1.517  0.248   12.183  1.00 42.94  ? 69  LYS A H    1 ? 
ATOM   574  H  HA   . LYS A 1 69  ? -3.087  1.442   10.268  1.00 42.78  ? 69  LYS A HA   1 ? 
ATOM   575  H  HB2  . LYS A 1 69  ? -3.371  1.615   12.613  1.00 44.19  ? 69  LYS A HB2  1 ? 
ATOM   576  H  HB3  . LYS A 1 69  ? -2.214  2.681   12.660  1.00 44.19  ? 69  LYS A HB3  1 ? 
ATOM   577  H  HG2  . LYS A 1 69  ? -3.516  4.167   11.384  1.00 47.81  ? 69  LYS A HG2  1 ? 
ATOM   578  H  HG3  . LYS A 1 69  ? -4.684  3.086   11.323  1.00 47.81  ? 69  LYS A HG3  1 ? 
ATOM   579  H  HD2  . LYS A 1 69  ? -5.168  3.321   13.542  1.00 51.69  ? 69  LYS A HD2  1 ? 
ATOM   580  H  HD3  . LYS A 1 69  ? -3.771  4.002   13.854  1.00 51.69  ? 69  LYS A HD3  1 ? 
ATOM   581  H  HE2  . LYS A 1 69  ? -5.685  5.472   13.930  1.00 52.77  ? 69  LYS A HE2  1 ? 
ATOM   582  H  HE3  . LYS A 1 69  ? -4.461  6.009   13.091  1.00 52.77  ? 69  LYS A HE3  1 ? 
ATOM   583  H  HZ1  . LYS A 1 69  ? -5.514  5.283   11.186  1.00 60.20  ? 69  LYS A HZ1  1 ? 
ATOM   584  H  HZ2  . LYS A 1 69  ? -6.398  6.235   11.899  1.00 60.20  ? 69  LYS A HZ2  1 ? 
ATOM   585  H  HZ3  . LYS A 1 69  ? -6.660  4.783   11.972  1.00 60.20  ? 69  LYS A HZ3  1 ? 
ATOM   586  N  N    . GLU A 1 70  ? -0.200  2.920   10.491  1.00 43.14  ? 70  GLU A N    1 ? 
ATOM   587  C  CA   . GLU A 1 70  ? 0.752   3.854   9.833   1.00 44.46  ? 70  GLU A CA   1 ? 
ATOM   588  C  C    . GLU A 1 70  ? 1.115   3.285   8.459   1.00 40.45  ? 70  GLU A C    1 ? 
ATOM   589  O  O    . GLU A 1 70  ? 1.087   4.036   7.513   1.00 38.18  ? 70  GLU A O    1 ? 
ATOM   590  C  CB   . GLU A 1 70  ? 1.997   4.101   10.694  1.00 45.32  ? 70  GLU A CB   1 ? 
ATOM   591  C  CG   . GLU A 1 70  ? 1.756   4.988   11.917  1.00 45.46  ? 70  GLU A CG   1 ? 
ATOM   592  C  CD   . GLU A 1 70  ? 2.897   5.052   12.931  1.00 47.41  ? 70  GLU A CD   1 ? 
ATOM   593  O  OE1  . GLU A 1 70  ? 3.910   4.343   12.775  1.00 42.33  ? 70  GLU A OE1  1 ? 
ATOM   594  O  OE2  . GLU A 1 70  ? 2.761   5.805   13.903  1.00 57.37  ? 70  GLU A OE2  1 ? 
ATOM   595  H  H    . GLU A 1 70  ? 0.089   2.427   11.323  1.00 43.14  ? 70  GLU A H    1 ? 
ATOM   596  H  HA   . GLU A 1 70  ? 0.305   4.724   9.716   1.00 44.46  ? 70  GLU A HA   1 ? 
ATOM   597  H  HB2  . GLU A 1 70  ? 2.339   3.235   11.002  1.00 45.32  ? 70  GLU A HB2  1 ? 
ATOM   598  H  HB3  . GLU A 1 70  ? 2.683   4.524   10.136  1.00 45.32  ? 70  GLU A HB3  1 ? 
ATOM   599  H  HG2  . GLU A 1 70  ? 1.573   5.903   11.615  1.00 45.46  ? 70  GLU A HG2  1 ? 
ATOM   600  H  HG3  . GLU A 1 70  ? 0.957   4.669   12.388  1.00 45.46  ? 70  GLU A HG3  1 ? 
ATOM   601  N  N    . VAL A 1 71  ? 1.446   1.999   8.379   1.00 38.82  ? 71  VAL A N    1 ? 
ATOM   602  C  CA   . VAL A 1 71  ? 1.847   1.302   7.120   1.00 37.95  ? 71  VAL A CA   1 ? 
ATOM   603  C  C    . VAL A 1 71  ? 0.730   1.494   6.085   1.00 39.59  ? 71  VAL A C    1 ? 
ATOM   604  O  O    . VAL A 1 71  ? 1.023   1.936   4.957   1.00 38.80  ? 71  VAL A O    1 ? 
ATOM   605  C  CB   . VAL A 1 71  ? 2.135   -0.187  7.392   1.00 36.85  ? 71  VAL A CB   1 ? 
ATOM   606  C  CG1  . VAL A 1 71  ? 2.210   -0.995  6.104   1.00 37.45  ? 71  VAL A CG1  1 ? 
ATOM   607  C  CG2  . VAL A 1 71  ? 3.393   -0.363  8.240   1.00 38.80  ? 71  VAL A CG2  1 ? 
ATOM   608  H  H    . VAL A 1 71  ? 1.417   1.476   9.243   1.00 38.82  ? 71  VAL A H    1 ? 
ATOM   609  H  HA   . VAL A 1 71  ? 2.661   1.719   6.784   1.00 37.95  ? 71  VAL A HA   1 ? 
ATOM   610  H  HB   . VAL A 1 71  ? 1.370   -0.544  7.907   1.00 36.85  ? 71  VAL A HB   1 ? 
ATOM   611  H  HG11 . VAL A 1 71  ? 1.362   -0.929  5.630   1.00 37.45  ? 71  VAL A HG11 1 ? 
ATOM   612  H  HG12 . VAL A 1 71  ? 2.393   -1.926  6.315   1.00 37.45  ? 71  VAL A HG12 1 ? 
ATOM   613  H  HG13 . VAL A 1 71  ? 2.922   -0.644  5.542   1.00 37.45  ? 71  VAL A HG13 1 ? 
ATOM   614  H  HG21 . VAL A 1 71  ? 4.156   0.019   7.773   1.00 38.80  ? 71  VAL A HG21 1 ? 
ATOM   615  H  HG22 . VAL A 1 71  ? 3.549   -1.310  8.397   1.00 38.80  ? 71  VAL A HG22 1 ? 
ATOM   616  H  HG23 . VAL A 1 71  ? 3.275   0.090   9.093   1.00 38.80  ? 71  VAL A HG23 1 ? 
ATOM   617  N  N    . MET A 1 72  ? -0.518  1.230   6.470   1.00 37.75  ? 72  MET A N    1 ? 
ATOM   618  C  CA   . MET A 1 72  ? -1.688  1.328   5.550   1.00 36.27  ? 72  MET A CA   1 ? 
ATOM   619  C  C    . MET A 1 72  ? -1.845  2.776   5.110   1.00 34.57  ? 72  MET A C    1 ? 
ATOM   620  O  O    . MET A 1 72  ? -2.174  3.011   3.940   1.00 33.46  ? 72  MET A O    1 ? 
ATOM   621  C  CB   . MET A 1 72  ? -2.974  0.878   6.250   1.00 42.03  ? 72  MET A CB   1 ? 
ATOM   622  C  CG   . MET A 1 72  ? -2.966  -0.585  6.681   1.00 46.67  ? 72  MET A CG   1 ? 
ATOM   623  S  SD   . MET A 1 72  ? -2.913  -1.671  5.266   1.00 50.66  ? 72  MET A SD   1 ? 
ATOM   624  C  CE   . MET A 1 72  ? -4.477  -1.307  4.489   1.00 45.97  ? 72  MET A CE   1 ? 
ATOM   625  H  H    . MET A 1 72  ? -0.667  0.952   7.429   1.00 37.75  ? 72  MET A H    1 ? 
ATOM   626  H  HA   . MET A 1 72  ? -1.510  0.769   4.759   1.00 36.27  ? 72  MET A HA   1 ? 
ATOM   627  H  HB2  . MET A 1 72  ? -3.111  1.438   7.041   1.00 42.03  ? 72  MET A HB2  1 ? 
ATOM   628  H  HB3  . MET A 1 72  ? -3.728  1.023   5.645   1.00 42.03  ? 72  MET A HB3  1 ? 
ATOM   629  H  HG2  . MET A 1 72  ? -2.185  -0.750  7.252   1.00 46.67  ? 72  MET A HG2  1 ? 
ATOM   630  H  HG3  . MET A 1 72  ? -3.772  -0.771  7.209   1.00 46.67  ? 72  MET A HG3  1 ? 
ATOM   631  H  HE1  . MET A 1 72  ? -4.572  -1.840  3.696   1.00 45.97  ? 72  MET A HE1  1 ? 
ATOM   632  H  HE2  . MET A 1 72  ? -5.191  -1.510  5.098   1.00 45.97  ? 72  MET A HE2  1 ? 
ATOM   633  H  HE3  . MET A 1 72  ? -4.509  -0.372  4.254   1.00 45.97  ? 72  MET A HE3  1 ? 
ATOM   634  N  N    . HIS A 1 73  ? -1.645  3.717   6.034   1.00 33.86  ? 73  HIS A N    1 ? 
ATOM   635  C  CA   . HIS A 1 73  ? -1.825  5.170   5.778   1.00 36.33  ? 73  HIS A CA   1 ? 
ATOM   636  C  C    . HIS A 1 73  ? -0.827  5.592   4.686   1.00 36.61  ? 73  HIS A C    1 ? 
ATOM   637  O  O    . HIS A 1 73  ? -1.258  6.156   3.652   1.00 35.66  ? 73  HIS A O    1 ? 
ATOM   638  C  CB   . HIS A 1 73  ? -1.701  5.989   7.074   1.00 34.21  ? 73  HIS A CB   1 ? 
ATOM   639  C  CG   . HIS A 1 73  ? -1.666  7.451   6.785   1.00 35.24  ? 73  HIS A CG   1 ? 
ATOM   640  N  ND1  . HIS A 1 73  ? -2.741  8.122   6.223   1.00 36.80  ? 73  HIS A ND1  1 ? 
ATOM   641  C  CD2  . HIS A 1 73  ? -0.670  8.353   6.892   1.00 35.88  ? 73  HIS A CD2  1 ? 
ATOM   642  C  CE1  . HIS A 1 73  ? -2.418  9.382   6.038   1.00 35.54  ? 73  HIS A CE1  1 ? 
ATOM   643  N  NE2  . HIS A 1 73  ? -1.135  9.546   6.417   1.00 37.90  ? 73  HIS A NE2  1 ? 
ATOM   644  H  H    . HIS A 1 73  ? -1.355  3.411   6.952   1.00 33.86  ? 73  HIS A H    1 ? 
ATOM   645  H  HA   . HIS A 1 73  ? -2.743  5.310   5.445   1.00 36.33  ? 73  HIS A HA   1 ? 
ATOM   646  H  HB2  . HIS A 1 73  ? -2.465  5.778   7.656   1.00 34.21  ? 73  HIS A HB2  1 ? 
ATOM   647  H  HB3  . HIS A 1 73  ? -0.880  5.718   7.542   1.00 34.21  ? 73  HIS A HB3  1 ? 
ATOM   648  H  HD2  . HIS A 1 73  ? 0.190   8.191   7.232   1.00 35.88  ? 73  HIS A HD2  1 ? 
ATOM   649  H  HE1  . HIS A 1 73  ? -2.977  10.045  5.669   1.00 35.54  ? 73  HIS A HE1  1 ? 
ATOM   650  N  N    . TYR A 1 74  ? 0.462   5.266   4.852   1.00 39.15  ? 74  TYR A N    1 ? 
ATOM   651  C  CA   . TYR A 1 74  ? 1.528   5.658   3.887   1.00 36.13  ? 74  TYR A CA   1 ? 
ATOM   652  C  C    . TYR A 1 74  ? 1.351   4.911   2.568   1.00 36.07  ? 74  TYR A C    1 ? 
ATOM   653  O  O    . TYR A 1 74  ? 1.592   5.572   1.573   1.00 37.12  ? 74  TYR A O    1 ? 
ATOM   654  C  CB   . TYR A 1 74  ? 2.907   5.543   4.522   1.00 34.98  ? 74  TYR A CB   1 ? 
ATOM   655  C  CG   . TYR A 1 74  ? 3.170   6.667   5.501   1.00 38.09  ? 74  TYR A CG   1 ? 
ATOM   656  C  CD1  . TYR A 1 74  ? 3.291   7.981   5.061   1.00 38.22  ? 74  TYR A CD1  1 ? 
ATOM   657  C  CD2  . TYR A 1 74  ? 3.264   6.434   6.871   1.00 42.05  ? 74  TYR A CD2  1 ? 
ATOM   658  C  CE1  . TYR A 1 74  ? 3.527   9.021   5.944   1.00 36.50  ? 74  TYR A CE1  1 ? 
ATOM   659  C  CE2  . TYR A 1 74  ? 3.507   7.463   7.773   1.00 36.98  ? 74  TYR A CE2  1 ? 
ATOM   660  C  CZ   . TYR A 1 74  ? 3.622   8.757   7.306   1.00 37.99  ? 74  TYR A CZ   1 ? 
ATOM   661  O  OH   . TYR A 1 74  ? 3.838   9.788   8.163   1.00 41.83  ? 74  TYR A OH   1 ? 
ATOM   662  H  H    . TYR A 1 74  ? 0.713   4.730   5.671   1.00 39.15  ? 74  TYR A H    1 ? 
ATOM   663  H  HA   . TYR A 1 74  ? 1.445   6.629   3.703   1.00 36.13  ? 74  TYR A HA   1 ? 
ATOM   664  H  HB2  . TYR A 1 74  ? 2.968   4.676   4.973   1.00 34.98  ? 74  TYR A HB2  1 ? 
ATOM   665  H  HB3  . TYR A 1 74  ? 3.578   5.548   3.808   1.00 34.98  ? 74  TYR A HB3  1 ? 
ATOM   666  H  HD1  . TYR A 1 74  ? 3.207   8.169   4.140   1.00 38.22  ? 74  TYR A HD1  1 ? 
ATOM   667  H  HD2  . TYR A 1 74  ? 3.159   5.554   7.193   1.00 42.05  ? 74  TYR A HD2  1 ? 
ATOM   668  H  HE1  . TYR A 1 74  ? 3.606   9.905   5.626   1.00 36.50  ? 74  TYR A HE1  1 ? 
ATOM   669  H  HE2  . TYR A 1 74  ? 3.572   7.288   8.698   1.00 36.98  ? 74  TYR A HE2  1 ? 
ATOM   670  N  N    . LEU A 1 75  ? 0.870   3.665   2.556   1.00 33.73  ? 75  LEU A N    1 ? 
ATOM   671  C  CA   . LEU A 1 75  ? 0.543   2.945   1.289   1.00 35.10  ? 75  LEU A CA   1 ? 
ATOM   672  C  C    . LEU A 1 75  ? -0.522  3.694   0.516   1.00 34.90  ? 75  LEU A C    1 ? 
ATOM   673  O  O    . LEU A 1 75  ? -0.402  3.790   -0.719  1.00 37.24  ? 75  LEU A O    1 ? 
ATOM   674  C  CB   . LEU A 1 75  ? 0.080   1.522   1.576   1.00 36.06  ? 75  LEU A CB   1 ? 
ATOM   675  C  CG   . LEU A 1 75  ? 1.198   0.537   1.874   1.00 40.71  ? 75  LEU A CG   1 ? 
ATOM   676  C  CD1  . LEU A 1 75  ? 0.593   -0.817  2.211   1.00 42.69  ? 75  LEU A CD1  1 ? 
ATOM   677  C  CD2  . LEU A 1 75  ? 2.182   0.431   0.706   1.00 43.12  ? 75  LEU A CD2  1 ? 
ATOM   678  H  H    . LEU A 1 75  ? 0.724   3.198   3.440   1.00 33.73  ? 75  LEU A H    1 ? 
ATOM   679  H  HA   . LEU A 1 75  ? 1.356   2.905   0.735   1.00 35.10  ? 75  LEU A HA   1 ? 
ATOM   680  H  HB2  . LEU A 1 75  ? -0.532  1.546   2.338   1.00 36.06  ? 75  LEU A HB2  1 ? 
ATOM   681  H  HB3  . LEU A 1 75  ? -0.426  1.202   0.803   1.00 36.06  ? 75  LEU A HB3  1 ? 
ATOM   682  H  HG   . LEU A 1 75  ? 1.699   0.870   2.660   1.00 40.71  ? 75  LEU A HG   1 ? 
ATOM   683  H  HD11 . LEU A 1 75  ? 0.017   -0.730  2.989   1.00 42.69  ? 75  LEU A HD11 1 ? 
ATOM   684  H  HD12 . LEU A 1 75  ? 1.305   -1.452  2.401   1.00 42.69  ? 75  LEU A HD12 1 ? 
ATOM   685  H  HD13 . LEU A 1 75  ? 0.070   -1.135  1.455   1.00 42.69  ? 75  LEU A HD13 1 ? 
ATOM   686  H  HD21 . LEU A 1 75  ? 1.710   0.130   -0.089  1.00 43.12  ? 75  LEU A HD21 1 ? 
ATOM   687  H  HD22 . LEU A 1 75  ? 2.883   -0.205  0.929   1.00 43.12  ? 75  LEU A HD22 1 ? 
ATOM   688  H  HD23 . LEU A 1 75  ? 2.578   1.304   0.537   1.00 43.12  ? 75  LEU A HD23 1 ? 
ATOM   689  N  N    . GLY A 1 76  ? -1.564  4.170   1.199   1.00 35.76  ? 76  GLY A N    1 ? 
ATOM   690  C  CA   . GLY A 1 76  ? -2.585  5.030   0.566   1.00 32.93  ? 76  GLY A CA   1 ? 
ATOM   691  C  C    . GLY A 1 76  ? -1.966  6.316   0.022   1.00 35.10  ? 76  GLY A C    1 ? 
ATOM   692  O  O    . GLY A 1 76  ? -2.311  6.704   -1.124  1.00 29.93  ? 76  GLY A O    1 ? 
ATOM   693  H  H    . GLY A 1 76  ? -1.665  3.927   2.174   1.00 35.76  ? 76  GLY A H    1 ? 
ATOM   694  H  HA2  . GLY A 1 76  ? -3.017  4.530   -0.172  1.00 32.93  ? 76  GLY A HA2  1 ? 
ATOM   695  H  HA3  . GLY A 1 76  ? -3.281  5.251   1.234   1.00 32.93  ? 76  GLY A HA3  1 ? 
ATOM   696  N  N    . GLN A 1 77  ? -1.094  6.971   0.807   1.00 34.09  ? 77  GLN A N    1 ? 
ATOM   697  C  CA   . GLN A 1 77  ? -0.392  8.221   0.381   1.00 38.19  ? 77  GLN A CA   1 ? 
ATOM   698  C  C    . GLN A 1 77  ? 0.475   7.955   -0.870  1.00 34.94  ? 77  GLN A C    1 ? 
ATOM   699  O  O    . GLN A 1 77  ? 0.556   8.837   -1.757  1.00 35.26  ? 77  GLN A O    1 ? 
ATOM   700  C  CB   . GLN A 1 77  ? 0.482   8.790   1.501   1.00 35.95  ? 77  GLN A CB   1 ? 
ATOM   701  C  CG   . GLN A 1 77  ? -0.300  9.223   2.733   1.00 39.22  ? 77  GLN A CG   1 ? 
ATOM   702  C  CD   . GLN A 1 77  ? -1.204  10.413  2.534   1.00 38.41  ? 77  GLN A CD   1 ? 
ATOM   703  O  OE1  . GLN A 1 77  ? -2.439  10.278  2.451   1.00 40.87  ? 77  GLN A OE1  1 ? 
ATOM   704  N  NE2  . GLN A 1 77  ? -0.602  11.589  2.502   1.00 32.14  ? 77  GLN A NE2  1 ? 
ATOM   705  H  H    . GLN A 1 77  ? -0.911  6.593   1.726   1.00 34.09  ? 77  GLN A H    1 ? 
ATOM   706  H  HA   . GLN A 1 77  ? -1.070  8.896   0.148   1.00 38.19  ? 77  GLN A HA   1 ? 
ATOM   707  H  HB2  . GLN A 1 77  ? 1.136   8.109   1.763   1.00 35.95  ? 77  GLN A HB2  1 ? 
ATOM   708  H  HB3  . GLN A 1 77  ? 0.976   9.560   1.151   1.00 35.95  ? 77  GLN A HB3  1 ? 
ATOM   709  H  HG2  . GLN A 1 77  ? -0.858  8.476   3.040   1.00 39.22  ? 77  GLN A HG2  1 ? 
ATOM   710  H  HG3  . GLN A 1 77  ? 0.329   9.446   3.452   1.00 39.22  ? 77  GLN A HG3  1 ? 
ATOM   711  N  N    . TYR A 1 78  ? 1.105   6.784   -0.944  1.00 34.88  ? 78  TYR A N    1 ? 
ATOM   712  C  CA   . TYR A 1 78  ? 2.003   6.390   -2.054  1.00 35.47  ? 78  TYR A CA   1 ? 
ATOM   713  C  C    . TYR A 1 78  ? 1.156   6.248   -3.322  1.00 37.46  ? 78  TYR A C    1 ? 
ATOM   714  O  O    . TYR A 1 78  ? 1.488   6.862   -4.384  1.00 33.40  ? 78  TYR A O    1 ? 
ATOM   715  C  CB   . TYR A 1 78  ? 2.758   5.114   -1.711  1.00 35.18  ? 78  TYR A CB   1 ? 
ATOM   716  C  CG   . TYR A 1 78  ? 3.681   4.648   -2.805  1.00 37.43  ? 78  TYR A CG   1 ? 
ATOM   717  C  CD1  . TYR A 1 78  ? 5.000   5.068   -2.885  1.00 38.40  ? 78  TYR A CD1  1 ? 
ATOM   718  C  CD2  . TYR A 1 78  ? 3.207   3.798   -3.788  1.00 35.09  ? 78  TYR A CD2  1 ? 
ATOM   719  C  CE1  . TYR A 1 78  ? 5.840   4.616   -3.895  1.00 36.96  ? 78  TYR A CE1  1 ? 
ATOM   720  C  CE2  . TYR A 1 78  ? 4.025   3.334   -4.798  1.00 37.06  ? 78  TYR A CE2  1 ? 
ATOM   721  C  CZ   . TYR A 1 78  ? 5.348   3.749   -4.861  1.00 41.12  ? 78  TYR A CZ   1 ? 
ATOM   722  O  OH   . TYR A 1 78  ? 6.143   3.230   -5.848  1.00 38.17  ? 78  TYR A OH   1 ? 
ATOM   723  H  H    . TYR A 1 78  ? 0.947   6.136   -0.185  1.00 34.88  ? 78  TYR A H    1 ? 
ATOM   724  H  HA   . TYR A 1 78  ? 2.672   7.108   -2.190  1.00 35.47  ? 78  TYR A HA   1 ? 
ATOM   725  H  HB2  . TYR A 1 78  ? 3.273   5.270   -0.892  1.00 35.18  ? 78  TYR A HB2  1 ? 
ATOM   726  H  HB3  . TYR A 1 78  ? 2.104   4.411   -1.513  1.00 35.18  ? 78  TYR A HB3  1 ? 
ATOM   727  H  HD1  . TYR A 1 78  ? 5.335   5.665   -2.235  1.00 38.40  ? 78  TYR A HD1  1 ? 
ATOM   728  H  HD2  . TYR A 1 78  ? 2.304   3.528   -3.767  1.00 35.09  ? 78  TYR A HD2  1 ? 
ATOM   729  H  HE1  . TYR A 1 78  ? 6.734   4.911   -3.935  1.00 36.96  ? 78  TYR A HE1  1 ? 
ATOM   730  H  HE2  . TYR A 1 78  ? 3.685   2.746   -5.451  1.00 37.06  ? 78  TYR A HE2  1 ? 
ATOM   731  N  N    . ILE A 1 79  ? 0.044   5.518   -3.180  1.00 36.30  ? 79  ILE A N    1 ? 
ATOM   732  C  CA   . ILE A 1 79  ? -0.960  5.265   -4.252  1.00 33.50  ? 79  ILE A CA   1 ? 
ATOM   733  C  C    . ILE A 1 79  ? -1.503  6.604   -4.759  1.00 34.92  ? 79  ILE A C    1 ? 
ATOM   734  O  O    . ILE A 1 79  ? -1.720  6.712   -6.004  1.00 36.77  ? 79  ILE A O    1 ? 
ATOM   735  C  CB   . ILE A 1 79  ? -2.075  4.334   -3.743  1.00 33.71  ? 79  ILE A CB   1 ? 
ATOM   736  C  CG1  . ILE A 1 79  ? -1.544  2.906   -3.572  1.00 33.68  ? 79  ILE A CG1  1 ? 
ATOM   737  C  CG2  . ILE A 1 79  ? -3.280  4.429   -4.660  1.00 35.21  ? 79  ILE A CG2  1 ? 
ATOM   738  C  CD1  . ILE A 1 79  ? -2.410  2.001   -2.716  1.00 33.65  ? 79  ILE A CD1  1 ? 
ATOM   739  H  H    . ILE A 1 79  ? -0.101  5.118   -2.264  1.00 36.30  ? 79  ILE A H    1 ? 
ATOM   740  H  HA   . ILE A 1 79  ? -0.513  4.815   -4.991  1.00 33.50  ? 79  ILE A HA   1 ? 
ATOM   741  H  HB   . ILE A 1 79  ? -2.345  4.656   -2.847  1.00 33.71  ? 79  ILE A HB   1 ? 
ATOM   742  H  HG12 . ILE A 1 79  ? -1.453  2.496   -4.458  1.00 33.68  ? 79  ILE A HG12 1 ? 
ATOM   743  H  HG13 . ILE A 1 79  ? -0.652  2.948   -3.167  1.00 33.68  ? 79  ILE A HG13 1 ? 
ATOM   744  H  HG21 . ILE A 1 79  ? -3.610  5.344   -4.673  1.00 35.21  ? 79  ILE A HG21 1 ? 
ATOM   745  H  HG22 . ILE A 1 79  ? -3.985  3.841   -4.336  1.00 35.21  ? 79  ILE A HG22 1 ? 
ATOM   746  H  HG23 . ILE A 1 79  ? -3.027  4.164   -5.561  1.00 35.21  ? 79  ILE A HG23 1 ? 
ATOM   747  H  HD11 . ILE A 1 79  ? -2.491  2.377   -1.823  1.00 33.65  ? 79  ILE A HD11 1 ? 
ATOM   748  H  HD12 . ILE A 1 79  ? -2.003  1.119   -2.659  1.00 33.65  ? 79  ILE A HD12 1 ? 
ATOM   749  H  HD13 . ILE A 1 79  ? -3.294  1.924   -3.115  1.00 33.65  ? 79  ILE A HD13 1 ? 
ATOM   750  N  N    . MET A 1 80  ? -1.736  7.582   -3.876  1.00 35.54  ? 80  MET A N    1 ? 
ATOM   751  C  CA   . MET A 1 80  ? -2.252  8.922   -4.278  1.00 36.93  ? 80  MET A CA   1 ? 
ATOM   752  C  C    . MET A 1 80  ? -1.163  9.756   -4.989  1.00 38.50  ? 80  MET A C    1 ? 
ATOM   753  O  O    . MET A 1 80  ? -1.479  10.368  -6.012  1.00 37.18  ? 80  MET A O    1 ? 
ATOM   754  C  CB   . MET A 1 80  ? -2.803  9.697   -3.084  1.00 39.53  ? 80  MET A CB   1 ? 
ATOM   755  C  CG   . MET A 1 80  ? -4.106  9.154   -2.614  1.00 46.26  ? 80  MET A CG   1 ? 
ATOM   756  S  SD   . MET A 1 80  ? -4.713  10.133  -1.225  1.00 51.43  ? 80  MET A SD   1 ? 
ATOM   757  C  CE   . MET A 1 80  ? -3.752  9.410   0.085   1.00 51.14  ? 80  MET A CE   1 ? 
ATOM   758  H  H    . MET A 1 80  ? -1.554  7.398   -2.900  1.00 35.54  ? 80  MET A H    1 ? 
ATOM   759  H  HA   . MET A 1 80  ? -2.995  8.794   -4.913  1.00 36.93  ? 80  MET A HA   1 ? 
ATOM   760  H  HB2  . MET A 1 80  ? -2.151  9.657   -2.356  1.00 39.53  ? 80  MET A HB2  1 ? 
ATOM   761  H  HB3  . MET A 1 80  ? -2.912  10.634  -3.342  1.00 39.53  ? 80  MET A HB3  1 ? 
ATOM   762  H  HG2  . MET A 1 80  ? -4.751  9.178   -3.353  1.00 46.26  ? 80  MET A HG2  1 ? 
ATOM   763  H  HG3  . MET A 1 80  ? -3.988  8.219   -2.344  1.00 46.26  ? 80  MET A HG3  1 ? 
ATOM   764  H  HE1  . MET A 1 80  ? -3.970  9.840   0.916   1.00 51.14  ? 80  MET A HE1  1 ? 
ATOM   765  H  HE2  . MET A 1 80  ? -3.951  8.472   0.147   1.00 51.14  ? 80  MET A HE2  1 ? 
ATOM   766  H  HE3  . MET A 1 80  ? -2.812  9.528   -0.102  1.00 51.14  ? 80  MET A HE3  1 ? 
ATOM   767  N  N    . VAL A 1 81  ? 0.067   9.811   -4.475  1.00 38.10  ? 81  VAL A N    1 ? 
ATOM   768  C  CA   . VAL A 1 81  ? 1.128   10.678  -5.075  1.00 42.41  ? 81  VAL A CA   1 ? 
ATOM   769  C  C    . VAL A 1 81  ? 1.575   10.076  -6.423  1.00 44.05  ? 81  VAL A C    1 ? 
ATOM   770  O  O    . VAL A 1 81  ? 1.879   10.877  -7.314  1.00 40.54  ? 81  VAL A O    1 ? 
ATOM   771  C  CB   . VAL A 1 81  ? 2.328   10.939  -4.141  1.00 39.61  ? 81  VAL A CB   1 ? 
ATOM   772  C  CG1  . VAL A 1 81  ? 3.183   9.691   -3.906  1.00 41.52  ? 81  VAL A CG1  1 ? 
ATOM   773  C  CG2  . VAL A 1 81  ? 3.184   12.084  -4.673  1.00 41.02  ? 81  VAL A CG2  1 ? 
ATOM   774  H  H    . VAL A 1 81  ? 0.287   9.254   -3.661  1.00 38.10  ? 81  VAL A H    1 ? 
ATOM   775  H  HA   . VAL A 1 81  ? 0.746   11.558  -5.244  1.00 42.41  ? 81  VAL A HA   1 ? 
ATOM   776  H  HB   . VAL A 1 81  ? 1.963   11.210  -3.263  1.00 39.61  ? 81  VAL A HB   1 ? 
ATOM   777  H  HG11 . VAL A 1 81  ? 2.638   8.995   -3.499  1.00 41.52  ? 81  VAL A HG11 1 ? 
ATOM   778  H  HG12 . VAL A 1 81  ? 3.923   9.910   -3.313  1.00 41.52  ? 81  VAL A HG12 1 ? 
ATOM   779  H  HG13 . VAL A 1 81  ? 3.533   9.372   -4.755  1.00 41.52  ? 81  VAL A HG13 1 ? 
ATOM   780  H  HG21 . VAL A 1 81  ? 3.518   11.856  -5.559  1.00 41.02  ? 81  VAL A HG21 1 ? 
ATOM   781  H  HG22 . VAL A 1 81  ? 3.935   12.235  -4.073  1.00 41.02  ? 81  VAL A HG22 1 ? 
ATOM   782  H  HG23 . VAL A 1 81  ? 2.646   12.893  -4.729  1.00 41.02  ? 81  VAL A HG23 1 ? 
ATOM   783  N  N    . LYS A 1 82  ? 1.598   8.737   -6.556  1.00 41.60  ? 82  LYS A N    1 ? 
ATOM   784  C  CA   . LYS A 1 82  ? 1.998   8.029   -7.795  1.00 42.27  ? 82  LYS A CA   1 ? 
ATOM   785  C  C    . LYS A 1 82  ? 0.797   7.879   -8.739  1.00 41.57  ? 82  LYS A C    1 ? 
ATOM   786  O  O    . LYS A 1 82  ? 1.026   7.364   -9.835  1.00 42.36  ? 82  LYS A O    1 ? 
ATOM   787  C  CB   . LYS A 1 82  ? 2.646   6.681   -7.462  1.00 40.77  ? 82  LYS A CB   1 ? 
ATOM   788  C  CG   . LYS A 1 82  ? 3.917   6.727   -6.607  1.00 46.23  ? 82  LYS A CG   1 ? 
ATOM   789  C  CD   . LYS A 1 82  ? 5.115   7.480   -7.179  1.00 44.88  ? 82  LYS A CD   1 ? 
ATOM   790  C  CE   . LYS A 1 82  ? 5.724   6.824   -8.401  1.00 57.09  ? 82  LYS A CE   1 ? 
ATOM   791  N  NZ   . LYS A 1 82  ? 6.603   5.675   -8.061  1.00 58.96  ? 82  LYS A NZ   1 ? 
ATOM   792  H  H    . LYS A 1 82  ? 1.320   8.198   -5.748  1.00 41.60  ? 82  LYS A H    1 ? 
ATOM   793  H  HA   . LYS A 1 82  ? 2.685   8.566   -8.253  1.00 42.27  ? 82  LYS A HA   1 ? 
ATOM   794  H  HB2  . LYS A 1 82  ? 1.987   6.125   -6.997  1.00 40.77  ? 82  LYS A HB2  1 ? 
ATOM   795  H  HB3  . LYS A 1 82  ? 2.862   6.223   -8.301  1.00 40.77  ? 82  LYS A HB3  1 ? 
ATOM   796  H  HG2  . LYS A 1 82  ? 3.701   7.148   -5.748  1.00 46.23  ? 82  LYS A HG2  1 ? 
ATOM   797  H  HG3  . LYS A 1 82  ? 4.214   5.808   -6.438  1.00 46.23  ? 82  LYS A HG3  1 ? 
ATOM   798  H  HD2  . LYS A 1 82  ? 4.836   8.389   -7.420  1.00 44.88  ? 82  LYS A HD2  1 ? 
ATOM   799  H  HD3  . LYS A 1 82  ? 5.808   7.553   -6.488  1.00 44.88  ? 82  LYS A HD3  1 ? 
ATOM   800  H  HE2  . LYS A 1 82  ? 5.012   6.504   -8.988  1.00 57.09  ? 82  LYS A HE2  1 ? 
ATOM   801  H  HE3  . LYS A 1 82  ? 6.250   7.479   -8.897  1.00 57.09  ? 82  LYS A HE3  1 ? 
ATOM   802  H  HZ1  . LYS A 1 82  ? 7.283   5.956   -7.531  1.00 58.96  ? 82  LYS A HZ1  1 ? 
ATOM   803  H  HZ2  . LYS A 1 82  ? 6.942   5.313   -8.821  1.00 58.96  ? 82  LYS A HZ2  1 ? 
ATOM   804  H  HZ3  . LYS A 1 82  ? 6.125   5.044   -7.620  1.00 58.96  ? 82  LYS A HZ3  1 ? 
ATOM   805  N  N    . GLN A 1 83  ? -0.411  8.295   -8.322  1.00 44.59  ? 83  GLN A N    1 ? 
ATOM   806  C  CA   . GLN A 1 83  ? -1.677  8.244   -9.111  1.00 45.77  ? 83  GLN A CA   1 ? 
ATOM   807  C  C    . GLN A 1 83  ? -1.824  6.834   -9.682  1.00 44.75  ? 83  GLN A C    1 ? 
ATOM   808  O  O    . GLN A 1 83  ? -1.975  6.689   -10.909 1.00 38.22  ? 83  GLN A O    1 ? 
ATOM   809  C  CB   . GLN A 1 83  ? -1.676  9.259   -10.262 1.00 51.98  ? 83  GLN A CB   1 ? 
ATOM   810  C  CG   . GLN A 1 83  ? -1.511  10.710  -9.832  1.00 60.70  ? 83  GLN A CG   1 ? 
ATOM   811  C  CD   . GLN A 1 83  ? -2.845  11.388  -9.634  1.00 69.74  ? 83  GLN A CD   1 ? 
ATOM   812  O  OE1  . GLN A 1 83  ? -3.343  12.074  -10.527 1.00 74.37  ? 83  GLN A OE1  1 ? 
ATOM   813  N  NE2  . GLN A 1 83  ? -3.438  11.191  -8.463  1.00 70.10  ? 83  GLN A NE2  1 ? 
ATOM   814  H  H    . GLN A 1 83  ? -0.430  8.671   -7.385  1.00 44.59  ? 83  GLN A H    1 ? 
ATOM   815  H  HA   . GLN A 1 83  ? -2.430  8.432   -8.505  1.00 45.77  ? 83  GLN A HA   1 ? 
ATOM   816  H  HB2  . GLN A 1 83  ? -0.948  9.032   -10.877 1.00 51.98  ? 83  GLN A HB2  1 ? 
ATOM   817  H  HB3  . GLN A 1 83  ? -2.520  9.174   -10.753 1.00 51.98  ? 83  GLN A HB3  1 ? 
ATOM   818  H  HG2  . GLN A 1 83  ? -1.001  10.743  -8.995  1.00 60.70  ? 83  GLN A HG2  1 ? 
ATOM   819  H  HG3  . GLN A 1 83  ? -0.999  11.193  -10.516 1.00 60.70  ? 83  GLN A HG3  1 ? 
ATOM   820  N  N    . LEU A 1 84  ? -1.770  5.819   -8.825  1.00 39.18  ? 84  LEU A N    1 ? 
ATOM   821  C  CA   . LEU A 1 84  ? -1.915  4.415   -9.255  1.00 37.76  ? 84  LEU A CA   1 ? 
ATOM   822  C  C    . LEU A 1 84  ? -3.400  4.049   -9.353  1.00 40.69  ? 84  LEU A C    1 ? 
ATOM   823  O  O    . LEU A 1 84  ? -3.703  2.967   -9.900  1.00 42.53  ? 84  LEU A O    1 ? 
ATOM   824  C  CB   . LEU A 1 84  ? -1.142  3.500   -8.295  1.00 37.41  ? 84  LEU A CB   1 ? 
ATOM   825  C  CG   . LEU A 1 84  ? 0.373   3.709   -8.267  1.00 41.29  ? 84  LEU A CG   1 ? 
ATOM   826  C  CD1  . LEU A 1 84  ? 1.054   2.616   -7.459  1.00 42.50  ? 84  LEU A CD1  1 ? 
ATOM   827  C  CD2  . LEU A 1 84  ? 0.971   3.802   -9.674  1.00 42.33  ? 84  LEU A CD2  1 ? 
ATOM   828  H  H    . LEU A 1 84  ? -1.625  6.022   -7.847  1.00 39.18  ? 84  LEU A H    1 ? 
ATOM   829  H  HA   . LEU A 1 84  ? -1.510  4.318   -10.148 1.00 37.76  ? 84  LEU A HA   1 ? 
ATOM   830  H  HB2  . LEU A 1 84  ? -1.492  3.636   -7.391  1.00 37.41  ? 84  LEU A HB2  1 ? 
ATOM   831  H  HB3  . LEU A 1 84  ? -1.323  2.571   -8.543  1.00 37.41  ? 84  LEU A HB3  1 ? 
ATOM   832  H  HG   . LEU A 1 84  ? 0.555   4.567   -7.811  1.00 41.29  ? 84  LEU A HG   1 ? 
ATOM   833  H  HD11 . LEU A 1 84  ? 0.718   2.630   -6.547  1.00 42.50  ? 84  LEU A HD11 1 ? 
ATOM   834  H  HD12 . LEU A 1 84  ? 2.015   2.767   -7.455  1.00 42.50  ? 84  LEU A HD12 1 ? 
ATOM   835  H  HD13 . LEU A 1 84  ? 0.865   1.750   -7.860  1.00 42.50  ? 84  LEU A HD13 1 ? 
ATOM   836  H  HD21 . LEU A 1 84  ? 0.789   2.979   -10.159 1.00 42.33  ? 84  LEU A HD21 1 ? 
ATOM   837  H  HD22 . LEU A 1 84  ? 1.933   3.935   -9.609  1.00 42.33  ? 84  LEU A HD22 1 ? 
ATOM   838  H  HD23 . LEU A 1 84  ? 0.572   4.552   -10.147 1.00 42.33  ? 84  LEU A HD23 1 ? 
ATOM   839  N  N    . TYR A 1 85  ? -4.320  4.885   -8.867  1.00 40.35  ? 85  TYR A N    1 ? 
ATOM   840  C  CA   . TYR A 1 85  ? -5.748  4.479   -8.825  1.00 42.30  ? 85  TYR A CA   1 ? 
ATOM   841  C  C    . TYR A 1 85  ? -6.444  4.950   -10.107 1.00 46.63  ? 85  TYR A C    1 ? 
ATOM   842  O  O    . TYR A 1 85  ? -6.009  5.922   -10.730 1.00 41.30  ? 85  TYR A O    1 ? 
ATOM   843  C  CB   . TYR A 1 85  ? -6.447  4.934   -7.536  1.00 43.15  ? 85  TYR A CB   1 ? 
ATOM   844  C  CG   . TYR A 1 85  ? -6.599  6.420   -7.372  1.00 43.87  ? 85  TYR A CG   1 ? 
ATOM   845  C  CD1  . TYR A 1 85  ? -7.717  7.081   -7.855  1.00 46.40  ? 85  TYR A CD1  1 ? 
ATOM   846  C  CD2  . TYR A 1 85  ? -5.635  7.166   -6.722  1.00 42.46  ? 85  TYR A CD2  1 ? 
ATOM   847  C  CE1  . TYR A 1 85  ? -7.849  8.455   -7.718  1.00 49.41  ? 85  TYR A CE1  1 ? 
ATOM   848  C  CE2  . TYR A 1 85  ? -5.757  8.533   -6.558  1.00 42.23  ? 85  TYR A CE2  1 ? 
ATOM   849  C  CZ   . TYR A 1 85  ? -6.873  9.176   -7.055  1.00 48.35  ? 85  TYR A CZ   1 ? 
ATOM   850  O  OH   . TYR A 1 85  ? -7.011  10.517  -6.905  1.00 53.09  ? 85  TYR A OH   1 ? 
ATOM   851  H  H    . TYR A 1 85  ? -4.057  5.798   -8.526  1.00 40.35  ? 85  TYR A H    1 ? 
ATOM   852  H  HA   . TYR A 1 85  ? -5.794  3.490   -8.786  1.00 42.30  ? 85  TYR A HA   1 ? 
ATOM   853  H  HB2  . TYR A 1 85  ? -7.337  4.526   -7.505  1.00 43.15  ? 85  TYR A HB2  1 ? 
ATOM   854  H  HB3  . TYR A 1 85  ? -5.942  4.588   -6.771  1.00 43.15  ? 85  TYR A HB3  1 ? 
ATOM   855  H  HD1  . TYR A 1 85  ? -8.392  6.589   -8.293  1.00 46.40  ? 85  TYR A HD1  1 ? 
ATOM   856  H  HD2  . TYR A 1 85  ? -4.873  6.728   -6.382  1.00 42.46  ? 85  TYR A HD2  1 ? 
ATOM   857  H  HE1  . TYR A 1 85  ? -8.615  8.893   -8.051  1.00 49.41  ? 85  TYR A HE1  1 ? 
ATOM   858  H  HE2  . TYR A 1 85  ? -5.092  9.024   -6.106  1.00 42.23  ? 85  TYR A HE2  1 ? 
ATOM   859  N  N    . ASP A 1 86  ? -7.492  4.232   -10.502 1.00 47.21  ? 86  ASP A N    1 ? 
ATOM   860  C  CA   . ASP A 1 86  ? -8.344  4.587   -11.664 1.00 45.48  ? 86  ASP A CA   1 ? 
ATOM   861  C  C    . ASP A 1 86  ? -9.242  5.748   -11.245 1.00 43.90  ? 86  ASP A C    1 ? 
ATOM   862  O  O    . ASP A 1 86  ? -10.072 5.538   -10.323 1.00 46.28  ? 86  ASP A O    1 ? 
ATOM   863  C  CB   . ASP A 1 86  ? -9.186  3.394   -12.119 1.00 47.82  ? 86  ASP A CB   1 ? 
ATOM   864  C  CG   . ASP A 1 86  ? -9.957  3.635   -13.412 1.00 48.95  ? 86  ASP A CG   1 ? 
ATOM   865  O  OD1  . ASP A 1 86  ? -10.382 2.647   -14.006 1.00 48.90  ? 86  ASP A OD1  1 ? 
ATOM   866  O  OD2  . ASP A 1 86  ? -10.136 4.806   -13.797 1.00 48.06  ? 86  ASP A OD2  1 ? 
ATOM   867  H  H    . ASP A 1 86  ? -7.706  3.400   -9.969  1.00 47.21  ? 86  ASP A H    1 ? 
ATOM   868  H  HA   . ASP A 1 86  ? -7.760  4.873   -12.405 1.00 45.48  ? 86  ASP A HA   1 ? 
ATOM   869  H  HB2  . ASP A 1 86  ? -8.589  2.633   -12.269 1.00 47.82  ? 86  ASP A HB2  1 ? 
ATOM   870  H  HB3  . ASP A 1 86  ? -9.841  3.191   -11.419 1.00 47.82  ? 86  ASP A HB3  1 ? 
ATOM   871  N  N    . GLN A 1 87  ? -9.071  6.904   -11.897 1.00 51.57  ? 87  GLN A N    1 ? 
ATOM   872  C  CA   . GLN A 1 87  ? -9.893  8.140   -11.722 1.00 56.56  ? 87  GLN A CA   1 ? 
ATOM   873  C  C    . GLN A 1 87  ? -11.377 7.747   -11.755 1.00 53.83  ? 87  GLN A C    1 ? 
ATOM   874  O  O    . GLN A 1 87  ? -12.110 8.165   -10.843 1.00 59.04  ? 87  GLN A O    1 ? 
ATOM   875  C  CB   . GLN A 1 87  ? -9.575  9.159   -12.823 1.00 66.94  ? 87  GLN A CB   1 ? 
ATOM   876  C  CG   . GLN A 1 87  ? -8.091  9.462   -13.008 1.00 71.78  ? 87  GLN A CG   1 ? 
ATOM   877  C  CD   . GLN A 1 87  ? -7.696  10.768  -12.367 1.00 88.21  ? 87  GLN A CD   1 ? 
ATOM   878  O  OE1  . GLN A 1 87  ? -6.892  11.528  -12.912 1.00 101.55 ? 87  GLN A OE1  1 ? 
ATOM   879  N  NE2  . GLN A 1 87  ? -8.276  11.039  -11.206 1.00 84.25  ? 87  GLN A NE2  1 ? 
ATOM   880  H  H    . GLN A 1 87  ? -8.308  6.909   -12.559 1.00 51.57  ? 87  GLN A H    1 ? 
ATOM   881  H  HA   . GLN A 1 87  ? -9.682  8.533   -10.844 1.00 56.56  ? 87  GLN A HA   1 ? 
ATOM   882  H  HB2  . GLN A 1 87  ? -9.931  8.822   -13.672 1.00 66.94  ? 87  GLN A HB2  1 ? 
ATOM   883  H  HB3  . GLN A 1 87  ? -10.039 9.996   -12.617 1.00 66.94  ? 87  GLN A HB3  1 ? 
ATOM   884  H  HG2  . GLN A 1 87  ? -7.562  8.737   -12.613 1.00 71.78  ? 87  GLN A HG2  1 ? 
ATOM   885  H  HG3  . GLN A 1 87  ? -7.886  9.499   -13.967 1.00 71.78  ? 87  GLN A HG3  1 ? 
ATOM   886  N  N    . GLN A 1 88  ? -11.770 6.921   -12.736 1.00 50.83  ? 88  GLN A N    1 ? 
ATOM   887  C  CA   . GLN A 1 88  ? -13.157 6.414   -12.971 1.00 55.40  ? 88  GLN A CA   1 ? 
ATOM   888  C  C    . GLN A 1 88  ? -13.581 5.448   -11.859 1.00 56.69  ? 88  GLN A C    1 ? 
ATOM   889  O  O    . GLN A 1 88  ? -14.759 5.433   -11.508 1.00 57.32  ? 88  GLN A O    1 ? 
ATOM   890  C  CB   . GLN A 1 88  ? -13.271 5.666   -14.305 1.00 58.15  ? 88  GLN A CB   1 ? 
ATOM   891  C  CG   . GLN A 1 88  ? -13.655 6.525   -15.503 1.00 67.17  ? 88  GLN A CG   1 ? 
ATOM   892  C  CD   . GLN A 1 88  ? -13.268 7.974   -15.345 1.00 73.73  ? 88  GLN A CD   1 ? 
ATOM   893  O  OE1  . GLN A 1 88  ? -12.091 8.330   -15.432 1.00 81.75  ? 88  GLN A OE1  1 ? 
ATOM   894  N  NE2  . GLN A 1 88  ? -14.265 8.819   -15.102 1.00 65.67  ? 88  GLN A NE2  1 ? 
ATOM   895  H  H    . GLN A 1 88  ? -11.028 6.633   -13.359 1.00 50.83  ? 88  GLN A H    1 ? 
ATOM   896  H  HA   . GLN A 1 88  ? -13.775 7.181   -12.961 1.00 55.40  ? 88  GLN A HA   1 ? 
ATOM   897  H  HB2  . GLN A 1 88  ? -12.410 5.238   -14.497 1.00 58.15  ? 88  GLN A HB2  1 ? 
ATOM   898  H  HB3  . GLN A 1 88  ? -13.941 4.957   -14.208 1.00 58.15  ? 88  GLN A HB3  1 ? 
ATOM   899  H  HG2  . GLN A 1 88  ? -13.218 6.171   -16.308 1.00 67.17  ? 88  GLN A HG2  1 ? 
ATOM   900  H  HG3  . GLN A 1 88  ? -14.625 6.474   -15.639 1.00 67.17  ? 88  GLN A HG3  1 ? 
ATOM   901  N  N    . GLU A 1 89  ? -12.659 4.630   -11.357 1.00 54.90  ? 89  GLU A N    1 ? 
ATOM   902  C  CA   . GLU A 1 89  ? -12.981 3.415   -10.573 1.00 48.70  ? 89  GLU A CA   1 ? 
ATOM   903  C  C    . GLU A 1 89  ? -11.998 3.357   -9.410  1.00 50.06  ? 89  GLU A C    1 ? 
ATOM   904  O  O    . GLU A 1 89  ? -11.099 2.502   -9.453  1.00 43.66  ? 89  GLU A O    1 ? 
ATOM   905  C  CB   . GLU A 1 89  ? -12.826 2.162   -11.442 1.00 51.80  ? 89  GLU A CB   1 ? 
ATOM   906  C  CG   . GLU A 1 89  ? -13.850 2.013   -12.557 1.00 56.65  ? 89  GLU A CG   1 ? 
ATOM   907  C  CD   . GLU A 1 89  ? -15.302 1.907   -12.105 1.00 53.93  ? 89  GLU A CD   1 ? 
ATOM   908  O  OE1  . GLU A 1 89  ? -16.180 2.162   -12.937 1.00 59.85  ? 89  GLU A OE1  1 ? 
ATOM   909  O  OE2  . GLU A 1 89  ? -15.556 1.586   -10.919 1.00 55.91  ? 89  GLU A OE2  1 ? 
ATOM   910  H  H    . GLU A 1 89  ? -11.691 4.863   -11.528 1.00 54.90  ? 89  GLU A H    1 ? 
ATOM   911  H  HA   . GLU A 1 89  ? -13.900 3.500   -10.229 1.00 48.70  ? 89  GLU A HA   1 ? 
ATOM   912  H  HB2  . GLU A 1 89  ? -11.936 2.174   -11.850 1.00 51.80  ? 89  GLU A HB2  1 ? 
ATOM   913  H  HB3  . GLU A 1 89  ? -12.892 1.373   -10.864 1.00 51.80  ? 89  GLU A HB3  1 ? 
ATOM   914  H  HG2  . GLU A 1 89  ? -13.776 2.783   -13.161 1.00 56.65  ? 89  GLU A HG2  1 ? 
ATOM   915  H  HG3  . GLU A 1 89  ? -13.636 1.210   -13.078 1.00 56.65  ? 89  GLU A HG3  1 ? 
ATOM   916  N  N    . GLN A 1 90  ? -12.181 4.225   -8.423  1.00 47.23  ? 90  GLN A N    1 ? 
ATOM   917  C  CA   . GLN A 1 90  ? -11.108 4.621   -7.479  1.00 50.63  ? 90  GLN A CA   1 ? 
ATOM   918  C  C    . GLN A 1 90  ? -10.853 3.537   -6.434  1.00 48.92  ? 90  GLN A C    1 ? 
ATOM   919  O  O    . GLN A 1 90  ? -9.921  3.736   -5.640  1.00 52.85  ? 90  GLN A O    1 ? 
ATOM   920  C  CB   . GLN A 1 90  ? -11.456 5.983   -6.892  1.00 51.74  ? 90  GLN A CB   1 ? 
ATOM   921  C  CG   . GLN A 1 90  ? -11.463 7.057   -7.970  1.00 53.90  ? 90  GLN A CG   1 ? 
ATOM   922  C  CD   . GLN A 1 90  ? -11.452 8.468   -7.443  1.00 58.17  ? 90  GLN A CD   1 ? 
ATOM   923  O  OE1  . GLN A 1 90  ? -11.270 8.714   -6.259  1.00 59.38  ? 90  GLN A OE1  1 ? 
ATOM   924  N  NE2  . GLN A 1 90  ? -11.635 9.420   -8.344  1.00 62.76  ? 90  GLN A NE2  1 ? 
ATOM   925  H  H    . GLN A 1 90  ? -13.101 4.630   -8.320  1.00 47.23  ? 90  GLN A H    1 ? 
ATOM   926  H  HA   . GLN A 1 90  ? -10.275 4.748   -7.989  1.00 50.63  ? 90  GLN A HA   1 ? 
ATOM   927  H  HB2  . GLN A 1 90  ? -12.336 5.922   -6.463  1.00 51.74  ? 90  GLN A HB2  1 ? 
ATOM   928  H  HB3  . GLN A 1 90  ? -10.799 6.200   -6.197  1.00 51.74  ? 90  GLN A HB3  1 ? 
ATOM   929  H  HG2  . GLN A 1 90  ? -10.676 6.942   -8.544  1.00 53.90  ? 90  GLN A HG2  1 ? 
ATOM   930  H  HG3  . GLN A 1 90  ? -12.263 6.949   -8.528  1.00 53.90  ? 90  GLN A HG3  1 ? 
ATOM   931  N  N    . HIS A 1 91  ? -11.584 2.418   -6.471  1.00 45.84  ? 91  HIS A N    1 ? 
ATOM   932  C  CA   . HIS A 1 91  ? -11.274 1.187   -5.685  1.00 46.27  ? 91  HIS A CA   1 ? 
ATOM   933  C  C    . HIS A 1 91  ? -10.197 0.365   -6.420  1.00 42.41  ? 91  HIS A C    1 ? 
ATOM   934  O  O    . HIS A 1 91  ? -9.561  -0.503  -5.791  1.00 42.10  ? 91  HIS A O    1 ? 
ATOM   935  C  CB   . HIS A 1 91  ? -12.556 0.382   -5.401  1.00 46.43  ? 91  HIS A CB   1 ? 
ATOM   936  C  CG   . HIS A 1 91  ? -13.177 -0.197  -6.623  1.00 54.28  ? 91  HIS A CG   1 ? 
ATOM   937  N  ND1  . HIS A 1 91  ? -14.020 0.538   -7.441  1.00 55.64  ? 91  HIS A ND1  1 ? 
ATOM   938  C  CD2  . HIS A 1 91  ? -13.050 -1.418  -7.200  1.00 59.03  ? 91  HIS A CD2  1 ? 
ATOM   939  C  CE1  . HIS A 1 91  ? -14.383 -0.204  -8.469  1.00 51.24  ? 91  HIS A CE1  1 ? 
ATOM   940  N  NE2  . HIS A 1 91  ? -13.799 -1.417  -8.345  1.00 54.19  ? 91  HIS A NE2  1 ? 
ATOM   941  H  H    . HIS A 1 91  ? -12.393 2.426   -7.076  1.00 45.84  ? 91  HIS A H    1 ? 
ATOM   942  H  HA   . HIS A 1 91  ? -10.910 1.465   -4.811  1.00 46.27  ? 91  HIS A HA   1 ? 
ATOM   943  H  HB2  . HIS A 1 91  ? -12.340 -0.347  -4.778  1.00 46.43  ? 91  HIS A HB2  1 ? 
ATOM   944  H  HB3  . HIS A 1 91  ? -13.208 0.973   -4.962  1.00 46.43  ? 91  HIS A HB3  1 ? 
ATOM   945  H  HD2  . HIS A 1 91  ? -12.539 -2.136  -6.874  1.00 59.03  ? 91  HIS A HD2  1 ? 
ATOM   946  H  HE1  . HIS A 1 91  ? -14.953 0.066   -9.168  1.00 51.24  ? 91  HIS A HE1  1 ? 
ATOM   947  N  N    . MET A 1 92  ? -9.997  0.608   -7.718  1.00 45.00  ? 92  MET A N    1 ? 
ATOM   948  C  CA   . MET A 1 92  ? -8.990  -0.125  -8.538  1.00 45.81  ? 92  MET A CA   1 ? 
ATOM   949  C  C    . MET A 1 92  ? -7.638  0.594   -8.464  1.00 42.06  ? 92  MET A C    1 ? 
ATOM   950  O  O    . MET A 1 92  ? -7.570  1.801   -8.796  1.00 42.42  ? 92  MET A O    1 ? 
ATOM   951  C  CB   . MET A 1 92  ? -9.427  -0.227  -9.997  1.00 45.77  ? 92  MET A CB   1 ? 
ATOM   952  C  CG   . MET A 1 92  ? -10.622 -1.147  -10.196 1.00 50.44  ? 92  MET A CG   1 ? 
ATOM   953  S  SD   . MET A 1 92  ? -10.271 -2.927  -9.920  1.00 49.75  ? 92  MET A SD   1 ? 
ATOM   954  C  CE   . MET A 1 92  ? -8.507  -3.082  -10.169 1.00 43.86  ? 92  MET A CE   1 ? 
ATOM   955  H  H    . MET A 1 92  ? -10.559 1.324   -8.154  1.00 45.00  ? 92  MET A H    1 ? 
ATOM   956  H  HA   . MET A 1 92  ? -8.884  -1.032  -8.165  1.00 45.81  ? 92  MET A HA   1 ? 
ATOM   957  H  HB2  . MET A 1 92  ? -9.653  0.669   -10.319 1.00 45.77  ? 92  MET A HB2  1 ? 
ATOM   958  H  HB3  . MET A 1 92  ? -8.675  -0.558  -10.527 1.00 45.77  ? 92  MET A HB3  1 ? 
ATOM   959  H  HG2  . MET A 1 92  ? -11.339 -0.883  -9.580  1.00 50.44  ? 92  MET A HG2  1 ? 
ATOM   960  H  HG3  . MET A 1 92  ? -10.957 -1.046  -11.112 1.00 50.44  ? 92  MET A HG3  1 ? 
ATOM   961  H  HE1  . MET A 1 92  ? -8.245  -3.996  -10.040 1.00 43.86  ? 92  MET A HE1  1 ? 
ATOM   962  H  HE2  . MET A 1 92  ? -8.285  -2.807  -11.062 1.00 43.86  ? 92  MET A HE2  1 ? 
ATOM   963  H  HE3  . MET A 1 92  ? -8.043  -2.521  -9.535  1.00 43.86  ? 92  MET A HE3  1 ? 
ATOM   964  N  N    . VAL A 1 93  ? -6.604  -0.144  -8.077  1.00 39.84  ? 93  VAL A N    1 ? 
ATOM   965  C  CA   . VAL A 1 93  ? -5.183  0.323   -8.049  1.00 41.06  ? 93  VAL A CA   1 ? 
ATOM   966  C  C    . VAL A 1 93  ? -4.437  -0.439  -9.138  1.00 36.87  ? 93  VAL A C    1 ? 
ATOM   967  O  O    . VAL A 1 93  ? -4.394  -1.660  -9.049  1.00 35.82  ? 93  VAL A O    1 ? 
ATOM   968  C  CB   . VAL A 1 93  ? -4.554  0.092   -6.662  1.00 39.56  ? 93  VAL A CB   1 ? 
ATOM   969  C  CG1  . VAL A 1 93  ? -3.080  0.469   -6.627  1.00 38.53  ? 93  VAL A CG1  1 ? 
ATOM   970  C  CG2  . VAL A 1 93  ? -5.356  0.806   -5.580  1.00 36.50  ? 93  VAL A CG2  1 ? 
ATOM   971  H  H    . VAL A 1 93  ? -6.818  -1.087  -7.783  1.00 39.84  ? 93  VAL A H    1 ? 
ATOM   972  H  HA   . VAL A 1 93  ? -5.169  1.275   -8.256  1.00 41.06  ? 93  VAL A HA   1 ? 
ATOM   973  H  HB   . VAL A 1 93  ? -4.593  -0.880  -6.481  1.00 39.56  ? 93  VAL A HB   1 ? 
ATOM   974  H  HG11 . VAL A 1 93  ? -2.592  -0.069  -7.274  1.00 38.53  ? 93  VAL A HG11 1 ? 
ATOM   975  H  HG12 . VAL A 1 93  ? -2.724  0.308   -5.736  1.00 38.53  ? 93  VAL A HG12 1 ? 
ATOM   976  H  HG13 . VAL A 1 93  ? -2.981  1.411   -6.850  1.00 38.53  ? 93  VAL A HG13 1 ? 
ATOM   977  H  HG21 . VAL A 1 93  ? -5.370  1.761   -5.763  1.00 36.50  ? 93  VAL A HG21 1 ? 
ATOM   978  H  HG22 . VAL A 1 93  ? -4.944  0.647   -4.713  1.00 36.50  ? 93  VAL A HG22 1 ? 
ATOM   979  H  HG23 . VAL A 1 93  ? -6.267  0.465   -5.571  1.00 36.50  ? 93  VAL A HG23 1 ? 
ATOM   980  N  N    . TYR A 1 94  ? -3.938  0.265   -10.153 1.00 36.04  ? 94  TYR A N    1 ? 
ATOM   981  C  CA   . TYR A 1 94  ? -3.135  -0.301  -11.269 1.00 38.04  ? 94  TYR A CA   1 ? 
ATOM   982  C  C    . TYR A 1 94  ? -1.662  -0.064  -10.926 1.00 39.31  ? 94  TYR A C    1 ? 
ATOM   983  O  O    . TYR A 1 94  ? -1.163  1.066   -11.138 1.00 38.78  ? 94  TYR A O    1 ? 
ATOM   984  C  CB   . TYR A 1 94  ? -3.619  0.286   -12.601 1.00 40.03  ? 94  TYR A CB   1 ? 
ATOM   985  C  CG   . TYR A 1 94  ? -4.990  -0.209  -13.013 1.00 39.67  ? 94  TYR A CG   1 ? 
ATOM   986  C  CD1  . TYR A 1 94  ? -6.075  0.653   -13.102 1.00 40.79  ? 94  TYR A CD1  1 ? 
ATOM   987  C  CD2  . TYR A 1 94  ? -5.201  -1.539  -13.334 1.00 40.62  ? 94  TYR A CD2  1 ? 
ATOM   988  C  CE1  . TYR A 1 94  ? -7.338  0.199   -13.449 1.00 42.23  ? 94  TYR A CE1  1 ? 
ATOM   989  C  CE2  . TYR A 1 94  ? -6.455  -2.005  -13.695 1.00 42.95  ? 94  TYR A CE2  1 ? 
ATOM   990  C  CZ   . TYR A 1 94  ? -7.525  -1.133  -13.751 1.00 40.87  ? 94  TYR A CZ   1 ? 
ATOM   991  O  OH   . TYR A 1 94  ? -8.761  -1.569  -14.110 1.00 44.70  ? 94  TYR A OH   1 ? 
ATOM   992  H  H    . TYR A 1 94  ? -4.134  1.256   -10.140 1.00 36.04  ? 94  TYR A H    1 ? 
ATOM   993  H  HA   . TYR A 1 94  ? -3.311  -1.275  -11.323 1.00 38.04  ? 94  TYR A HA   1 ? 
ATOM   994  H  HB2  . TYR A 1 94  ? -3.631  1.262   -12.522 1.00 40.03  ? 94  TYR A HB2  1 ? 
ATOM   995  H  HB3  . TYR A 1 94  ? -2.965  0.058   -13.295 1.00 40.03  ? 94  TYR A HB3  1 ? 
ATOM   996  H  HD1  . TYR A 1 94  ? -5.956  1.567   -12.902 1.00 40.79  ? 94  TYR A HD1  1 ? 
ATOM   997  H  HD2  . TYR A 1 94  ? -4.477  -2.142  -13.307 1.00 40.62  ? 94  TYR A HD2  1 ? 
ATOM   998  H  HE1  . TYR A 1 94  ? -8.061  0.803   -13.504 1.00 42.23  ? 94  TYR A HE1  1 ? 
ATOM   999  H  HE2  . TYR A 1 94  ? -6.578  -2.917  -13.900 1.00 42.95  ? 94  TYR A HE2  1 ? 
ATOM   1000 N  N    . CYS A 1 95  ? -1.035  -1.080  -10.325 1.00 36.46  ? 95  CYS A N    1 ? 
ATOM   1001 C  CA   . CYS A 1 95  ? 0.265   -0.974  -9.616  1.00 41.23  ? 95  CYS A CA   1 ? 
ATOM   1002 C  C    . CYS A 1 95  ? 1.385   -1.620  -10.444 1.00 38.14  ? 95  CYS A C    1 ? 
ATOM   1003 O  O    . CYS A 1 95  ? 2.540   -1.549  -10.009 1.00 41.23  ? 95  CYS A O    1 ? 
ATOM   1004 C  CB   . CYS A 1 95  ? 0.169   -1.571  -8.205  1.00 37.20  ? 95  CYS A CB   1 ? 
ATOM   1005 S  SG   . CYS A 1 95  ? -0.481  -3.255  -8.095  1.00 41.90  ? 95  CYS A SG   1 ? 
ATOM   1006 H  H    . CYS A 1 95  ? -1.500  -1.976  -10.369 1.00 36.46  ? 95  CYS A H    1 ? 
ATOM   1007 H  HA   . CYS A 1 95  ? 0.476   -0.018  -9.509  1.00 41.23  ? 95  CYS A HA   1 ? 
ATOM   1008 H  HB2  . CYS A 1 95  ? 1.060   -1.579  -7.799  1.00 37.20  ? 95  CYS A HB2  1 ? 
ATOM   1009 H  HB3  . CYS A 1 95  ? -0.407  -1.003  -7.656  1.00 37.20  ? 95  CYS A HB3  1 ? 
ATOM   1010 N  N    . GLY A 1 96  ? 1.051   -2.219  -11.592 1.00 41.27  ? 96  GLY A N    1 ? 
ATOM   1011 C  CA   . GLY A 1 96  ? 1.992   -2.887  -12.512 1.00 40.75  ? 96  GLY A CA   1 ? 
ATOM   1012 C  C    . GLY A 1 96  ? 3.027   -1.925  -13.050 1.00 40.82  ? 96  GLY A C    1 ? 
ATOM   1013 O  O    . GLY A 1 96  ? 2.679   -0.759  -13.313 1.00 51.32  ? 96  GLY A O    1 ? 
ATOM   1014 H  H    . GLY A 1 96  ? 0.068   -2.199  -11.823 1.00 41.27  ? 96  GLY A H    1 ? 
ATOM   1015 H  HA2  . GLY A 1 96  ? 2.446   -3.623  -12.030 1.00 40.75  ? 96  GLY A HA2  1 ? 
ATOM   1016 H  HA3  . GLY A 1 96  ? 1.485   -3.279  -13.265 1.00 40.75  ? 96  GLY A HA3  1 ? 
ATOM   1017 N  N    . GLY A 1 97  ? 4.276   -2.361  -13.206 1.00 50.42  ? 97  GLY A N    1 ? 
ATOM   1018 C  CA   . GLY A 1 97  ? 5.366   -1.436  -13.599 1.00 53.93  ? 97  GLY A CA   1 ? 
ATOM   1019 C  C    . GLY A 1 97  ? 5.383   -0.187  -12.724 1.00 49.86  ? 97  GLY A C    1 ? 
ATOM   1020 O  O    . GLY A 1 97  ? 5.673   0.899   -13.237 1.00 52.14  ? 97  GLY A O    1 ? 
ATOM   1021 H  H    . GLY A 1 97  ? 4.489   -3.337  -13.057 1.00 50.42  ? 97  GLY A H    1 ? 
ATOM   1022 H  HA2  . GLY A 1 97  ? 6.234   -1.906  -13.520 1.00 53.93  ? 97  GLY A HA2  1 ? 
ATOM   1023 H  HA3  . GLY A 1 97  ? 5.243   -1.174  -14.545 1.00 53.93  ? 97  GLY A HA3  1 ? 
ATOM   1024 N  N    . ASP A 1 98  ? 4.961   -0.334  -11.465 1.00 48.46  ? 98  ASP A N    1 ? 
ATOM   1025 C  CA   . ASP A 1 98  ? 5.434   0.469   -10.303 1.00 44.81  ? 98  ASP A CA   1 ? 
ATOM   1026 C  C    . ASP A 1 98  ? 6.058   -0.534  -9.344  1.00 40.04  ? 98  ASP A C    1 ? 
ATOM   1027 O  O    . ASP A 1 98  ? 5.593   -1.668  -9.348  1.00 39.14  ? 98  ASP A O    1 ? 
ATOM   1028 C  CB   . ASP A 1 98  ? 4.316   1.257   -9.623  1.00 43.50  ? 98  ASP A CB   1 ? 
ATOM   1029 C  CG   . ASP A 1 98  ? 4.826   2.219   -8.566  1.00 43.84  ? 98  ASP A CG   1 ? 
ATOM   1030 O  OD1  . ASP A 1 98  ? 5.004   3.422   -8.902  1.00 46.17  ? 98  ASP A OD1  1 ? 
ATOM   1031 O  OD2  . ASP A 1 98  ? 5.035   1.763   -7.422  1.00 39.42  ? 98  ASP A OD2  1 ? 
ATOM   1032 H  H    . ASP A 1 98  ? 4.267   -1.052  -11.317 1.00 48.46  ? 98  ASP A H    1 ? 
ATOM   1033 H  HA   . ASP A 1 98  ? 6.110   1.111   -10.621 1.00 44.81  ? 98  ASP A HA   1 ? 
ATOM   1034 H  HB2  . ASP A 1 98  ? 3.845   1.778   -10.305 1.00 43.50  ? 98  ASP A HB2  1 ? 
ATOM   1035 H  HB3  . ASP A 1 98  ? 3.710   0.624   -9.188  1.00 43.50  ? 98  ASP A HB3  1 ? 
ATOM   1036 N  N    . LEU A 1 99  ? 7.096   -0.153  -8.598  1.00 42.52  ? 99  LEU A N    1 ? 
ATOM   1037 C  CA   . LEU A 1 99  ? 7.735   -1.051  -7.594  1.00 46.88  ? 99  LEU A CA   1 ? 
ATOM   1038 C  C    . LEU A 1 99  ? 6.661   -1.604  -6.638  1.00 43.38  ? 99  LEU A C    1 ? 
ATOM   1039 O  O    . LEU A 1 99  ? 6.870   -2.676  -6.070  1.00 40.99  ? 99  LEU A O    1 ? 
ATOM   1040 C  CB   . LEU A 1 99  ? 8.815   -0.277  -6.826  1.00 54.23  ? 99  LEU A CB   1 ? 
ATOM   1041 C  CG   . LEU A 1 99  ? 10.185  -0.144  -7.494  1.00 57.02  ? 99  LEU A CG   1 ? 
ATOM   1042 C  CD1  . LEU A 1 99  ? 10.757  -1.495  -7.884  1.00 54.45  ? 99  LEU A CD1  1 ? 
ATOM   1043 C  CD2  . LEU A 1 99  ? 10.122  0.788   -8.692  1.00 64.75  ? 99  LEU A CD2  1 ? 
ATOM   1044 H  H    . LEU A 1 99  ? 7.458   0.782   -8.724  1.00 42.52  ? 99  LEU A H    1 ? 
ATOM   1045 H  HA   . LEU A 1 99  ? 8.151   -1.806  -8.071  1.00 46.88  ? 99  LEU A HA   1 ? 
ATOM   1046 H  HB2  . LEU A 1 99  ? 8.481   0.627   -6.653  1.00 54.23  ? 99  LEU A HB2  1 ? 
ATOM   1047 H  HB3  . LEU A 1 99  ? 8.949   -0.712  -5.961  1.00 54.23  ? 99  LEU A HB3  1 ? 
ATOM   1048 H  HG   . LEU A 1 99  ? 10.805  0.266   -6.841  1.00 57.02  ? 99  LEU A HG   1 ? 
ATOM   1049 H  HD11 . LEU A 1 99  ? 10.856  -2.047  -7.089  1.00 54.45  ? 99  LEU A HD11 1 ? 
ATOM   1050 H  HD12 . LEU A 1 99  ? 11.625  -1.371  -8.305  1.00 54.45  ? 99  LEU A HD12 1 ? 
ATOM   1051 H  HD13 . LEU A 1 99  ? 10.154  -1.934  -8.509  1.00 54.45  ? 99  LEU A HD13 1 ? 
ATOM   1052 H  HD21 . LEU A 1 99  ? 9.491   0.436   -9.343  1.00 64.75  ? 99  LEU A HD21 1 ? 
ATOM   1053 H  HD22 . LEU A 1 99  ? 11.003  0.856   -9.097  1.00 64.75  ? 99  LEU A HD22 1 ? 
ATOM   1054 H  HD23 . LEU A 1 99  ? 9.830   1.669   -8.402  1.00 64.75  ? 99  LEU A HD23 1 ? 
ATOM   1055 N  N    . LEU A 1 100 ? 5.533   -0.920  -6.435  1.00 42.35  ? 100 LEU A N    1 ? 
ATOM   1056 C  CA   . LEU A 1 100 ? 4.478   -1.473  -5.536  1.00 38.48  ? 100 LEU A CA   1 ? 
ATOM   1057 C  C    . LEU A 1 100 ? 3.902   -2.736  -6.179  1.00 37.02  ? 100 LEU A C    1 ? 
ATOM   1058 O  O    . LEU A 1 100 ? 3.729   -3.722  -5.469  1.00 38.65  ? 100 LEU A O    1 ? 
ATOM   1059 C  CB   . LEU A 1 100 ? 3.399   -0.425  -5.271  1.00 38.36  ? 100 LEU A CB   1 ? 
ATOM   1060 C  CG   . LEU A 1 100 ? 2.145   -0.916  -4.533  1.00 39.95  ? 100 LEU A CG   1 ? 
ATOM   1061 C  CD1  . LEU A 1 100 ? 2.470   -1.509  -3.162  1.00 38.71  ? 100 LEU A CD1  1 ? 
ATOM   1062 C  CD2  . LEU A 1 100 ? 1.150   0.229   -4.405  1.00 41.11  ? 100 LEU A CD2  1 ? 
ATOM   1063 H  H    . LEU A 1 100 ? 5.381   -0.028  -6.883  1.00 42.35  ? 100 LEU A H    1 ? 
ATOM   1064 H  HA   . LEU A 1 100 ? 4.893   -1.710  -4.675  1.00 38.48  ? 100 LEU A HA   1 ? 
ATOM   1065 H  HB2  . LEU A 1 100 ? 3.796   0.299   -4.748  1.00 38.36  ? 100 LEU A HB2  1 ? 
ATOM   1066 H  HB3  . LEU A 1 100 ? 3.119   -0.049  -6.129  1.00 38.36  ? 100 LEU A HB3  1 ? 
ATOM   1067 H  HG   . LEU A 1 100 ? 1.733   -1.635  -5.073  1.00 39.95  ? 100 LEU A HG   1 ? 
ATOM   1068 H  HD11 . LEU A 1 100 ? 3.071   -2.266  -3.270  1.00 38.71  ? 100 LEU A HD11 1 ? 
ATOM   1069 H  HD12 . LEU A 1 100 ? 1.648   -1.805  -2.733  1.00 38.71  ? 100 LEU A HD12 1 ? 
ATOM   1070 H  HD13 . LEU A 1 100 ? 2.897   -0.832  -2.609  1.00 38.71  ? 100 LEU A HD13 1 ? 
ATOM   1071 H  HD21 . LEU A 1 100 ? 1.557   0.958   -3.905  1.00 41.11  ? 100 LEU A HD21 1 ? 
ATOM   1072 H  HD22 . LEU A 1 100 ? 0.355   -0.082  -3.938  1.00 41.11  ? 100 LEU A HD22 1 ? 
ATOM   1073 H  HD23 . LEU A 1 100 ? 0.902   0.544   -5.292  1.00 41.11  ? 100 LEU A HD23 1 ? 
ATOM   1074 N  N    . GLY A 1 101 ? 3.679   -2.736  -7.500  1.00 40.00  ? 101 GLY A N    1 ? 
ATOM   1075 C  CA   . GLY A 1 101 ? 3.206   -3.930  -8.235  1.00 37.11  ? 101 GLY A CA   1 ? 
ATOM   1076 C  C    . GLY A 1 101 ? 4.229   -5.059  -8.217  1.00 41.72  ? 101 GLY A C    1 ? 
ATOM   1077 O  O    . GLY A 1 101 ? 3.821   -6.221  -8.108  1.00 44.42  ? 101 GLY A O    1 ? 
ATOM   1078 H  H    . GLY A 1 101 ? 3.843   -1.878  -8.008  1.00 40.00  ? 101 GLY A H    1 ? 
ATOM   1079 H  HA2  . GLY A 1 101 ? 2.363   -4.249  -7.825  1.00 37.11  ? 101 GLY A HA2  1 ? 
ATOM   1080 H  HA3  . GLY A 1 101 ? 3.015   -3.679  -9.173  1.00 37.11  ? 101 GLY A HA3  1 ? 
ATOM   1081 N  N    . GLU A 1 102 ? 5.520   -4.734  -8.351  1.00 41.79  ? 102 GLU A N    1 ? 
ATOM   1082 C  CA   . GLU A 1 102 ? 6.639   -5.699  -8.231  1.00 44.78  ? 102 GLU A CA   1 ? 
ATOM   1083 C  C    . GLU A 1 102 ? 6.602   -6.366  -6.840  1.00 41.66  ? 102 GLU A C    1 ? 
ATOM   1084 O  O    . GLU A 1 102 ? 6.633   -7.606  -6.780  1.00 40.49  ? 102 GLU A O    1 ? 
ATOM   1085 C  CB   . GLU A 1 102 ? 7.924   -4.929  -8.548  1.00 49.54  ? 102 GLU A CB   1 ? 
ATOM   1086 C  CG   . GLU A 1 102 ? 9.189   -5.691  -8.240  1.00 60.60  ? 102 GLU A CG   1 ? 
ATOM   1087 C  CD   . GLU A 1 102 ? 10.403  -5.201  -9.007  1.00 66.20  ? 102 GLU A CD   1 ? 
ATOM   1088 O  OE1  . GLU A 1 102 ? 10.214  -4.396  -9.949  1.00 75.38  ? 102 GLU A OE1  1 ? 
ATOM   1089 O  OE2  . GLU A 1 102 ? 11.521  -5.620  -8.652  1.00 64.79  ? 102 GLU A OE2  1 ? 
ATOM   1090 H  H    . GLU A 1 102 ? 5.725   -3.764  -8.546  1.00 41.79  ? 102 GLU A H    1 ? 
ATOM   1091 H  HA   . GLU A 1 102 ? 6.525   -6.396  -8.917  1.00 44.78  ? 102 GLU A HA   1 ? 
ATOM   1092 H  HB2  . GLU A 1 102 ? 7.921   -4.698  -9.501  1.00 49.54  ? 102 GLU A HB2  1 ? 
ATOM   1093 H  HB3  . GLU A 1 102 ? 7.926   -4.098  -8.029  1.00 49.54  ? 102 GLU A HB3  1 ? 
ATOM   1094 H  HG2  . GLU A 1 102 ? 9.373   -5.626  -7.279  1.00 60.60  ? 102 GLU A HG2  1 ? 
ATOM   1095 H  HG3  . GLU A 1 102 ? 9.046   -6.640  -8.447  1.00 60.60  ? 102 GLU A HG3  1 ? 
ATOM   1096 N  N    . LEU A 1 103 ? 6.485   -5.568  -5.774  1.00 42.26  ? 103 LEU A N    1 ? 
ATOM   1097 C  CA   . LEU A 1 103 ? 6.378   -6.012  -4.354  1.00 42.78  ? 103 LEU A CA   1 ? 
ATOM   1098 C  C    . LEU A 1 103 ? 5.138   -6.903  -4.153  1.00 41.22  ? 103 LEU A C    1 ? 
ATOM   1099 O  O    . LEU A 1 103 ? 5.288   -8.007  -3.571  1.00 41.67  ? 103 LEU A O    1 ? 
ATOM   1100 C  CB   . LEU A 1 103 ? 6.309   -4.768  -3.451  1.00 45.51  ? 103 LEU A CB   1 ? 
ATOM   1101 C  CG   . LEU A 1 103 ? 6.985   -4.849  -2.077  1.00 49.85  ? 103 LEU A CG   1 ? 
ATOM   1102 C  CD1  . LEU A 1 103 ? 6.193   -4.060  -1.045  1.00 48.15  ? 103 LEU A CD1  1 ? 
ATOM   1103 C  CD2  . LEU A 1 103 ? 7.222   -6.276  -1.599  1.00 45.27  ? 103 LEU A CD2  1 ? 
ATOM   1104 H  H    . LEU A 1 103 ? 6.470   -4.579  -5.983  1.00 42.26  ? 103 LEU A H    1 ? 
ATOM   1105 H  HA   . LEU A 1 103 ? 7.177   -6.545  -4.132  1.00 42.78  ? 103 LEU A HA   1 ? 
ATOM   1106 H  HB2  . LEU A 1 103 ? 6.712   -4.018  -3.931  1.00 45.51  ? 103 LEU A HB2  1 ? 
ATOM   1107 H  HB3  . LEU A 1 103 ? 5.367   -4.551  -3.300  1.00 45.51  ? 103 LEU A HB3  1 ? 
ATOM   1108 H  HG   . LEU A 1 103 ? 7.884   -4.444  -2.153  1.00 49.85  ? 103 LEU A HG   1 ? 
ATOM   1109 H  HD11 . LEU A 1 103 ? 6.142   -3.128  -1.318  1.00 48.15  ? 103 LEU A HD11 1 ? 
ATOM   1110 H  HD12 . LEU A 1 103 ? 6.635   -4.122  -0.180  1.00 48.15  ? 103 LEU A HD12 1 ? 
ATOM   1111 H  HD13 . LEU A 1 103 ? 5.294   -4.426  -0.977  1.00 48.15  ? 103 LEU A HD13 1 ? 
ATOM   1112 H  HD21 . LEU A 1 103 ? 6.370   -6.742  -1.533  1.00 45.27  ? 103 LEU A HD21 1 ? 
ATOM   1113 H  HD22 . LEU A 1 103 ? 7.652   -6.259  -0.726  1.00 45.27  ? 103 LEU A HD22 1 ? 
ATOM   1114 H  HD23 . LEU A 1 103 ? 7.795   -6.740  -2.233  1.00 45.27  ? 103 LEU A HD23 1 ? 
ATOM   1115 N  N    . LEU A 1 104 ? 3.948   -6.433  -4.573  1.00 39.60  ? 104 LEU A N    1 ? 
ATOM   1116 C  CA   . LEU A 1 104 ? 2.659   -7.196  -4.474  1.00 41.70  ? 104 LEU A CA   1 ? 
ATOM   1117 C  C    . LEU A 1 104 ? 2.682   -8.416  -5.401  1.00 39.72  ? 104 LEU A C    1 ? 
ATOM   1118 O  O    . LEU A 1 104 ? 1.937   -9.361  -5.121  1.00 44.86  ? 104 LEU A O    1 ? 
ATOM   1119 C  CB   . LEU A 1 104 ? 1.460   -6.319  -4.862  1.00 38.25  ? 104 LEU A CB   1 ? 
ATOM   1120 C  CG   . LEU A 1 104 ? 1.157   -5.142  -3.934  1.00 39.45  ? 104 LEU A CG   1 ? 
ATOM   1121 C  CD1  . LEU A 1 104 ? 0.106   -4.238  -4.565  1.00 42.20  ? 104 LEU A CD1  1 ? 
ATOM   1122 C  CD2  . LEU A 1 104 ? 0.677   -5.621  -2.595  1.00 39.22  ? 104 LEU A CD2  1 ? 
ATOM   1123 H  H    . LEU A 1 104 ? 3.942   -5.507  -4.977  1.00 39.60  ? 104 LEU A H    1 ? 
ATOM   1124 H  HA   . LEU A 1 104 ? 2.555   -7.516  -3.549  1.00 41.70  ? 104 LEU A HA   1 ? 
ATOM   1125 H  HB2  . LEU A 1 104 ? 1.616   -5.965  -5.760  1.00 38.25  ? 104 LEU A HB2  1 ? 
ATOM   1126 H  HB3  . LEU A 1 104 ? 0.665   -6.886  -4.903  1.00 38.25  ? 104 LEU A HB3  1 ? 
ATOM   1127 H  HG   . LEU A 1 104 ? 1.996   -4.636  -3.795  1.00 39.45  ? 104 LEU A HG   1 ? 
ATOM   1128 H  HD11 . LEU A 1 104 ? 0.437   -3.899  -5.415  1.00 42.20  ? 104 LEU A HD11 1 ? 
ATOM   1129 H  HD12 . LEU A 1 104 ? -0.082  -3.492  -3.968  1.00 42.20  ? 104 LEU A HD12 1 ? 
ATOM   1130 H  HD13 . LEU A 1 104 ? -0.711  -4.746  -4.715  1.00 42.20  ? 104 LEU A HD13 1 ? 
ATOM   1131 H  HD21 . LEU A 1 104 ? -0.134  -6.145  -2.709  1.00 39.22  ? 104 LEU A HD21 1 ? 
ATOM   1132 H  HD22 . LEU A 1 104 ? 0.492   -4.855  -2.023  1.00 39.22  ? 104 LEU A HD22 1 ? 
ATOM   1133 H  HD23 . LEU A 1 104 ? 1.364   -6.173  -2.182  1.00 39.22  ? 104 LEU A HD23 1 ? 
ATOM   1134 N  N    . GLY A 1 105 ? 3.461   -8.373  -6.482  1.00 39.19  ? 105 GLY A N    1 ? 
ATOM   1135 C  CA   . GLY A 1 105 ? 3.415   -9.380  -7.562  1.00 44.35  ? 105 GLY A CA   1 ? 
ATOM   1136 C  C    . GLY A 1 105 ? 2.107   -9.267  -8.327  1.00 45.94  ? 105 GLY A C    1 ? 
ATOM   1137 O  O    . GLY A 1 105 ? 1.580   -10.305 -8.769  1.00 45.32  ? 105 GLY A O    1 ? 
ATOM   1138 H  H    . GLY A 1 105 ? 4.113   -7.605  -6.552  1.00 39.19  ? 105 GLY A H    1 ? 
ATOM   1139 H  HA2  . GLY A 1 105 ? 4.182   -9.235  -8.171  1.00 44.35  ? 105 GLY A HA2  1 ? 
ATOM   1140 H  HA3  . GLY A 1 105 ? 3.503   -10.284 -7.167  1.00 44.35  ? 105 GLY A HA3  1 ? 
ATOM   1141 N  N    . ARG A 1 106 ? 1.595   -8.040  -8.456  1.00 42.03  ? 106 ARG A N    1 ? 
ATOM   1142 C  CA   . ARG A 1 106 ? 0.261   -7.756  -9.034  1.00 44.67  ? 106 ARG A CA   1 ? 
ATOM   1143 C  C    . ARG A 1 106 ? 0.404   -6.668  -10.100 1.00 42.42  ? 106 ARG A C    1 ? 
ATOM   1144 O  O    . ARG A 1 106 ? 1.242   -5.802  -9.921  1.00 37.73  ? 106 ARG A O    1 ? 
ATOM   1145 C  CB   . ARG A 1 106 ? -0.699  -7.281  -7.942  1.00 42.16  ? 106 ARG A CB   1 ? 
ATOM   1146 C  CG   . ARG A 1 106 ? -1.026  -8.303  -6.868  1.00 42.32  ? 106 ARG A CG   1 ? 
ATOM   1147 C  CD   . ARG A 1 106 ? -1.958  -9.398  -7.324  1.00 44.02  ? 106 ARG A CD   1 ? 
ATOM   1148 N  NE   . ARG A 1 106 ? -3.268  -8.897  -7.702  1.00 42.85  ? 106 ARG A NE   1 ? 
ATOM   1149 C  CZ   . ARG A 1 106 ? -4.331  -9.658  -7.957  1.00 42.09  ? 106 ARG A CZ   1 ? 
ATOM   1150 N  NH1  . ARG A 1 106 ? -4.274  -10.977 -7.840  1.00 48.70  ? 106 ARG A NH1  1 ? 
ATOM   1151 N  NH2  . ARG A 1 106 ? -5.457  -9.099  -8.338  1.00 37.80  ? 106 ARG A NH2  1 ? 
ATOM   1152 H  H    . ARG A 1 106 ? 2.167   -7.271  -8.135  1.00 42.03  ? 106 ARG A H    1 ? 
ATOM   1153 H  HA   . ARG A 1 106 ? -0.076  -8.578  -9.459  1.00 44.67  ? 106 ARG A HA   1 ? 
ATOM   1154 H  HB2  . ARG A 1 106 ? -0.309  -6.496  -7.504  1.00 42.16  ? 106 ARG A HB2  1 ? 
ATOM   1155 H  HB3  . ARG A 1 106 ? -1.540  -7.004  -8.363  1.00 42.16  ? 106 ARG A HB3  1 ? 
ATOM   1156 H  HG2  . ARG A 1 106 ? -0.196  -8.720  -6.555  1.00 42.32  ? 106 ARG A HG2  1 ? 
ATOM   1157 H  HG3  . ARG A 1 106 ? -1.442  -7.848  -6.105  1.00 42.32  ? 106 ARG A HG3  1 ? 
ATOM   1158 H  HD2  . ARG A 1 106 ? -1.559  -9.862  -8.090  1.00 44.02  ? 106 ARG A HD2  1 ? 
ATOM   1159 H  HD3  . ARG A 1 106 ? -2.062  -10.054 -6.602  1.00 44.02  ? 106 ARG A HD3  1 ? 
ATOM   1160 H  HE   . ARG A 1 106 ? -3.371  -8.034  -7.769  1.00 42.85  ? 106 ARG A HE   1 ? 
ATOM   1161 H  HH11 . ARG A 1 106 ? -3.524  -11.362 -7.591  1.00 48.70  ? 106 ARG A HH11 1 ? 
ATOM   1162 H  HH12 . ARG A 1 106 ? -4.986  -11.463 -8.013  1.00 48.70  ? 106 ARG A HH12 1 ? 
ATOM   1163 H  HH21 . ARG A 1 106 ? -5.505  -8.224  -8.424  1.00 37.80  ? 106 ARG A HH21 1 ? 
ATOM   1164 H  HH22 . ARG A 1 106 ? -6.161  -9.601  -8.508  1.00 37.80  ? 106 ARG A HH22 1 ? 
ATOM   1165 N  N    . GLN A 1 107 ? -0.414  -6.720  -11.155 1.00 41.78  ? 107 GLN A N    1 ? 
ATOM   1166 C  CA   . GLN A 1 107 ? -0.690  -5.584  -12.079 1.00 36.78  ? 107 GLN A CA   1 ? 
ATOM   1167 C  C    . GLN A 1 107 ? -1.702  -4.638  -11.435 1.00 35.99  ? 107 GLN A C    1 ? 
ATOM   1168 O  O    . GLN A 1 107 ? -1.728  -3.406  -11.748 1.00 40.57  ? 107 GLN A O    1 ? 
ATOM   1169 C  CB   . GLN A 1 107 ? -1.252  -6.111  -13.403 1.00 41.44  ? 107 GLN A CB   1 ? 
ATOM   1170 C  CG   . GLN A 1 107 ? -0.320  -7.088  -14.109 1.00 42.45  ? 107 GLN A CG   1 ? 
ATOM   1171 C  CD   . GLN A 1 107 ? 0.873   -6.407  -14.738 1.00 44.17  ? 107 GLN A CD   1 ? 
ATOM   1172 O  OE1  . GLN A 1 107 ? 1.130   -5.224  -14.526 1.00 45.04  ? 107 GLN A OE1  1 ? 
ATOM   1173 N  NE2  . GLN A 1 107 ? 1.615   -7.159  -15.536 1.00 42.62  ? 107 GLN A NE2  1 ? 
ATOM   1174 H  H    . GLN A 1 107 ? -0.868  -7.608  -11.317 1.00 41.78  ? 107 GLN A H    1 ? 
ATOM   1175 H  HA   . GLN A 1 107 ? 0.151   -5.093  -12.229 1.00 36.78  ? 107 GLN A HA   1 ? 
ATOM   1176 H  HB2  . GLN A 1 107 ? -2.108  -6.553  -13.225 1.00 41.44  ? 107 GLN A HB2  1 ? 
ATOM   1177 H  HB3  . GLN A 1 107 ? -1.427  -5.347  -13.993 1.00 41.44  ? 107 GLN A HB3  1 ? 
ATOM   1178 H  HG2  . GLN A 1 107 ? 0.000   -7.753  -13.464 1.00 42.45  ? 107 GLN A HG2  1 ? 
ATOM   1179 H  HG3  . GLN A 1 107 ? -0.819  -7.561  -14.809 1.00 42.45  ? 107 GLN A HG3  1 ? 
ATOM   1180 N  N    . SER A 1 108 ? -2.537  -5.182  -10.562 1.00 37.84  ? 108 SER A N    1 ? 
ATOM   1181 C  CA   . SER A 1 108 ? -3.696  -4.469  -9.991  1.00 36.26  ? 108 SER A CA   1 ? 
ATOM   1182 C  C    . SER A 1 108 ? -4.200  -5.153  -8.720  1.00 40.11  ? 108 SER A C    1 ? 
ATOM   1183 O  O    . SER A 1 108 ? -4.008  -6.396  -8.560  1.00 37.77  ? 108 SER A O    1 ? 
ATOM   1184 C  CB   . SER A 1 108 ? -4.787  -4.416  -11.028 1.00 40.62  ? 108 SER A CB   1 ? 
ATOM   1185 O  OG   . SER A 1 108 ? -5.380  -5.692  -11.176 1.00 34.84  ? 108 SER A OG   1 ? 
ATOM   1186 H  H    . SER A 1 108 ? -2.359  -6.136  -10.282 1.00 37.84  ? 108 SER A H    1 ? 
ATOM   1187 H  HA   . SER A 1 108 ? -3.401  -3.553  -9.740  1.00 36.26  ? 108 SER A HA   1 ? 
ATOM   1188 H  HB2  . SER A 1 108 ? -5.467  -3.762  -10.752 1.00 40.62  ? 108 SER A HB2  1 ? 
ATOM   1189 H  HB3  . SER A 1 108 ? -4.405  -4.125  -11.888 1.00 40.62  ? 108 SER A HB3  1 ? 
ATOM   1190 N  N    . PHE A 1 109 ? -4.860  -4.369  -7.867  1.00 40.60  ? 109 PHE A N    1 ? 
ATOM   1191 C  CA   . PHE A 1 109 ? -5.776  -4.856  -6.807  1.00 42.94  ? 109 PHE A CA   1 ? 
ATOM   1192 C  C    . PHE A 1 109 ? -6.908  -3.836  -6.635  1.00 41.57  ? 109 PHE A C    1 ? 
ATOM   1193 O  O    . PHE A 1 109 ? -6.741  -2.658  -7.058  1.00 42.11  ? 109 PHE A O    1 ? 
ATOM   1194 C  CB   . PHE A 1 109 ? -4.998  -5.186  -5.528  1.00 42.47  ? 109 PHE A CB   1 ? 
ATOM   1195 C  CG   . PHE A 1 109 ? -4.623  -4.004  -4.678  1.00 43.61  ? 109 PHE A CG   1 ? 
ATOM   1196 C  CD1  . PHE A 1 109 ? -5.472  -3.559  -3.673  1.00 43.48  ? 109 PHE A CD1  1 ? 
ATOM   1197 C  CD2  . PHE A 1 109 ? -3.420  -3.344  -4.890  1.00 40.34  ? 109 PHE A CD2  1 ? 
ATOM   1198 C  CE1  . PHE A 1 109 ? -5.119  -2.483  -2.878  1.00 42.72  ? 109 PHE A CE1  1 ? 
ATOM   1199 C  CE2  . PHE A 1 109 ? -3.071  -2.267  -4.097  1.00 42.61  ? 109 PHE A CE2  1 ? 
ATOM   1200 C  CZ   . PHE A 1 109 ? -3.921  -1.845  -3.094  1.00 44.44  ? 109 PHE A CZ   1 ? 
ATOM   1201 H  H    . PHE A 1 109 ? -4.709  -3.375  -7.970  1.00 40.60  ? 109 PHE A H    1 ? 
ATOM   1202 H  HA   . PHE A 1 109 ? -6.165  -5.721  -7.097  1.00 42.94  ? 109 PHE A HA   1 ? 
ATOM   1203 H  HB2  . PHE A 1 109 ? -5.537  -5.799  -4.986  1.00 42.47  ? 109 PHE A HB2  1 ? 
ATOM   1204 H  HB3  . PHE A 1 109 ? -4.179  -5.662  -5.777  1.00 42.47  ? 109 PHE A HB3  1 ? 
ATOM   1205 H  HD1  . PHE A 1 109 ? -6.291  -4.003  -3.523  1.00 43.48  ? 109 PHE A HD1  1 ? 
ATOM   1206 H  HD2  . PHE A 1 109 ? -2.837  -3.630  -5.577  1.00 40.34  ? 109 PHE A HD2  1 ? 
ATOM   1207 H  HE1  . PHE A 1 109 ? -5.705  -2.190  -2.198  1.00 42.72  ? 109 PHE A HE1  1 ? 
ATOM   1208 H  HE2  . PHE A 1 109 ? -2.250  -1.822  -4.237  1.00 42.61  ? 109 PHE A HE2  1 ? 
ATOM   1209 H  HZ   . PHE A 1 109 ? -3.674  -1.110  -2.555  1.00 44.44  ? 109 PHE A HZ   1 ? 
ATOM   1210 N  N    . SER A 1 110 ? -8.032  -4.318  -6.088  1.00 43.92  ? 110 SER A N    1 ? 
ATOM   1211 C  CA   . SER A 1 110 ? -9.235  -3.548  -5.664  1.00 40.44  ? 110 SER A CA   1 ? 
ATOM   1212 C  C    . SER A 1 110 ? -9.250  -3.396  -4.148  1.00 39.02  ? 110 SER A C    1 ? 
ATOM   1213 O  O    . SER A 1 110 ? -9.080  -4.397  -3.437  1.00 35.24  ? 110 SER A O    1 ? 
ATOM   1214 C  CB   . SER A 1 110 ? -10.511 -4.239  -6.139  1.00 40.45  ? 110 SER A CB   1 ? 
ATOM   1215 O  OG   . SER A 1 110 ? -11.645 -3.561  -5.643  1.00 42.77  ? 110 SER A OG   1 ? 
ATOM   1216 H  H    . SER A 1 110 ? -8.022  -5.321  -5.967  1.00 43.92  ? 110 SER A H    1 ? 
ATOM   1217 H  HA   . SER A 1 110 ? -9.177  -2.640  -6.066  1.00 40.44  ? 110 SER A HA   1 ? 
ATOM   1218 H  HB2  . SER A 1 110 ? -10.531 -4.244  -7.123  1.00 40.45  ? 110 SER A HB2  1 ? 
ATOM   1219 H  HB3  . SER A 1 110 ? -10.515 -5.171  -5.821  1.00 40.45  ? 110 SER A HB3  1 ? 
ATOM   1220 N  N    . VAL A 1 111 ? -9.534  -2.203  -3.650  1.00 41.82  ? 111 VAL A N    1 ? 
ATOM   1221 C  CA   . VAL A 1 111 ? -9.762  -2.028  -2.188  1.00 51.26  ? 111 VAL A CA   1 ? 
ATOM   1222 C  C    . VAL A 1 111 ? -11.018 -2.832  -1.780  1.00 51.58  ? 111 VAL A C    1 ? 
ATOM   1223 O  O    . VAL A 1 111 ? -11.134 -3.129  -0.589  1.00 55.99  ? 111 VAL A O    1 ? 
ATOM   1224 C  CB   . VAL A 1 111 ? -9.837  -0.546  -1.746  1.00 53.34  ? 111 VAL A CB   1 ? 
ATOM   1225 C  CG1  . VAL A 1 111 ? -8.843  0.337   -2.494  1.00 50.47  ? 111 VAL A CG1  1 ? 
ATOM   1226 C  CG2  . VAL A 1 111 ? -11.244 0.023   -1.829  1.00 59.58  ? 111 VAL A CG2  1 ? 
ATOM   1227 H  H    . VAL A 1 111 ? -9.599  -1.399  -4.257  1.00 41.82  ? 111 VAL A H    1 ? 
ATOM   1228 H  HA   . VAL A 1 111 ? -8.994  -2.392  -1.712  1.00 51.26  ? 111 VAL A HA   1 ? 
ATOM   1229 H  HB   . VAL A 1 111 ? -9.562  -0.509  -0.797  1.00 53.34  ? 111 VAL A HB   1 ? 
ATOM   1230 H  HG11 . VAL A 1 111 ? -7.939  0.020   -2.329  1.00 50.47  ? 111 VAL A HG11 1 ? 
ATOM   1231 H  HG12 . VAL A 1 111 ? -8.927  1.256   -2.185  1.00 50.47  ? 111 VAL A HG12 1 ? 
ATOM   1232 H  HG13 . VAL A 1 111 ? -9.030  0.299   -3.449  1.00 50.47  ? 111 VAL A HG13 1 ? 
ATOM   1233 H  HG21 . VAL A 1 111 ? -11.563 -0.031  -2.746  1.00 59.58  ? 111 VAL A HG21 1 ? 
ATOM   1234 H  HG22 . VAL A 1 111 ? -11.237 0.952   -1.541  1.00 59.58  ? 111 VAL A HG22 1 ? 
ATOM   1235 H  HG23 . VAL A 1 111 ? -11.836 -0.490  -1.251  1.00 59.58  ? 111 VAL A HG23 1 ? 
ATOM   1236 N  N    . LYS A 1 112 ? -11.909 -3.200  -2.717  1.00 50.61  ? 112 LYS A N    1 ? 
ATOM   1237 C  CA   . LYS A 1 112 ? -13.118 -4.012  -2.412  1.00 53.02  ? 112 LYS A CA   1 ? 
ATOM   1238 C  C    . LYS A 1 112 ? -12.748 -5.486  -2.223  1.00 53.84  ? 112 LYS A C    1 ? 
ATOM   1239 O  O    . LYS A 1 112 ? -13.551 -6.190  -1.631  1.00 51.96  ? 112 LYS A O    1 ? 
ATOM   1240 C  CB   . LYS A 1 112 ? -14.179 -3.864  -3.498  1.00 56.21  ? 112 LYS A CB   1 ? 
ATOM   1241 C  CG   . LYS A 1 112 ? -14.808 -2.484  -3.558  1.00 62.39  ? 112 LYS A CG   1 ? 
ATOM   1242 C  CD   . LYS A 1 112 ? -15.792 -2.330  -4.691  1.00 68.89  ? 112 LYS A CD   1 ? 
ATOM   1243 C  CE   . LYS A 1 112 ? -16.869 -1.304  -4.401  1.00 76.52  ? 112 LYS A CE   1 ? 
ATOM   1244 N  NZ   . LYS A 1 112 ? -18.036 -1.481  -5.299  1.00 77.46  ? 112 LYS A NZ   1 ? 
ATOM   1245 H  H    . LYS A 1 112 ? -11.741 -2.907  -3.668  1.00 50.61  ? 112 LYS A H    1 ? 
ATOM   1246 H  HA   . LYS A 1 112 ? -13.510 -3.684  -1.570  1.00 53.02  ? 112 LYS A HA   1 ? 
ATOM   1247 H  HB2  . LYS A 1 112 ? -13.770 -4.074  -4.364  1.00 56.21  ? 112 LYS A HB2  1 ? 
ATOM   1248 H  HB3  . LYS A 1 112 ? -14.878 -4.534  -3.344  1.00 56.21  ? 112 LYS A HB3  1 ? 
ATOM   1249 H  HG2  . LYS A 1 112 ? -15.270 -2.313  -2.710  1.00 62.39  ? 112 LYS A HG2  1 ? 
ATOM   1250 H  HG3  . LYS A 1 112 ? -14.094 -1.820  -3.664  1.00 62.39  ? 112 LYS A HG3  1 ? 
ATOM   1251 H  HD2  . LYS A 1 112 ? -15.308 -2.065  -5.502  1.00 68.89  ? 112 LYS A HD2  1 ? 
ATOM   1252 H  HD3  . LYS A 1 112 ? -16.216 -3.198  -4.867  1.00 68.89  ? 112 LYS A HD3  1 ? 
ATOM   1253 H  HE2  . LYS A 1 112 ? -17.161 -1.391  -3.474  1.00 76.52  ? 112 LYS A HE2  1 ? 
ATOM   1254 H  HE3  . LYS A 1 112 ? -16.506 -0.407  -4.519  1.00 76.52  ? 112 LYS A HE3  1 ? 
ATOM   1255 H  HZ1  . LYS A 1 112 ? -17.775 -1.388  -6.163  1.00 77.46  ? 112 LYS A HZ1  1 ? 
ATOM   1256 H  HZ2  . LYS A 1 112 ? -18.668 -0.860  -5.107  1.00 77.46  ? 112 LYS A HZ2  1 ? 
ATOM   1257 H  HZ3  . LYS A 1 112 ? -18.389 -2.308  -5.184  1.00 77.46  ? 112 LYS A HZ3  1 ? 
ATOM   1258 N  N    . ASP A 1 113 ? -11.584 -5.928  -2.696  1.00 52.23  ? 113 ASP A N    1 ? 
ATOM   1259 C  CA   . ASP A 1 113 ? -11.087 -7.318  -2.514  1.00 51.08  ? 113 ASP A CA   1 ? 
ATOM   1260 C  C    . ASP A 1 113 ? -9.607  -7.251  -2.157  1.00 52.62  ? 113 ASP A C    1 ? 
ATOM   1261 O  O    . ASP A 1 113 ? -8.747  -7.573  -2.971  1.00 56.82  ? 113 ASP A O    1 ? 
ATOM   1262 C  CB   . ASP A 1 113 ? -11.367 -8.123  -3.780  1.00 58.51  ? 113 ASP A CB   1 ? 
ATOM   1263 C  CG   . ASP A 1 113 ? -11.104 -9.614  -3.662  1.00 63.50  ? 113 ASP A CG   1 ? 
ATOM   1264 O  OD1  . ASP A 1 113 ? -10.916 -10.115 -2.527  1.00 66.19  ? 113 ASP A OD1  1 ? 
ATOM   1265 O  OD2  . ASP A 1 113 ? -11.082 -10.257 -4.720  1.00 59.19  ? 113 ASP A OD2  1 ? 
ATOM   1266 H  H    . ASP A 1 113 ? -11.017 -5.265  -3.205  1.00 52.23  ? 113 ASP A H    1 ? 
ATOM   1267 H  HA   . ASP A 1 113 ? -11.584 -7.734  -1.769  1.00 51.08  ? 113 ASP A HA   1 ? 
ATOM   1268 H  HB2  . ASP A 1 113 ? -12.313 -8.017  -4.013  1.00 58.51  ? 113 ASP A HB2  1 ? 
ATOM   1269 H  HB3  . ASP A 1 113 ? -10.792 -7.785  -4.496  1.00 58.51  ? 113 ASP A HB3  1 ? 
ATOM   1270 N  N    . PRO A 1 114 ? -9.265  -6.737  -0.957  1.00 54.15  ? 114 PRO A N    1 ? 
ATOM   1271 C  CA   . PRO A 1 114 ? -7.881  -6.362  -0.664  1.00 52.30  ? 114 PRO A CA   1 ? 
ATOM   1272 C  C    . PRO A 1 114 ? -6.945  -7.526  -0.304  1.00 42.88  ? 114 PRO A C    1 ? 
ATOM   1273 O  O    . PRO A 1 114 ? -5.847  -7.253  0.085   1.00 42.22  ? 114 PRO A O    1 ? 
ATOM   1274 C  CB   . PRO A 1 114 ? -8.018  -5.376  0.510   1.00 52.69  ? 114 PRO A CB   1 ? 
ATOM   1275 C  CG   . PRO A 1 114 ? -9.334  -5.758  1.196   1.00 53.14  ? 114 PRO A CG   1 ? 
ATOM   1276 C  CD   . PRO A 1 114 ? -10.202 -6.375  0.121   1.00 53.06  ? 114 PRO A CD   1 ? 
ATOM   1277 H  HA   . PRO A 1 114 ? -7.497  -5.894  -1.446  1.00 52.30  ? 114 PRO A HA   1 ? 
ATOM   1278 H  HB2  . PRO A 1 114 ? -7.262  -5.459  1.129   1.00 52.69  ? 114 PRO A HB2  1 ? 
ATOM   1279 H  HB3  . PRO A 1 114 ? -8.044  -4.450  0.191   1.00 52.69  ? 114 PRO A HB3  1 ? 
ATOM   1280 H  HG2  . PRO A 1 114 ? -9.176  -6.399  1.921   1.00 53.14  ? 114 PRO A HG2  1 ? 
ATOM   1281 H  HG3  . PRO A 1 114 ? -9.770  -4.968  1.578   1.00 53.14  ? 114 PRO A HG3  1 ? 
ATOM   1282 H  HD2  . PRO A 1 114 ? -10.671 -7.165  0.462   1.00 53.06  ? 114 PRO A HD2  1 ? 
ATOM   1283 H  HD3  . PRO A 1 114 ? -10.874 -5.736  -0.195  1.00 53.06  ? 114 PRO A HD3  1 ? 
ATOM   1284 N  N    . SER A 1 115 ? -7.334  -8.783  -0.515  1.00 41.78  ? 115 SER A N    1 ? 
ATOM   1285 C  CA   . SER A 1 115 ? -6.540  -9.933  0.010   1.00 44.87  ? 115 SER A CA   1 ? 
ATOM   1286 C  C    . SER A 1 115 ? -5.072  -9.841  -0.439  1.00 47.46  ? 115 SER A C    1 ? 
ATOM   1287 O  O    . SER A 1 115 ? -4.172  -10.034 0.380   1.00 53.72  ? 115 SER A O    1 ? 
ATOM   1288 C  CB   . SER A 1 115 ? -7.186  -11.276 -0.307  1.00 46.11  ? 115 SER A CB   1 ? 
ATOM   1289 O  OG   . SER A 1 115 ? -7.111  -11.602 -1.691  1.00 51.52  ? 115 SER A OG   1 ? 
ATOM   1290 H  H    . SER A 1 115 ? -8.178  -8.966  -1.038  1.00 41.78  ? 115 SER A H    1 ? 
ATOM   1291 H  HA   . SER A 1 115 ? -6.556  -9.891  1.004   1.00 44.87  ? 115 SER A HA   1 ? 
ATOM   1292 H  HB2  . SER A 1 115 ? -6.733  -11.984 0.206   1.00 46.11  ? 115 SER A HB2  1 ? 
ATOM   1293 H  HB3  . SER A 1 115 ? -8.133  -11.253 -0.041  1.00 46.11  ? 115 SER A HB3  1 ? 
ATOM   1294 N  N    . PRO A 1 116 ? -4.752  -9.535  -1.726  1.00 47.35  ? 116 PRO A N    1 ? 
ATOM   1295 C  CA   . PRO A 1 116 ? -3.362  -9.501  -2.199  1.00 46.89  ? 116 PRO A CA   1 ? 
ATOM   1296 C  C    . PRO A 1 116 ? -2.436  -8.486  -1.498  1.00 43.67  ? 116 PRO A C    1 ? 
ATOM   1297 O  O    . PRO A 1 116 ? -1.250  -8.739  -1.364  1.00 47.88  ? 116 PRO A O    1 ? 
ATOM   1298 C  CB   . PRO A 1 116 ? -3.489  -9.080  -3.682  1.00 48.63  ? 116 PRO A CB   1 ? 
ATOM   1299 C  CG   . PRO A 1 116 ? -4.904  -9.429  -4.063  1.00 49.54  ? 116 PRO A CG   1 ? 
ATOM   1300 C  CD   . PRO A 1 116 ? -5.708  -9.206  -2.803  1.00 49.25  ? 116 PRO A CD   1 ? 
ATOM   1301 H  HA   . PRO A 1 116 ? -2.958  -10.399 -2.094  1.00 46.89  ? 116 PRO A HA   1 ? 
ATOM   1302 H  HB2  . PRO A 1 116 ? -3.322  -8.120  -3.790  1.00 48.63  ? 116 PRO A HB2  1 ? 
ATOM   1303 H  HB3  . PRO A 1 116 ? -2.846  -9.563  -4.241  1.00 48.63  ? 116 PRO A HB3  1 ? 
ATOM   1304 H  HG2  . PRO A 1 116 ? -5.221  -8.855  -4.791  1.00 49.54  ? 116 PRO A HG2  1 ? 
ATOM   1305 H  HG3  . PRO A 1 116 ? -4.966  -10.360 -4.361  1.00 49.54  ? 116 PRO A HG3  1 ? 
ATOM   1306 H  HD2  . PRO A 1 116 ? -6.017  -8.278  -2.745  1.00 49.25  ? 116 PRO A HD2  1 ? 
ATOM   1307 H  HD3  . PRO A 1 116 ? -6.495  -9.790  -2.783  1.00 49.25  ? 116 PRO A HD3  1 ? 
ATOM   1308 N  N    . LEU A 1 117 ? -2.980  -7.334  -1.112  1.00 46.79  ? 117 LEU A N    1 ? 
ATOM   1309 C  CA   . LEU A 1 117 ? -2.266  -6.323  -0.292  1.00 43.94  ? 117 LEU A CA   1 ? 
ATOM   1310 C  C    . LEU A 1 117 ? -1.926  -6.936  1.077   1.00 46.38  ? 117 LEU A C    1 ? 
ATOM   1311 O  O    . LEU A 1 117 ? -0.778  -6.792  1.533   1.00 40.50  ? 117 LEU A O    1 ? 
ATOM   1312 C  CB   . LEU A 1 117 ? -3.165  -5.097  -0.148  1.00 44.20  ? 117 LEU A CB   1 ? 
ATOM   1313 C  CG   . LEU A 1 117 ? -2.636  -4.030  0.800   1.00 47.43  ? 117 LEU A CG   1 ? 
ATOM   1314 C  CD1  . LEU A 1 117 ? -1.462  -3.295  0.150   1.00 45.21  ? 117 LEU A CD1  1 ? 
ATOM   1315 C  CD2  . LEU A 1 117 ? -3.755  -3.081  1.199   1.00 43.74  ? 117 LEU A CD2  1 ? 
ATOM   1316 H  H    . LEU A 1 117 ? -3.931  -7.152  -1.399  1.00 46.79  ? 117 LEU A H    1 ? 
ATOM   1317 H  HA   . LEU A 1 117 ? -1.428  -6.084  -0.751  1.00 43.94  ? 117 LEU A HA   1 ? 
ATOM   1318 H  HB2  . LEU A 1 117 ? -3.289  -4.701  -1.033  1.00 44.20  ? 117 LEU A HB2  1 ? 
ATOM   1319 H  HB3  . LEU A 1 117 ? -4.042  -5.395  0.167   1.00 44.20  ? 117 LEU A HB3  1 ? 
ATOM   1320 H  HG   . LEU A 1 117 ? -2.304  -4.482  1.616   1.00 47.43  ? 117 LEU A HG   1 ? 
ATOM   1321 H  HD11 . LEU A 1 117 ? -0.752  -3.930  -0.049  1.00 45.21  ? 117 LEU A HD11 1 ? 
ATOM   1322 H  HD12 . LEU A 1 117 ? -1.129  -2.614  0.759   1.00 45.21  ? 117 LEU A HD12 1 ? 
ATOM   1323 H  HD13 . LEU A 1 117 ? -1.760  -2.873  -0.675  1.00 45.21  ? 117 LEU A HD13 1 ? 
ATOM   1324 H  HD21 . LEU A 1 117 ? -4.115  -2.651  0.404   1.00 43.74  ? 117 LEU A HD21 1 ? 
ATOM   1325 H  HD22 . LEU A 1 117 ? -3.407  -2.404  1.806   1.00 43.74  ? 117 LEU A HD22 1 ? 
ATOM   1326 H  HD23 . LEU A 1 117 ? -4.462  -3.580  1.644   1.00 43.74  ? 117 LEU A HD23 1 ? 
ATOM   1327 N  N    . TYR A 1 118 ? -2.909  -7.563  1.732   1.00 44.28  ? 118 TYR A N    1 ? 
ATOM   1328 C  CA   . TYR A 1 118 ? -2.712  -8.211  3.046   1.00 44.05  ? 118 TYR A CA   1 ? 
ATOM   1329 C  C    . TYR A 1 118 ? -1.752  -9.401  2.913   1.00 44.20  ? 118 TYR A C    1 ? 
ATOM   1330 O  O    . TYR A 1 118 ? -0.933  -9.558  3.821   1.00 42.72  ? 118 TYR A O    1 ? 
ATOM   1331 C  CB   . TYR A 1 118 ? -4.049  -8.590  3.669   1.00 48.82  ? 118 TYR A CB   1 ? 
ATOM   1332 C  CG   . TYR A 1 118 ? -4.903  -7.415  4.071   1.00 51.65  ? 118 TYR A CG   1 ? 
ATOM   1333 C  CD1  . TYR A 1 118 ? -6.172  -7.246  3.547   1.00 51.78  ? 118 TYR A CD1  1 ? 
ATOM   1334 C  CD2  . TYR A 1 118 ? -4.445  -6.480  4.986   1.00 53.80  ? 118 TYR A CD2  1 ? 
ATOM   1335 C  CE1  . TYR A 1 118 ? -6.962  -6.168  3.902   1.00 55.16  ? 118 TYR A CE1  1 ? 
ATOM   1336 C  CE2  . TYR A 1 118 ? -5.231  -5.404  5.362   1.00 59.17  ? 118 TYR A CE2  1 ? 
ATOM   1337 C  CZ   . TYR A 1 118 ? -6.489  -5.243  4.806   1.00 53.26  ? 118 TYR A CZ   1 ? 
ATOM   1338 O  OH   . TYR A 1 118 ? -7.274  -4.196  5.180   1.00 56.31  ? 118 TYR A OH   1 ? 
ATOM   1339 H  H    . TYR A 1 118 ? -3.823  -7.590  1.302   1.00 44.28  ? 118 TYR A H    1 ? 
ATOM   1340 H  HA   . TYR A 1 118 ? -2.303  -7.553  3.665   1.00 44.05  ? 118 TYR A HA   1 ? 
ATOM   1341 H  HB2  . TYR A 1 118 ? -4.544  -9.142  3.028   1.00 48.82  ? 118 TYR A HB2  1 ? 
ATOM   1342 H  HB3  . TYR A 1 118 ? -3.876  -9.145  4.458   1.00 48.82  ? 118 TYR A HB3  1 ? 
ATOM   1343 H  HD1  . TYR A 1 118 ? -6.504  -7.877  2.929   1.00 51.78  ? 118 TYR A HD1  1 ? 
ATOM   1344 H  HD2  . TYR A 1 118 ? -3.585  -6.576  5.361   1.00 53.80  ? 118 TYR A HD2  1 ? 
ATOM   1345 H  HE1  . TYR A 1 118 ? -7.824  -6.072  3.533   1.00 55.16  ? 118 TYR A HE1  1 ? 
ATOM   1346 H  HE2  . TYR A 1 118 ? -4.904  -4.772  5.982   1.00 59.17  ? 118 TYR A HE2  1 ? 
ATOM   1347 N  N    . ASP A 1 119 ? -1.791  -10.178 1.825   1.00 45.21  ? 119 ASP A N    1 ? 
ATOM   1348 C  CA   . ASP A 1 119 ? -0.772  -11.244 1.575   1.00 47.26  ? 119 ASP A CA   1 ? 
ATOM   1349 C  C    . ASP A 1 119 ? 0.637   -10.635 1.588   1.00 46.90  ? 119 ASP A C    1 ? 
ATOM   1350 O  O    . ASP A 1 119 ? 1.534   -11.235 2.189   1.00 48.81  ? 119 ASP A O    1 ? 
ATOM   1351 C  CB   . ASP A 1 119 ? -0.938  -11.971 0.235   1.00 50.87  ? 119 ASP A CB   1 ? 
ATOM   1352 C  CG   . ASP A 1 119 ? -2.230  -12.768 0.068   1.00 51.10  ? 119 ASP A CG   1 ? 
ATOM   1353 O  OD1  . ASP A 1 119 ? -2.802  -13.211 1.086   1.00 50.83  ? 119 ASP A OD1  1 ? 
ATOM   1354 O  OD2  . ASP A 1 119 ? -2.644  -12.955 -1.090  1.00 51.21  ? 119 ASP A OD2  1 ? 
ATOM   1355 H  H    . ASP A 1 119 ? -2.532  -10.039 1.155   1.00 45.21  ? 119 ASP A H    1 ? 
ATOM   1356 H  HA   . ASP A 1 119 ? -0.831  -11.910 2.299   1.00 47.26  ? 119 ASP A HA   1 ? 
ATOM   1357 H  HB2  . ASP A 1 119 ? -0.925  -11.306 -0.483  1.00 50.87  ? 119 ASP A HB2  1 ? 
ATOM   1358 H  HB3  . ASP A 1 119 ? -0.201  -12.607 0.134   1.00 50.87  ? 119 ASP A HB3  1 ? 
ATOM   1359 N  N    . MET A 1 120 ? 0.832   -9.501  0.916   1.00 46.03  ? 120 MET A N    1 ? 
ATOM   1360 C  CA   . MET A 1 120 ? 2.157   -8.848  0.813   1.00 43.98  ? 120 MET A CA   1 ? 
ATOM   1361 C  C    . MET A 1 120 ? 2.543   -8.309  2.199   1.00 42.69  ? 120 MET A C    1 ? 
ATOM   1362 O  O    . MET A 1 120 ? 3.707   -8.484  2.582   1.00 46.35  ? 120 MET A O    1 ? 
ATOM   1363 C  CB   . MET A 1 120 ? 2.126   -7.727  -0.224  1.00 43.66  ? 120 MET A CB   1 ? 
ATOM   1364 C  CG   . MET A 1 120 ? 3.411   -6.920  -0.280  1.00 45.07  ? 120 MET A CG   1 ? 
ATOM   1365 S  SD   . MET A 1 120 ? 3.525   -5.682  1.011   1.00 43.21  ? 120 MET A SD   1 ? 
ATOM   1366 C  CE   . MET A 1 120 ? 2.300   -4.488  0.475   1.00 48.17  ? 120 MET A CE   1 ? 
ATOM   1367 H  H    . MET A 1 120 ? 0.036   -9.076  0.462   1.00 46.03  ? 120 MET A H    1 ? 
ATOM   1368 H  HA   . MET A 1 120 ? 2.817   -9.524  0.533   1.00 43.98  ? 120 MET A HA   1 ? 
ATOM   1369 H  HB2  . MET A 1 120 ? 1.958   -8.120  -1.105  1.00 43.66  ? 120 MET A HB2  1 ? 
ATOM   1370 H  HB3  . MET A 1 120 ? 1.382   -7.128  -0.015  1.00 43.66  ? 120 MET A HB3  1 ? 
ATOM   1371 H  HG2  . MET A 1 120 ? 4.177   -7.527  -0.198  1.00 45.07  ? 120 MET A HG2  1 ? 
ATOM   1372 H  HG3  . MET A 1 120 ? 3.472   -6.470  -1.149  1.00 45.07  ? 120 MET A HG3  1 ? 
ATOM   1373 H  HE1  . MET A 1 120 ? 2.267   -3.760  1.101   1.00 48.17  ? 120 MET A HE1  1 ? 
ATOM   1374 H  HE2  . MET A 1 120 ? 2.537   -4.154  -0.393  1.00 48.17  ? 120 MET A HE2  1 ? 
ATOM   1375 H  HE3  . MET A 1 120 ? 1.435   -4.914  0.431   1.00 48.17  ? 120 MET A HE3  1 ? 
ATOM   1376 N  N    . LEU A 1 121 ? 1.586   -7.732  2.935   1.00 39.44  ? 121 LEU A N    1 ? 
ATOM   1377 C  CA   . LEU A 1 121 ? 1.821   -7.148  4.278   1.00 41.72  ? 121 LEU A CA   1 ? 
ATOM   1378 C  C    . LEU A 1 121 ? 2.217   -8.255  5.263   1.00 44.85  ? 121 LEU A C    1 ? 
ATOM   1379 O  O    . LEU A 1 121 ? 3.084   -8.012  6.110   1.00 44.35  ? 121 LEU A O    1 ? 
ATOM   1380 C  CB   . LEU A 1 121 ? 0.575   -6.385  4.738   1.00 43.23  ? 121 LEU A CB   1 ? 
ATOM   1381 C  CG   . LEU A 1 121 ? 0.270   -5.083  3.985   1.00 45.32  ? 121 LEU A CG   1 ? 
ATOM   1382 C  CD1  . LEU A 1 121 ? -0.998  -4.444  4.497   1.00 47.37  ? 121 LEU A CD1  1 ? 
ATOM   1383 C  CD2  . LEU A 1 121 ? 1.418   -4.089  4.084   1.00 41.25  ? 121 LEU A CD2  1 ? 
ATOM   1384 H  H    . LEU A 1 121 ? 0.658   -7.700  2.540   1.00 39.44  ? 121 LEU A H    1 ? 
ATOM   1385 H  HA   . LEU A 1 121 ? 2.565   -6.505  4.214   1.00 41.72  ? 121 LEU A HA   1 ? 
ATOM   1386 H  HB2  . LEU A 1 121 ? -0.198  -6.977  4.650   1.00 43.23  ? 121 LEU A HB2  1 ? 
ATOM   1387 H  HB3  . LEU A 1 121 ? 0.678   -6.173  5.687   1.00 43.23  ? 121 LEU A HB3  1 ? 
ATOM   1388 H  HG   . LEU A 1 121 ? 0.148   -5.303  3.029   1.00 45.32  ? 121 LEU A HG   1 ? 
ATOM   1389 H  HD11 . LEU A 1 121 ? -1.743  -5.057  4.373   1.00 47.37  ? 121 LEU A HD11 1 ? 
ATOM   1390 H  HD12 . LEU A 1 121 ? -1.168  -3.622  4.005   1.00 47.37  ? 121 LEU A HD12 1 ? 
ATOM   1391 H  HD13 . LEU A 1 121 ? -0.900  -4.241  5.443   1.00 47.37  ? 121 LEU A HD13 1 ? 
ATOM   1392 H  HD21 . LEU A 1 121 ? 1.579   -3.871  5.019   1.00 41.25  ? 121 LEU A HD21 1 ? 
ATOM   1393 H  HD22 . LEU A 1 121 ? 1.189   -3.279  3.596   1.00 41.25  ? 121 LEU A HD22 1 ? 
ATOM   1394 H  HD23 . LEU A 1 121 ? 2.221   -4.482  3.699   1.00 41.25  ? 121 LEU A HD23 1 ? 
ATOM   1395 N  N    . ARG A 1 122 ? 1.634   -9.441  5.166   1.00 48.31  ? 122 ARG A N    1 ? 
ATOM   1396 C  CA   . ARG A 1 122 ? 2.019   -10.541 6.091   1.00 55.88  ? 122 ARG A CA   1 ? 
ATOM   1397 C  C    . ARG A 1 122 ? 3.464   -10.974 5.782   1.00 52.68  ? 122 ARG A C    1 ? 
ATOM   1398 O  O    . ARG A 1 122 ? 4.161   -11.301 6.746   1.00 49.22  ? 122 ARG A O    1 ? 
ATOM   1399 C  CB   . ARG A 1 122 ? 1.022   -11.697 6.014   1.00 61.08  ? 122 ARG A CB   1 ? 
ATOM   1400 C  CG   . ARG A 1 122 ? 1.197   -12.748 7.102   1.00 73.80  ? 122 ARG A CG   1 ? 
ATOM   1401 C  CD   . ARG A 1 122 ? 0.450   -14.039 6.789   1.00 80.00  ? 122 ARG A CD   1 ? 
ATOM   1402 N  NE   . ARG A 1 122 ? -0.851  -13.728 6.200   1.00 83.36  ? 122 ARG A NE   1 ? 
ATOM   1403 C  CZ   . ARG A 1 122 ? -1.151  -13.773 4.901   1.00 83.99  ? 122 ARG A CZ   1 ? 
ATOM   1404 N  NH1  . ARG A 1 122 ? -0.251  -14.145 4.003   1.00 85.02  ? 122 ARG A NH1  1 ? 
ATOM   1405 N  NH2  . ARG A 1 122 ? -2.368  -13.444 4.505   1.00 80.82  ? 122 ARG A NH2  1 ? 
ATOM   1406 H  H    . ARG A 1 122 ? 0.924   -9.611  4.468   1.00 48.31  ? 122 ARG A H    1 ? 
ATOM   1407 H  HA   . ARG A 1 122 ? 1.978   -10.202 7.015   1.00 55.88  ? 122 ARG A HA   1 ? 
ATOM   1408 H  HB2  . ARG A 1 122 ? 0.115   -11.330 6.074   1.00 61.08  ? 122 ARG A HB2  1 ? 
ATOM   1409 H  HB3  . ARG A 1 122 ? 1.114   -12.131 5.140   1.00 61.08  ? 122 ARG A HB3  1 ? 
ATOM   1410 H  HG2  . ARG A 1 122 ? 2.152   -12.949 7.207   1.00 73.80  ? 122 ARG A HG2  1 ? 
ATOM   1411 H  HG3  . ARG A 1 122 ? 0.869   -12.389 7.954   1.00 73.80  ? 122 ARG A HG3  1 ? 
ATOM   1412 H  HD2  . ARG A 1 122 ? 0.987   -14.581 6.172   1.00 80.00  ? 122 ARG A HD2  1 ? 
ATOM   1413 H  HD3  . ARG A 1 122 ? 0.338   -14.555 7.616   1.00 80.00  ? 122 ARG A HD3  1 ? 
ATOM   1414 H  HE   . ARG A 1 122 ? -1.495  -13.492 6.737   1.00 83.36  ? 122 ARG A HE   1 ? 
ATOM   1415 H  HH11 . ARG A 1 122 ? 0.559   -14.366 4.261   1.00 85.02  ? 122 ARG A HH11 1 ? 
ATOM   1416 H  HH12 . ARG A 1 122 ? -0.467  -14.168 3.151   1.00 85.02  ? 122 ARG A HH12 1 ? 
ATOM   1417 H  HH21 . ARG A 1 122 ? -2.970  -13.199 5.098   1.00 80.82  ? 122 ARG A HH21 1 ? 
ATOM   1418 H  HH22 . ARG A 1 122 ? -2.573  -13.471 3.648   1.00 80.82  ? 122 ARG A HH22 1 ? 
ATOM   1419 N  N    . LYS A 1 123 ? 3.901   -10.936 4.508   1.00 51.76  ? 123 LYS A N    1 ? 
ATOM   1420 C  CA   . LYS A 1 123 ? 5.271   -11.338 4.062   1.00 51.25  ? 123 LYS A CA   1 ? 
ATOM   1421 C  C    . LYS A 1 123 ? 6.305   -10.238 4.367   1.00 48.16  ? 123 LYS A C    1 ? 
ATOM   1422 O  O    . LYS A 1 123 ? 7.519   -10.567 4.406   1.00 46.78  ? 123 LYS A O    1 ? 
ATOM   1423 C  CB   . LYS A 1 123 ? 5.274   -11.707 2.571   1.00 52.36  ? 123 LYS A CB   1 ? 
ATOM   1424 C  CG   . LYS A 1 123 ? 4.489   -12.970 2.197   1.00 52.93  ? 123 LYS A CG   1 ? 
ATOM   1425 C  CD   . LYS A 1 123 ? 4.401   -13.236 0.699   1.00 55.46  ? 123 LYS A CD   1 ? 
ATOM   1426 C  CE   . LYS A 1 123 ? 3.171   -14.016 0.269   1.00 59.47  ? 123 LYS A CE   1 ? 
ATOM   1427 H  H    . LYS A 1 123 ? 3.236   -10.610 3.822   1.00 51.76  ? 123 LYS A H    1 ? 
ATOM   1428 H  HA   . LYS A 1 123 ? 5.537   -12.146 4.557   1.00 51.25  ? 123 LYS A HA   1 ? 
ATOM   1429 H  HB2  . LYS A 1 123 ? 4.909   -10.954 2.063   1.00 52.36  ? 123 LYS A HB2  1 ? 
ATOM   1430 H  HB3  . LYS A 1 123 ? 6.202   -11.822 2.280   1.00 52.36  ? 123 LYS A HB3  1 ? 
ATOM   1431 H  HG2  . LYS A 1 123 ? 4.918   -13.743 2.621   1.00 52.93  ? 123 LYS A HG2  1 ? 
ATOM   1432 H  HG3  . LYS A 1 123 ? 3.577   -12.887 2.547   1.00 52.93  ? 123 LYS A HG3  1 ? 
ATOM   1433 H  HD2  . LYS A 1 123 ? 4.402   -12.379 0.221   1.00 55.46  ? 123 LYS A HD2  1 ? 
ATOM   1434 H  HD3  . LYS A 1 123 ? 5.196   -13.738 0.416   1.00 55.46  ? 123 LYS A HD3  1 ? 
ATOM   1435 H  HE2  . LYS A 1 123 ? 3.157   -14.880 0.722   1.00 59.47  ? 123 LYS A HE2  1 ? 
ATOM   1436 N  N    . ASN A 1 124 ? 5.884   -8.990  4.612   1.00 45.81  ? 124 ASN A N    1 ? 
ATOM   1437 C  CA   . ASN A 1 124 ? 6.790   -7.807  4.527   1.00 43.19  ? 124 ASN A CA   1 ? 
ATOM   1438 C  C    . ASN A 1 124 ? 6.795   -6.939  5.790   1.00 42.34  ? 124 ASN A C    1 ? 
ATOM   1439 O  O    . ASN A 1 124 ? 7.590   -5.951  5.829   1.00 43.53  ? 124 ASN A O    1 ? 
ATOM   1440 C  CB   . ASN A 1 124 ? 6.471   -6.995  3.276   1.00 43.50  ? 124 ASN A CB   1 ? 
ATOM   1441 C  CG   . ASN A 1 124 ? 7.104   -7.628  2.057   1.00 41.81  ? 124 ASN A CG   1 ? 
ATOM   1442 O  OD1  . ASN A 1 124 ? 8.287   -7.428  1.817   1.00 39.10  ? 124 ASN A OD1  1 ? 
ATOM   1443 N  ND2  . ASN A 1 124 ? 6.351   -8.451  1.345   1.00 43.27  ? 124 ASN A ND2  1 ? 
ATOM   1444 H  H    . ASN A 1 124 ? 4.915   -8.852  4.862   1.00 45.81  ? 124 ASN A H    1 ? 
ATOM   1445 H  HA   . ASN A 1 124 ? 7.714   -8.128  4.403   1.00 43.19  ? 124 ASN A HA   1 ? 
ATOM   1446 H  HB2  . ASN A 1 124 ? 5.499   -6.947  3.168   1.00 43.50  ? 124 ASN A HB2  1 ? 
ATOM   1447 H  HB3  . ASN A 1 124 ? 6.804   -6.083  3.396   1.00 43.50  ? 124 ASN A HB3  1 ? 
ATOM   1448 N  N    . LEU A 1 125 ? 6.005   -7.301  6.796   1.00 40.26  ? 125 LEU A N    1 ? 
ATOM   1449 C  CA   . LEU A 1 125 ? 6.053   -6.684  8.145   1.00 45.88  ? 125 LEU A CA   1 ? 
ATOM   1450 C  C    . LEU A 1 125 ? 6.564   -7.727  9.146   1.00 54.24  ? 125 LEU A C    1 ? 
ATOM   1451 O  O    . LEU A 1 125 ? 5.995   -8.848  9.190   1.00 52.37  ? 125 LEU A O    1 ? 
ATOM   1452 C  CB   . LEU A 1 125 ? 4.649   -6.216  8.528   1.00 43.77  ? 125 LEU A CB   1 ? 
ATOM   1453 C  CG   . LEU A 1 125 ? 4.039   -5.159  7.615   1.00 44.31  ? 125 LEU A CG   1 ? 
ATOM   1454 C  CD1  . LEU A 1 125 ? 2.592   -4.912  7.999   1.00 43.63  ? 125 LEU A CD1  1 ? 
ATOM   1455 C  CD2  . LEU A 1 125 ? 4.862   -3.872  7.643   1.00 42.95  ? 125 LEU A CD2  1 ? 
ATOM   1456 H  H    . LEU A 1 125 ? 5.340   -8.040  6.616   1.00 40.26  ? 125 LEU A H    1 ? 
ATOM   1457 H  HA   . LEU A 1 125 ? 6.682   -5.927  8.120   1.00 45.88  ? 125 LEU A HA   1 ? 
ATOM   1458 H  HB2  . LEU A 1 125 ? 4.058   -6.995  8.540   1.00 43.77  ? 125 LEU A HB2  1 ? 
ATOM   1459 H  HB3  . LEU A 1 125 ? 4.683   -5.857  9.438   1.00 43.77  ? 125 LEU A HB3  1 ? 
ATOM   1460 H  HG   . LEU A 1 125 ? 4.050   -5.509  6.690   1.00 44.31  ? 125 LEU A HG   1 ? 
ATOM   1461 H  HD11 . LEU A 1 125 ? 2.087   -5.740  7.914   1.00 43.63  ? 125 LEU A HD11 1 ? 
ATOM   1462 H  HD12 . LEU A 1 125 ? 2.210   -4.236  7.412   1.00 43.63  ? 125 LEU A HD12 1 ? 
ATOM   1463 H  HD13 . LEU A 1 125 ? 2.549   -4.602  8.920   1.00 43.63  ? 125 LEU A HD13 1 ? 
ATOM   1464 H  HD21 . LEU A 1 125 ? 4.889   -3.524  8.551   1.00 42.95  ? 125 LEU A HD21 1 ? 
ATOM   1465 H  HD22 . LEU A 1 125 ? 4.455   -3.214  7.053   1.00 42.95  ? 125 LEU A HD22 1 ? 
ATOM   1466 H  HD23 . LEU A 1 125 ? 5.768   -4.060  7.342   1.00 42.95  ? 125 LEU A HD23 1 ? 
ATOM   1467 N  N    . VAL A 1 126 ? 7.579   -7.359  9.926   1.00 59.38  ? 126 VAL A N    1 ? 
ATOM   1468 C  CA   . VAL A 1 126 ? 8.227   -8.255  10.929  1.00 64.19  ? 126 VAL A CA   1 ? 
ATOM   1469 C  C    . VAL A 1 126 ? 7.955   -7.682  12.325  1.00 58.10  ? 126 VAL A C    1 ? 
ATOM   1470 O  O    . VAL A 1 126 ? 8.067   -6.458  12.457  1.00 51.04  ? 126 VAL A O    1 ? 
ATOM   1471 C  CB   . VAL A 1 126 ? 9.734   -8.378  10.624  1.00 60.70  ? 126 VAL A CB   1 ? 
ATOM   1472 C  CG1  . VAL A 1 126 ? 10.447  -9.291  11.618  1.00 61.87  ? 126 VAL A CG1  1 ? 
ATOM   1473 C  CG2  . VAL A 1 126 ? 9.984   -8.844  9.194   1.00 59.72  ? 126 VAL A CG2  1 ? 
ATOM   1474 H  H    . VAL A 1 126 ? 7.917   -6.413  9.820   1.00 59.38  ? 126 VAL A H    1 ? 
ATOM   1475 H  HA   . VAL A 1 126 ? 7.816   -9.136  10.865  1.00 64.19  ? 126 VAL A HA   1 ? 
ATOM   1476 H  HB   . VAL A 1 126 ? 10.127  -7.475  10.718  1.00 60.70  ? 126 VAL A HB   1 ? 
ATOM   1477 H  HG11 . VAL A 1 126 ? 10.348  -8.933  12.518  1.00 61.87  ? 126 VAL A HG11 1 ? 
ATOM   1478 H  HG12 . VAL A 1 126 ? 11.392  -9.343  11.391  1.00 61.87  ? 126 VAL A HG12 1 ? 
ATOM   1479 H  HG13 . VAL A 1 126 ? 10.056  -10.182 11.580  1.00 61.87  ? 126 VAL A HG13 1 ? 
ATOM   1480 H  HG21 . VAL A 1 126 ? 9.572   -9.715  9.059   1.00 59.72  ? 126 VAL A HG21 1 ? 
ATOM   1481 H  HG22 . VAL A 1 126 ? 10.942  -8.909  9.037   1.00 59.72  ? 126 VAL A HG22 1 ? 
ATOM   1482 H  HG23 . VAL A 1 126 ? 9.597   -8.203  8.571   1.00 59.72  ? 126 VAL A HG23 1 ? 
ATOM   1483 N  N    . THR A 1 127 ? 7.614   -8.522  13.311  1.00 63.45  ? 127 THR A N    1 ? 
ATOM   1484 C  CA   . THR A 1 127 ? 7.761   -8.188  14.760  1.00 70.96  ? 127 THR A CA   1 ? 
ATOM   1485 C  C    . THR A 1 127 ? 9.098   -8.731  15.279  1.00 73.23  ? 127 THR A C    1 ? 
ATOM   1486 O  O    . THR A 1 127 ? 9.839   -7.986  15.917  1.00 77.28  ? 127 THR A O    1 ? 
ATOM   1487 C  CB   . THR A 1 127 ? 6.605   -8.725  15.605  1.00 73.82  ? 127 THR A CB   1 ? 
ATOM   1488 O  OG1  . THR A 1 127 ? 5.430   -8.630  14.808  1.00 69.62  ? 127 THR A OG1  1 ? 
ATOM   1489 C  CG2  . THR A 1 127 ? 6.434   -7.958  16.898  1.00 75.12  ? 127 THR A CG2  1 ? 
ATOM   1490 H  H    . THR A 1 127 ? 7.241   -9.422  13.049  1.00 63.45  ? 127 THR A H    1 ? 
ATOM   1491 H  HA   . THR A 1 127 ? 7.767   -7.207  14.848  1.00 70.96  ? 127 THR A HA   1 ? 
ATOM   1492 H  HB   . THR A 1 127 ? 6.787   -9.672  15.814  1.00 73.82  ? 127 THR A HB   1 ? 
ATOM   1493 H  HG21 . THR A 1 127 ? 7.249   -8.025  17.427  1.00 75.12  ? 127 THR A HG21 1 ? 
ATOM   1494 H  HG22 . THR A 1 127 ? 5.690   -8.332  17.403  1.00 75.12  ? 127 THR A HG22 1 ? 
ATOM   1495 H  HG23 . THR A 1 127 ? 6.252   -7.022  16.700  1.00 75.12  ? 127 THR A HG23 1 ? 
HETATM 1496 C  CAA  . O4B B 2 .   ? -9.295  9.752   10.207  1.00 44.60  ? 200 O4B A CAA  1 ? 
HETATM 1497 O  OAM  . O4B B 2 .   ? -10.588 10.005  9.692   1.00 48.86  ? 200 O4B A OAM  1 ? 
HETATM 1498 C  CAC  . O4B B 2 .   ? -11.516 9.018   10.113  1.00 54.47  ? 200 O4B A CAC  1 ? 
HETATM 1499 C  CAD  . O4B B 2 .   ? -12.887 9.432   9.722   1.00 54.94  ? 200 O4B A CAD  1 ? 
HETATM 1500 O  OAO  . O4B B 2 .   ? -13.087 9.149   8.344   1.00 61.42  ? 200 O4B A OAO  1 ? 
HETATM 1501 C  CAG  . O4B B 2 .   ? -14.165 9.883   7.781   1.00 53.44  ? 200 O4B A CAG  1 ? 
HETATM 1502 C  CAH  . O4B B 2 .   ? -14.140 9.717   6.310   1.00 57.59  ? 200 O4B A CAH  1 ? 
HETATM 1503 O  OAQ  . O4B B 2 .   ? -13.436 10.810  5.740   1.00 61.09  ? 200 O4B A OAQ  1 ? 
HETATM 1504 C  CAK  . O4B B 2 .   ? -13.027 10.567  4.403   1.00 60.82  ? 200 O4B A CAK  1 ? 
HETATM 1505 C  CAL  . O4B B 2 .   ? -12.304 11.767  3.891   1.00 64.13  ? 200 O4B A CAL  1 ? 
HETATM 1506 O  OAR  . O4B B 2 .   ? -10.904 11.515  3.830   1.00 61.48  ? 200 O4B A OAR  1 ? 
HETATM 1507 C  CAJ  . O4B B 2 .   ? -10.133 12.581  4.377   1.00 58.05  ? 200 O4B A CAJ  1 ? 
HETATM 1508 C  CAI  . O4B B 2 .   ? -8.706  12.168  4.482   1.00 51.39  ? 200 O4B A CAI  1 ? 
HETATM 1509 O  OAP  . O4B B 2 .   ? -8.207  12.469  5.781   1.00 51.35  ? 200 O4B A OAP  1 ? 
HETATM 1510 C  CAF  . O4B B 2 .   ? -7.261  11.519  6.252   1.00 51.10  ? 200 O4B A CAF  1 ? 
HETATM 1511 C  CAE  . O4B B 2 .   ? -7.208  11.547  7.739   1.00 52.03  ? 200 O4B A CAE  1 ? 
HETATM 1512 O  OAN  . O4B B 2 .   ? -8.136  10.610  8.281   1.00 44.32  ? 200 O4B A OAN  1 ? 
HETATM 1513 C  CAB  . O4B B 2 .   ? -8.334  10.769  9.682   1.00 49.37  ? 200 O4B A CAB  1 ? 
HETATM 1514 H  HAA1 . O4B B 2 .   ? -9.323  9.797   11.185  1.00 0.50   ? 200 O4B A HAA1 1 ? 
HETATM 1515 H  HAA2 . O4B B 2 .   ? -9.008  8.855   9.934   1.00 44.60  ? 200 O4B A HAA2 1 ? 
HETATM 1516 H  HAB1 . O4B B 2 .   ? -7.479  10.652  10.146  1.00 0.50   ? 200 O4B A HAB1 1 ? 
HETATM 1517 H  HAB2 . O4B B 2 .   ? -8.687  11.690  9.849   1.00 49.37  ? 200 O4B A HAB2 1 ? 
HETATM 1518 H  HAC1 . O4B B 2 .   ? -11.468 8.911   11.088  1.00 54.47  ? 200 O4B A HAC1 1 ? 
HETATM 1519 H  HAC2 . O4B B 2 .   ? -11.298 8.156   9.696   1.00 54.47  ? 200 O4B A HAC2 1 ? 
HETATM 1520 H  HAD1 . O4B B 2 .   ? -12.998 10.392  9.878   1.00 54.94  ? 200 O4B A HAD1 1 ? 
HETATM 1521 H  HAD2 . O4B B 2 .   ? -13.545 8.940   10.256  1.00 54.94  ? 200 O4B A HAD2 1 ? 
HETATM 1522 H  HAG1 . O4B B 2 .   ? -14.073 10.832  8.007   1.00 53.44  ? 200 O4B A HAG1 1 ? 
HETATM 1523 H  HAG2 . O4B B 2 .   ? -15.015 9.548   8.136   1.00 53.44  ? 200 O4B A HAG2 1 ? 
HETATM 1524 H  HAH1 . O4B B 2 .   ? -13.689 8.877   6.081   1.00 57.59  ? 200 O4B A HAH1 1 ? 
HETATM 1525 H  HAH2 . O4B B 2 .   ? -15.056 9.696   5.964   1.00 57.59  ? 200 O4B A HAH2 1 ? 
HETATM 1526 H  HAK1 . O4B B 2 .   ? -13.812 10.393  3.843   1.00 60.82  ? 200 O4B A HAK1 1 ? 
HETATM 1527 H  HAK2 . O4B B 2 .   ? -12.432 9.788   4.375   1.00 60.82  ? 200 O4B A HAK2 1 ? 
HETATM 1528 H  HAL1 . O4B B 2 .   ? -12.464 12.528  4.488   1.00 64.13  ? 200 O4B A HAL1 1 ? 
HETATM 1529 H  HAL2 . O4B B 2 .   ? -12.627 11.988  2.993   1.00 64.13  ? 200 O4B A HAL2 1 ? 
HETATM 1530 H  HAJ1 . O4B B 2 .   ? -10.469 12.808  5.269   1.00 58.05  ? 200 O4B A HAJ1 1 ? 
HETATM 1531 H  HAJ2 . O4B B 2 .   ? -10.198 13.369  3.797   1.00 58.05  ? 200 O4B A HAJ2 1 ? 
HETATM 1532 H  HAI1 . O4B B 2 .   ? -8.174  12.648  3.814   1.00 51.39  ? 200 O4B A HAI1 1 ? 
HETATM 1533 H  HAI2 . O4B B 2 .   ? -8.629  11.203  4.325   1.00 51.39  ? 200 O4B A HAI2 1 ? 
HETATM 1534 H  HAF1 . O4B B 2 .   ? -6.373  11.731  5.897   1.00 51.10  ? 200 O4B A HAF1 1 ? 
HETATM 1535 H  HAF2 . O4B B 2 .   ? -7.520  10.621  5.958   1.00 51.10  ? 200 O4B A HAF2 1 ? 
HETATM 1536 H  HAE1 . O4B B 2 .   ? -7.436  12.445  8.060   1.00 52.03  ? 200 O4B A HAE1 1 ? 
HETATM 1537 H  HAE2 . O4B B 2 .   ? -6.305  11.315  8.042   1.00 52.03  ? 200 O4B A HAE2 1 ? 
HETATM 1538 C  CAA  . O4B C 2 .   ? 16.058  -3.853  -2.728  1.00 78.77  ? 201 O4B A CAA  1 ? 
HETATM 1539 O  OAM  . O4B C 2 .   ? 14.903  -3.098  -2.350  1.00 63.86  ? 201 O4B A OAM  1 ? 
HETATM 1540 C  CAC  . O4B C 2 .   ? 13.873  -3.186  -3.334  1.00 69.34  ? 201 O4B A CAC  1 ? 
HETATM 1541 C  CAD  . O4B C 2 .   ? 13.421  -1.822  -3.766  1.00 67.23  ? 201 O4B A CAD  1 ? 
HETATM 1542 O  OAO  . O4B C 2 .   ? 14.416  -1.166  -4.557  1.00 63.54  ? 201 O4B A OAO  1 ? 
HETATM 1543 C  CAG  . O4B C 2 .   ? 13.949  0.070   -5.104  1.00 61.07  ? 201 O4B A CAG  1 ? 
HETATM 1544 C  CAH  . O4B C 2 .   ? 15.099  0.885   -5.595  1.00 58.66  ? 201 O4B A CAH  1 ? 
HETATM 1545 O  OAQ  . O4B C 2 .   ? 15.847  1.382   -4.485  1.00 56.03  ? 201 O4B A OAQ  1 ? 
HETATM 1546 C  CAK  . O4B C 2 .   ? 16.363  2.697   -4.696  1.00 64.48  ? 201 O4B A CAK  1 ? 
HETATM 1547 C  CAL  . O4B C 2 .   ? 17.237  3.106   -3.545  1.00 68.14  ? 201 O4B A CAL  1 ? 
HETATM 1548 O  OAR  . O4B C 2 .   ? 18.521  2.490   -3.662  1.00 70.72  ? 201 O4B A OAR  1 ? 
HETATM 1549 C  CAJ  . O4B C 2 .   ? 19.276  2.483   -2.448  1.00 65.72  ? 201 O4B A CAJ  1 ? 
HETATM 1550 C  CAI  . O4B C 2 .   ? 20.048  1.201   -2.293  1.00 61.84  ? 201 O4B A CAI  1 ? 
HETATM 1551 O  OAP  . O4B C 2 .   ? 19.229  0.207   -1.678  1.00 68.65  ? 201 O4B A OAP  1 ? 
HETATM 1552 C  CAF  . O4B C 2 .   ? 19.776  -1.110  -1.677  1.00 63.43  ? 201 O4B A CAF  1 ? 
HETATM 1553 C  CAE  . O4B C 2 .   ? 18.770  -2.079  -1.124  1.00 65.76  ? 201 O4B A CAE  1 ? 
HETATM 1554 O  OAN  . O4B C 2 .   ? 18.162  -2.836  -2.171  1.00 65.92  ? 201 O4B A OAN  1 ? 
HETATM 1555 C  CAB  . O4B C 2 .   ? 17.149  -3.733  -1.707  1.00 75.84  ? 201 O4B A CAB  1 ? 
HETATM 1556 H  HAA1 . O4B C 2 .   ? 15.795  -4.792  -2.824  1.00 0.50   ? 201 O4B A HAA1 1 ? 
HETATM 1557 H  HAA2 . O4B C 2 .   ? 16.376  -3.517  -3.592  1.00 78.77  ? 201 O4B A HAA2 1 ? 
HETATM 1558 H  HAB1 . O4B C 2 .   ? 17.535  -4.623  -1.564  1.00 0.50   ? 201 O4B A HAB1 1 ? 
HETATM 1559 H  HAB2 . O4B C 2 .   ? 16.777  -3.384  -0.847  1.00 75.84  ? 201 O4B A HAB2 1 ? 
HETATM 1560 H  HAC1 . O4B C 2 .   ? 13.115  -3.683  -2.958  1.00 69.34  ? 201 O4B A HAC1 1 ? 
HETATM 1561 H  HAC2 . O4B C 2 .   ? 14.215  -3.682  -4.110  1.00 69.34  ? 201 O4B A HAC2 1 ? 
HETATM 1562 H  HAD1 . O4B C 2 .   ? 13.241  -1.269  -2.977  1.00 67.23  ? 201 O4B A HAD1 1 ? 
HETATM 1563 H  HAD2 . O4B C 2 .   ? 12.604  -1.899  -4.300  1.00 67.23  ? 201 O4B A HAD2 1 ? 
HETATM 1564 H  HAG1 . O4B C 2 .   ? 13.471  0.577   -4.416  1.00 61.07  ? 201 O4B A HAG1 1 ? 
HETATM 1565 H  HAG2 . O4B C 2 .   ? 13.343  -0.108  -5.853  1.00 61.07  ? 201 O4B A HAG2 1 ? 
HETATM 1566 H  HAH1 . O4B C 2 .   ? 15.682  0.329   -6.154  1.00 58.66  ? 201 O4B A HAH1 1 ? 
HETATM 1567 H  HAH2 . O4B C 2 .   ? 14.767  1.640   -6.124  1.00 58.66  ? 201 O4B A HAH2 1 ? 
HETATM 1568 H  HAK1 . O4B C 2 .   ? 15.622  3.333   -4.774  1.00 64.48  ? 201 O4B A HAK1 1 ? 
HETATM 1569 H  HAK2 . O4B C 2 .   ? 16.893  2.716   -5.519  1.00 64.48  ? 201 O4B A HAK2 1 ? 
HETATM 1570 H  HAL1 . O4B C 2 .   ? 16.823  2.827   -2.701  1.00 68.14  ? 201 O4B A HAL1 1 ? 
HETATM 1571 H  HAL2 . O4B C 2 .   ? 17.347  4.080   -3.544  1.00 68.14  ? 201 O4B A HAL2 1 ? 
HETATM 1572 H  HAJ1 . O4B C 2 .   ? 18.672  2.575   -1.682  1.00 65.72  ? 201 O4B A HAJ1 1 ? 
HETATM 1573 H  HAJ2 . O4B C 2 .   ? 19.911  3.229   -2.449  1.00 65.72  ? 201 O4B A HAJ2 1 ? 
HETATM 1574 H  HAI1 . O4B C 2 .   ? 20.837  1.357   -1.733  1.00 61.84  ? 201 O4B A HAI1 1 ? 
HETATM 1575 H  HAI2 . O4B C 2 .   ? 20.335  0.880   -3.174  1.00 61.84  ? 201 O4B A HAI2 1 ? 
HETATM 1576 H  HAF1 . O4B C 2 .   ? 20.583  -1.132  -1.122  1.00 63.43  ? 201 O4B A HAF1 1 ? 
HETATM 1577 H  HAF2 . O4B C 2 .   ? 20.006  -1.373  -2.593  1.00 63.43  ? 201 O4B A HAF2 1 ? 
HETATM 1578 H  HAE1 . O4B C 2 .   ? 18.070  -1.590  -0.643  1.00 65.76  ? 201 O4B A HAE1 1 ? 
HETATM 1579 H  HAE2 . O4B C 2 .   ? 19.214  -2.699  -0.507  1.00 65.76  ? 201 O4B A HAE2 1 ? 
HETATM 1580 MG MG   . MG  D 3 .   ? -5.611  7.263   5.270   1.00 31.54  ? 202 MG  A MG   1 ? 
HETATM 1581 MG MG   . MG  E 3 .   ? 12.914  4.272   13.814  1.00 50.33  ? 203 MG  A MG   1 ? 
HETATM 1582 O  O    . HOH F 4 .   ? -16.533 6.901   -3.064  1.00 49.49  ? 301 HOH A O    1 ? 
HETATM 1583 O  O    . HOH F 4 .   ? 4.702   4.470   -11.189 1.00 40.98  ? 302 HOH A O    1 ? 
HETATM 1584 O  O    . HOH F 4 .   ? 5.397   1.374   16.680  1.00 52.79  ? 303 HOH A O    1 ? 
HETATM 1585 O  O    . HOH F 4 .   ? -6.500  1.971   4.965   1.00 40.35  ? 304 HOH A O    1 ? 
HETATM 1586 O  O    . HOH F 4 .   ? 7.188   11.770  7.956   1.00 40.55  ? 305 HOH A O    1 ? 
HETATM 1587 O  O    . HOH F 4 .   ? -3.505  7.311   2.991   1.00 34.24  ? 306 HOH A O    1 ? 
HETATM 1588 O  O    . HOH F 4 .   ? 1.317   1.249   -12.343 1.00 41.92  ? 307 HOH A O    1 ? 
HETATM 1589 O  O    . HOH F 4 .   ? -10.938 -0.156  -13.757 1.00 41.12  ? 308 HOH A O    1 ? 
HETATM 1590 O  O    . HOH F 4 .   ? 6.831   -9.317  -8.753  1.00 46.59  ? 309 HOH A O    1 ? 
HETATM 1591 O  O    . HOH F 4 .   ? 8.685   -2.826  -11.387 1.00 49.79  ? 310 HOH A O    1 ? 
HETATM 1592 O  O    . HOH F 4 .   ? 0.503   -9.979  -2.924  1.00 40.92  ? 311 HOH A O    1 ? 
HETATM 1593 O  O    . HOH F 4 .   ? 1.223   8.013   13.856  1.00 40.35  ? 312 HOH A O    1 ? 
HETATM 1594 O  O    . HOH F 4 .   ? 10.459  -0.910  -3.364  1.00 44.12  ? 313 HOH A O    1 ? 
HETATM 1595 O  O    . HOH F 4 .   ? 10.243  10.206  3.501   1.00 41.39  ? 314 HOH A O    1 ? 
HETATM 1596 O  O    . HOH F 4 .   ? 4.647   -9.918  -1.716  1.00 46.45  ? 315 HOH A O    1 ? 
HETATM 1597 O  O    . HOH F 4 .   ? -4.500  3.519   8.256   1.00 34.65  ? 316 HOH A O    1 ? 
HETATM 1598 O  O    . HOH F 4 .   ? 8.971   5.339   12.135  1.00 41.15  ? 317 HOH A O    1 ? 
HETATM 1599 O  O    . HOH F 4 .   ? 6.787   -10.416 -0.578  1.00 43.90  ? 318 HOH A O    1 ? 
HETATM 1600 O  O    . HOH F 4 .   ? -7.661  -7.342  -5.565  1.00 40.12  ? 319 HOH A O    1 ? 
HETATM 1601 O  O    . HOH F 4 .   ? -4.097  12.523  2.015   0.50 33.60  ? 320 HOH A O    1 ? 
HETATM 1602 O  O    . HOH F 4 .   ? 8.935   3.317   -5.406  1.00 45.20  ? 321 HOH A O    1 ? 
HETATM 1603 O  O    . HOH F 4 .   ? 7.885   6.990   -10.355 1.00 45.99  ? 322 HOH A O    1 ? 
HETATM 1604 O  O    . HOH F 4 .   ? -14.554 -2.418  5.221   1.00 51.06  ? 323 HOH A O    1 ? 
HETATM 1605 O  O    . HOH F 4 .   ? 8.726   -5.143  16.578  1.00 47.86  ? 324 HOH A O    1 ? 
HETATM 1606 O  O    . HOH F 4 .   ? -0.380  7.050   -13.385 1.00 45.81  ? 325 HOH A O    1 ? 
HETATM 1607 O  O    . HOH F 4 .   ? -9.414  7.207   -16.068 1.00 55.86  ? 326 HOH A O    1 ? 
HETATM 1608 O  O    . HOH F 4 .   ? 9.601   -2.819  -4.830  1.00 44.66  ? 327 HOH A O    1 ? 
HETATM 1609 O  O    . HOH F 4 .   ? -0.550  -0.275  18.869  1.00 57.11  ? 328 HOH A O    1 ? 
HETATM 1610 O  O    . HOH F 4 .   ? 7.976   2.823   -8.996  1.00 41.17  ? 329 HOH A O    1 ? 
HETATM 1611 O  O    . HOH F 4 .   ? 6.663   3.859   -12.981 1.00 52.51  ? 330 HOH A O    1 ? 
HETATM 1612 O  O    . HOH F 4 .   ? 7.062   -11.289 11.935  1.00 45.01  ? 331 HOH A O    1 ? 
HETATM 1613 O  O    . HOH F 4 .   ? -8.006  6.653   9.682   1.00 44.21  ? 332 HOH A O    1 ? 
HETATM 1614 O  O    . HOH F 4 .   ? -5.127  4.213   5.870   1.00 37.69  ? 333 HOH A O    1 ? 
HETATM 1615 O  O    . HOH F 4 .   ? 10.583  1.678   -3.846  1.00 49.03  ? 334 HOH A O    1 ? 
HETATM 1616 O  O    . HOH F 4 .   ? 6.204   -8.999  -11.457 1.00 42.71  ? 335 HOH A O    1 ? 
HETATM 1617 O  O    . HOH F 4 .   ? 5.731   -11.783 -10.997 1.00 48.75  ? 336 HOH A O    1 ? 
# 
loop_
_pdbx_poly_seq_scheme.asym_id 
_pdbx_poly_seq_scheme.entity_id 
_pdbx_poly_seq_scheme.seq_id 
_pdbx_poly_seq_scheme.mon_id 
_pdbx_poly_seq_scheme.ndb_seq_num 
_pdbx_poly_seq_scheme.pdb_seq_num 
_pdbx_poly_seq_scheme.auth_seq_num 
_pdbx_poly_seq_scheme.pdb_mon_id 
_pdbx_poly_seq_scheme.auth_mon_id 
_pdbx_poly_seq_scheme.pdb_strand_id 
_pdbx_poly_seq_scheme.pdb_ins_code 
_pdbx_poly_seq_scheme.hetero 
A 1 1   GLY 1   1   ?   ?   ?   A . n 
A 1 2   SER 2   2   ?   ?   ?   A . n 
A 1 3   SER 3   3   ?   ?   ?   A . n 
A 1 4   HIS 4   4   ?   ?   ?   A . n 
A 1 5   HIS 5   5   ?   ?   ?   A . n 
A 1 6   HIS 6   6   ?   ?   ?   A . n 
A 1 7   HIS 7   7   ?   ?   ?   A . n 
A 1 8   HIS 8   8   ?   ?   ?   A . n 
A 1 9   HIS 9   9   ?   ?   ?   A . n 
A 1 10  SER 10  10  ?   ?   ?   A . n 
A 1 11  GLN 11  11  ?   ?   ?   A . n 
A 1 12  ASP 12  12  ?   ?   ?   A . n 
A 1 13  LEU 13  13  ?   ?   ?   A . n 
A 1 14  GLU 14  14  ?   ?   ?   A . n 
A 1 15  ASN 15  15  ?   ?   ?   A . n 
A 1 16  LEU 16  16  ?   ?   ?   A . n 
A 1 17  TYR 17  17  17  TYR TYR A . n 
A 1 18  PHE 18  18  18  PHE PHE A . n 
A 1 19  GLN 19  19  19  GLN GLN A . n 
A 1 20  GLY 20  20  20  GLY GLY A . n 
A 1 21  SER 21  21  21  SER SER A . n 
A 1 22  TRP 22  22  22  TRP TRP A . n 
A 1 23  LYS 23  23  23  LYS LYS A . n 
A 1 24  LEU 24  24  24  LEU LEU A . n 
A 1 25  LEU 25  25  25  LEU LEU A . n 
A 1 26  PRO 26  26  26  PRO PRO A . n 
A 1 27  GLU 27  27  27  GLU GLU A . n 
A 1 28  ASN 28  28  ?   ?   ?   A . n 
A 1 29  GLY 29  29  ?   ?   ?   A . n 
A 1 30  SER 30  30  ?   ?   ?   A . n 
A 1 31  GLY 31  31  ?   ?   ?   A . n 
A 1 32  SER 32  32  ?   ?   ?   A . n 
A 1 33  SER 33  33  ?   ?   ?   A . n 
A 1 34  GLU 34  34  ?   ?   ?   A . n 
A 1 35  ASN 35  35  ?   ?   ?   A . n 
A 1 36  SER 36  36  ?   ?   ?   A . n 
A 1 37  GLY 37  37  ?   ?   ?   A . n 
A 1 38  PHE 38  38  ?   ?   ?   A . n 
A 1 39  SER 39  39  ?   ?   ?   A . n 
A 1 40  GLY 40  40  ?   ?   ?   A . n 
A 1 41  SER 41  41  ?   ?   ?   A . n 
A 1 42  GLN 42  42  ?   ?   ?   A . n 
A 1 43  ILE 43  43  ?   ?   ?   A . n 
A 1 44  ASN 44  44  ?   ?   ?   A . n 
A 1 45  GLN 45  45  45  GLN GLN A . n 
A 1 46  VAL 46  46  46  VAL VAL A . n 
A 1 47  ARG 47  47  47  ARG ARG A . n 
A 1 48  PRO 48  48  48  PRO PRO A . n 
A 1 49  LYS 49  49  49  LYS LYS A . n 
A 1 50  LEU 50  50  50  LEU LEU A . n 
A 1 51  PRO 51  51  51  PRO PRO A . n 
A 1 52  LEU 52  52  52  LEU LEU A . n 
A 1 53  LEU 53  53  53  LEU LEU A . n 
A 1 54  LYS 54  54  54  LYS LYS A . n 
A 1 55  ILE 55  55  55  ILE ILE A . n 
A 1 56  LEU 56  56  56  LEU LEU A . n 
A 1 57  HIS 57  57  57  HIS HIS A . n 
A 1 58  ALA 58  58  58  ALA ALA A . n 
A 1 59  ALA 59  59  59  ALA ALA A . n 
A 1 60  GLY 60  60  60  GLY GLY A . n 
A 1 61  ALA 61  61  61  ALA ALA A . n 
A 1 62  GLN 62  62  62  GLN GLN A . n 
A 1 63  GLY 63  63  63  GLY GLY A . n 
A 1 64  GLU 64  64  64  GLU GLU A . n 
A 1 65  MET 65  65  65  MET MET A . n 
A 1 66  PHE 66  66  66  PHE PHE A . n 
A 1 67  THR 67  67  67  THR THR A . n 
A 1 68  VAL 68  68  68  VAL VAL A . n 
A 1 69  LYS 69  69  69  LYS LYS A . n 
A 1 70  GLU 70  70  70  GLU GLU A . n 
A 1 71  VAL 71  71  71  VAL VAL A . n 
A 1 72  MET 72  72  72  MET MET A . n 
A 1 73  HIS 73  73  73  HIS HIS A . n 
A 1 74  TYR 74  74  74  TYR TYR A . n 
A 1 75  LEU 75  75  75  LEU LEU A . n 
A 1 76  GLY 76  76  76  GLY GLY A . n 
A 1 77  GLN 77  77  77  GLN GLN A . n 
A 1 78  TYR 78  78  78  TYR TYR A . n 
A 1 79  ILE 79  79  79  ILE ILE A . n 
A 1 80  MET 80  80  80  MET MET A . n 
A 1 81  VAL 81  81  81  VAL VAL A . n 
A 1 82  LYS 82  82  82  LYS LYS A . n 
A 1 83  GLN 83  83  83  GLN GLN A . n 
A 1 84  LEU 84  84  84  LEU LEU A . n 
A 1 85  TYR 85  85  85  TYR TYR A . n 
A 1 86  ASP 86  86  86  ASP ASP A . n 
A 1 87  GLN 87  87  87  GLN GLN A . n 
A 1 88  GLN 88  88  88  GLN GLN A . n 
A 1 89  GLU 89  89  89  GLU GLU A . n 
A 1 90  GLN 90  90  90  GLN GLN A . n 
A 1 91  HIS 91  91  91  HIS HIS A . n 
A 1 92  MET 92  92  92  MET MET A . n 
A 1 93  VAL 93  93  93  VAL VAL A . n 
A 1 94  TYR 94  94  94  TYR TYR A . n 
A 1 95  CYS 95  95  95  CYS CYS A . n 
A 1 96  GLY 96  96  96  GLY GLY A . n 
A 1 97  GLY 97  97  97  GLY GLY A . n 
A 1 98  ASP 98  98  98  ASP ASP A . n 
A 1 99  LEU 99  99  99  LEU LEU A . n 
A 1 100 LEU 100 100 100 LEU LEU A . n 
A 1 101 GLY 101 101 101 GLY GLY A . n 
A 1 102 GLU 102 102 102 GLU GLU A . n 
A 1 103 LEU 103 103 103 LEU LEU A . n 
A 1 104 LEU 104 104 104 LEU LEU A . n 
A 1 105 GLY 105 105 105 GLY GLY A . n 
A 1 106 ARG 106 106 106 ARG ARG A . n 
A 1 107 GLN 107 107 107 GLN GLN A . n 
A 1 108 SER 108 108 108 SER SER A . n 
A 1 109 PHE 109 109 109 PHE PHE A . n 
A 1 110 SER 110 110 110 SER SER A . n 
A 1 111 VAL 111 111 111 VAL VAL A . n 
A 1 112 LYS 112 112 112 LYS LYS A . n 
A 1 113 ASP 113 113 113 ASP ASP A . n 
A 1 114 PRO 114 114 114 PRO PRO A . n 
A 1 115 SER 115 115 115 SER SER A . n 
A 1 116 PRO 116 116 116 PRO PRO A . n 
A 1 117 LEU 117 117 117 LEU LEU A . n 
A 1 118 TYR 118 118 118 TYR TYR A . n 
A 1 119 ASP 119 119 119 ASP ASP A . n 
A 1 120 MET 120 120 120 MET MET A . n 
A 1 121 LEU 121 121 121 LEU LEU A . n 
A 1 122 ARG 122 122 122 ARG ARG A . n 
A 1 123 LYS 123 123 123 LYS LYS A . n 
A 1 124 ASN 124 124 124 ASN ASN A . n 
A 1 125 LEU 125 125 125 LEU LEU A . n 
A 1 126 VAL 126 126 126 VAL VAL A . n 
A 1 127 THR 127 127 127 THR THR A . n 
A 1 128 LEU 128 128 ?   ?   ?   A . n 
A 1 129 ALA 129 129 ?   ?   ?   A . n 
A 1 130 THR 130 130 ?   ?   ?   A . n 
# 
loop_
_pdbx_nonpoly_scheme.asym_id 
_pdbx_nonpoly_scheme.entity_id 
_pdbx_nonpoly_scheme.mon_id 
_pdbx_nonpoly_scheme.ndb_seq_num 
_pdbx_nonpoly_scheme.pdb_seq_num 
_pdbx_nonpoly_scheme.auth_seq_num 
_pdbx_nonpoly_scheme.pdb_mon_id 
_pdbx_nonpoly_scheme.auth_mon_id 
_pdbx_nonpoly_scheme.pdb_strand_id 
_pdbx_nonpoly_scheme.pdb_ins_code 
B 2 O4B 1  200 200 O4B O4B A . 
C 2 O4B 1  201 201 O4B O4B A . 
D 3 MG  1  202 202 MG  MG  A . 
E 3 MG  1  203 203 MG  MG  A . 
F 4 HOH 1  301 301 HOH HOH A . 
F 4 HOH 2  302 302 HOH HOH A . 
F 4 HOH 3  303 303 HOH HOH A . 
F 4 HOH 4  304 304 HOH HOH A . 
F 4 HOH 5  305 305 HOH HOH A . 
F 4 HOH 6  306 306 HOH HOH A . 
F 4 HOH 7  307 307 HOH HOH A . 
F 4 HOH 8  308 308 HOH HOH A . 
F 4 HOH 9  309 309 HOH HOH A . 
F 4 HOH 10 310 310 HOH HOH A . 
F 4 HOH 11 311 311 HOH HOH A . 
F 4 HOH 12 312 312 HOH HOH A . 
F 4 HOH 13 313 313 HOH HOH A . 
F 4 HOH 14 314 314 HOH HOH A . 
F 4 HOH 15 315 315 HOH HOH A . 
F 4 HOH 16 316 316 HOH HOH A . 
F 4 HOH 17 317 317 HOH HOH A . 
F 4 HOH 18 318 318 HOH HOH A . 
F 4 HOH 19 319 319 HOH HOH A . 
F 4 HOH 20 320 320 HOH HOH A . 
F 4 HOH 21 321 321 HOH HOH A . 
F 4 HOH 22 322 322 HOH HOH A . 
F 4 HOH 23 323 323 HOH HOH A . 
F 4 HOH 24 324 324 HOH HOH A . 
F 4 HOH 25 325 325 HOH HOH A . 
F 4 HOH 26 326 326 HOH HOH A . 
F 4 HOH 27 327 327 HOH HOH A . 
F 4 HOH 28 328 328 HOH HOH A . 
F 4 HOH 29 329 329 HOH HOH A . 
F 4 HOH 30 330 330 HOH HOH A . 
F 4 HOH 31 331 331 HOH HOH A . 
F 4 HOH 32 332 332 HOH HOH A . 
F 4 HOH 33 333 333 HOH HOH A . 
F 4 HOH 34 334 334 HOH HOH A . 
F 4 HOH 35 335 335 HOH HOH A . 
F 4 HOH 36 336 336 HOH HOH A . 
# 
_pdbx_struct_assembly.id                   1 
_pdbx_struct_assembly.details              author_and_software_defined_assembly 
_pdbx_struct_assembly.method_details       PISA 
_pdbx_struct_assembly.oligomeric_details   monomeric 
_pdbx_struct_assembly.oligomeric_count     1 
# 
_pdbx_struct_assembly_gen.assembly_id       1 
_pdbx_struct_assembly_gen.oper_expression   1 
_pdbx_struct_assembly_gen.asym_id_list      A,B,C,D,E,F 
# 
loop_
_pdbx_struct_assembly_prop.biol_id 
_pdbx_struct_assembly_prop.type 
_pdbx_struct_assembly_prop.value 
_pdbx_struct_assembly_prop.details 
1 'ABSA (A^2)' 120  ? 
1 MORE         -9   ? 
1 'SSA (A^2)'  5890 ? 
# 
_pdbx_struct_oper_list.id                   1 
_pdbx_struct_oper_list.type                 'identity operation' 
_pdbx_struct_oper_list.name                 1_555 
_pdbx_struct_oper_list.symmetry_operation   x,y,z 
_pdbx_struct_oper_list.matrix[1][1]         1.0000000000 
_pdbx_struct_oper_list.matrix[1][2]         0.0000000000 
_pdbx_struct_oper_list.matrix[1][3]         0.0000000000 
_pdbx_struct_oper_list.vector[1]            0.0000000000 
_pdbx_struct_oper_list.matrix[2][1]         0.0000000000 
_pdbx_struct_oper_list.matrix[2][2]         1.0000000000 
_pdbx_struct_oper_list.matrix[2][3]         0.0000000000 
_pdbx_struct_oper_list.vector[2]            0.0000000000 
_pdbx_struct_oper_list.matrix[3][1]         0.0000000000 
_pdbx_struct_oper_list.matrix[3][2]         0.0000000000 
_pdbx_struct_oper_list.matrix[3][3]         1.0000000000 
_pdbx_struct_oper_list.vector[3]            0.0000000000 
# 
_pdbx_struct_special_symmetry.id              1 
_pdbx_struct_special_symmetry.PDB_model_num   1 
_pdbx_struct_special_symmetry.auth_asym_id    A 
_pdbx_struct_special_symmetry.auth_comp_id    HOH 
_pdbx_struct_special_symmetry.auth_seq_id     320 
_pdbx_struct_special_symmetry.PDB_ins_code    ? 
_pdbx_struct_special_symmetry.label_asym_id   F 
_pdbx_struct_special_symmetry.label_comp_id   HOH 
_pdbx_struct_special_symmetry.label_seq_id    . 
# 
loop_
_pdbx_audit_revision_history.ordinal 
_pdbx_audit_revision_history.data_content_type 
_pdbx_audit_revision_history.major_revision 
_pdbx_audit_revision_history.minor_revision 
_pdbx_audit_revision_history.revision_date 
1 'Structure model' 1 0 2021-06-09 
2 'Structure model' 1 1 2023-11-29 
# 
_pdbx_audit_revision_details.ordinal             1 
_pdbx_audit_revision_details.revision_ordinal    1 
_pdbx_audit_revision_details.data_content_type   'Structure model' 
_pdbx_audit_revision_details.provider            repository 
_pdbx_audit_revision_details.type                'Initial release' 
_pdbx_audit_revision_details.description         ? 
_pdbx_audit_revision_details.details             ? 
# 
loop_
_pdbx_audit_revision_group.ordinal 
_pdbx_audit_revision_group.revision_ordinal 
_pdbx_audit_revision_group.data_content_type 
_pdbx_audit_revision_group.group 
1 2 'Structure model' 'Data collection'        
2 2 'Structure model' 'Database references'    
3 2 'Structure model' 'Derived calculations'   
4 2 'Structure model' 'Refinement description' 
# 
loop_
_pdbx_audit_revision_category.ordinal 
_pdbx_audit_revision_category.revision_ordinal 
_pdbx_audit_revision_category.data_content_type 
_pdbx_audit_revision_category.category 
1 2 'Structure model' atom_type                     
2 2 'Structure model' chem_comp_atom                
3 2 'Structure model' chem_comp_bond                
4 2 'Structure model' database_2                    
5 2 'Structure model' pdbx_initial_refinement_model 
# 
loop_
_pdbx_audit_revision_item.ordinal 
_pdbx_audit_revision_item.revision_ordinal 
_pdbx_audit_revision_item.data_content_type 
_pdbx_audit_revision_item.item 
1 2 'Structure model' '_atom_type.pdbx_N_electrons'         
2 2 'Structure model' '_atom_type.pdbx_scat_Z'              
3 2 'Structure model' '_database_2.pdbx_DOI'                
4 2 'Structure model' '_database_2.pdbx_database_accession' 
# 
_pdbx_phasing_MR.entry_id                     7EL4 
_pdbx_phasing_MR.method_rotation              ? 
_pdbx_phasing_MR.method_translation           ? 
_pdbx_phasing_MR.model_details                ? 
_pdbx_phasing_MR.R_factor                     ? 
_pdbx_phasing_MR.R_rigid_body                 0.453 
_pdbx_phasing_MR.correlation_coeff_Fo_to_Fc   ? 
_pdbx_phasing_MR.correlation_coeff_Io_to_Ic   ? 
_pdbx_phasing_MR.d_res_high_rotation          53.700 
_pdbx_phasing_MR.d_res_low_rotation           2.400 
_pdbx_phasing_MR.d_res_high_translation       ? 
_pdbx_phasing_MR.d_res_low_translation        ? 
_pdbx_phasing_MR.packing                      ? 
_pdbx_phasing_MR.reflns_percent_rotation      ? 
_pdbx_phasing_MR.reflns_percent_translation   ? 
_pdbx_phasing_MR.sigma_F_rotation             ? 
_pdbx_phasing_MR.sigma_F_translation          ? 
_pdbx_phasing_MR.sigma_I_rotation             ? 
_pdbx_phasing_MR.sigma_I_translation          ? 
# 
_phasing.method   MR 
# 
loop_
_software.citation_id 
_software.classification 
_software.compiler_name 
_software.compiler_version 
_software.contact_author 
_software.contact_author_email 
_software.date 
_software.description 
_software.dependencies 
_software.hardware 
_software.language 
_software.location 
_software.mods 
_software.name 
_software.os 
_software.os_version 
_software.type 
_software.version 
_software.pdbx_ordinal 
? refinement        ? ? ? ? ? ? ? ? ? ? ? REFMAC      ? ? ? REFMAC5 1 
? 'data collection' ? ? ? ? ? ? ? ? ? ? ? HKL-2000    ? ? ? .       2 
? 'data processing' ? ? ? ? ? ? ? ? ? ? ? autoPROC    ? ? ? .       3 
? 'data reduction'  ? ? ? ? ? ? ? ? ? ? ? XDS         ? ? ? .       4 
? 'data scaling'    ? ? ? ? ? ? ? ? ? ? ? XSCALE      ? ? ? .       5 
? 'data extraction' ? ? ? ? ? ? ? ? ? ? ? PDB_EXTRACT ? ? ? 3.27    6 
# 
_pdbx_entry_details.entry_id                 7EL4 
_pdbx_entry_details.nonpolymer_details       ? 
_pdbx_entry_details.sequence_details         ? 
_pdbx_entry_details.compound_details         ? 
_pdbx_entry_details.source_details           ? 
_pdbx_entry_details.has_ligand_of_interest   N 
# 
loop_
_pdbx_validate_torsion.id 
_pdbx_validate_torsion.PDB_model_num 
_pdbx_validate_torsion.auth_comp_id 
_pdbx_validate_torsion.auth_asym_id 
_pdbx_validate_torsion.auth_seq_id 
_pdbx_validate_torsion.PDB_ins_code 
_pdbx_validate_torsion.label_alt_id 
_pdbx_validate_torsion.phi 
_pdbx_validate_torsion.psi 
1 1 PRO A 26 ? ? -33.50  -78.68 
2 1 GLU A 64 ? ? -146.09 -12.51 
# 
_pdbx_unobs_or_zero_occ_atoms.id               1 
_pdbx_unobs_or_zero_occ_atoms.PDB_model_num    1 
_pdbx_unobs_or_zero_occ_atoms.polymer_flag     Y 
_pdbx_unobs_or_zero_occ_atoms.occupancy_flag   1 
_pdbx_unobs_or_zero_occ_atoms.auth_asym_id     A 
_pdbx_unobs_or_zero_occ_atoms.auth_comp_id     LYS 
_pdbx_unobs_or_zero_occ_atoms.auth_seq_id      123 
_pdbx_unobs_or_zero_occ_atoms.PDB_ins_code     ? 
_pdbx_unobs_or_zero_occ_atoms.auth_atom_id     NZ 
_pdbx_unobs_or_zero_occ_atoms.label_alt_id     ? 
_pdbx_unobs_or_zero_occ_atoms.label_asym_id    A 
_pdbx_unobs_or_zero_occ_atoms.label_comp_id    LYS 
_pdbx_unobs_or_zero_occ_atoms.label_seq_id     123 
_pdbx_unobs_or_zero_occ_atoms.label_atom_id    NZ 
# 
loop_
_pdbx_unobs_or_zero_occ_residues.id 
_pdbx_unobs_or_zero_occ_residues.PDB_model_num 
_pdbx_unobs_or_zero_occ_residues.polymer_flag 
_pdbx_unobs_or_zero_occ_residues.occupancy_flag 
_pdbx_unobs_or_zero_occ_residues.auth_asym_id 
_pdbx_unobs_or_zero_occ_residues.auth_comp_id 
_pdbx_unobs_or_zero_occ_residues.auth_seq_id 
_pdbx_unobs_or_zero_occ_residues.PDB_ins_code 
_pdbx_unobs_or_zero_occ_residues.label_asym_id 
_pdbx_unobs_or_zero_occ_residues.label_comp_id 
_pdbx_unobs_or_zero_occ_residues.label_seq_id 
1  1 Y 1 A GLY 1   ? A GLY 1   
2  1 Y 1 A SER 2   ? A SER 2   
3  1 Y 1 A SER 3   ? A SER 3   
4  1 Y 1 A HIS 4   ? A HIS 4   
5  1 Y 1 A HIS 5   ? A HIS 5   
6  1 Y 1 A HIS 6   ? A HIS 6   
7  1 Y 1 A HIS 7   ? A HIS 7   
8  1 Y 1 A HIS 8   ? A HIS 8   
9  1 Y 1 A HIS 9   ? A HIS 9   
10 1 Y 1 A SER 10  ? A SER 10  
11 1 Y 1 A GLN 11  ? A GLN 11  
12 1 Y 1 A ASP 12  ? A ASP 12  
13 1 Y 1 A LEU 13  ? A LEU 13  
14 1 Y 1 A GLU 14  ? A GLU 14  
15 1 Y 1 A ASN 15  ? A ASN 15  
16 1 Y 1 A LEU 16  ? A LEU 16  
17 1 Y 1 A ASN 28  ? A ASN 28  
18 1 Y 1 A GLY 29  ? A GLY 29  
19 1 Y 1 A SER 30  ? A SER 30  
20 1 Y 1 A GLY 31  ? A GLY 31  
21 1 Y 1 A SER 32  ? A SER 32  
22 1 Y 1 A SER 33  ? A SER 33  
23 1 Y 1 A GLU 34  ? A GLU 34  
24 1 Y 1 A ASN 35  ? A ASN 35  
25 1 Y 1 A SER 36  ? A SER 36  
26 1 Y 1 A GLY 37  ? A GLY 37  
27 1 Y 1 A PHE 38  ? A PHE 38  
28 1 Y 1 A SER 39  ? A SER 39  
29 1 Y 1 A GLY 40  ? A GLY 40  
30 1 Y 1 A SER 41  ? A SER 41  
31 1 Y 1 A GLN 42  ? A GLN 42  
32 1 Y 1 A ILE 43  ? A ILE 43  
33 1 Y 1 A ASN 44  ? A ASN 44  
34 1 Y 1 A LEU 128 ? A LEU 128 
35 1 Y 1 A ALA 129 ? A ALA 129 
36 1 Y 1 A THR 130 ? A THR 130 
# 
loop_
_chem_comp_atom.comp_id 
_chem_comp_atom.atom_id 
_chem_comp_atom.type_symbol 
_chem_comp_atom.pdbx_aromatic_flag 
_chem_comp_atom.pdbx_stereo_config 
_chem_comp_atom.pdbx_ordinal 
ALA N    N  N N 1   
ALA CA   C  N S 2   
ALA C    C  N N 3   
ALA O    O  N N 4   
ALA CB   C  N N 5   
ALA OXT  O  N N 6   
ALA H    H  N N 7   
ALA H2   H  N N 8   
ALA HA   H  N N 9   
ALA HB1  H  N N 10  
ALA HB2  H  N N 11  
ALA HB3  H  N N 12  
ALA HXT  H  N N 13  
ARG N    N  N N 14  
ARG CA   C  N S 15  
ARG C    C  N N 16  
ARG O    O  N N 17  
ARG CB   C  N N 18  
ARG CG   C  N N 19  
ARG CD   C  N N 20  
ARG NE   N  N N 21  
ARG CZ   C  N N 22  
ARG NH1  N  N N 23  
ARG NH2  N  N N 24  
ARG OXT  O  N N 25  
ARG H    H  N N 26  
ARG H2   H  N N 27  
ARG HA   H  N N 28  
ARG HB2  H  N N 29  
ARG HB3  H  N N 30  
ARG HG2  H  N N 31  
ARG HG3  H  N N 32  
ARG HD2  H  N N 33  
ARG HD3  H  N N 34  
ARG HE   H  N N 35  
ARG HH11 H  N N 36  
ARG HH12 H  N N 37  
ARG HH21 H  N N 38  
ARG HH22 H  N N 39  
ARG HXT  H  N N 40  
ASN N    N  N N 41  
ASN CA   C  N S 42  
ASN C    C  N N 43  
ASN O    O  N N 44  
ASN CB   C  N N 45  
ASN CG   C  N N 46  
ASN OD1  O  N N 47  
ASN ND2  N  N N 48  
ASN OXT  O  N N 49  
ASN H    H  N N 50  
ASN H2   H  N N 51  
ASN HA   H  N N 52  
ASN HB2  H  N N 53  
ASN HB3  H  N N 54  
ASN HD21 H  N N 55  
ASN HD22 H  N N 56  
ASN HXT  H  N N 57  
ASP N    N  N N 58  
ASP CA   C  N S 59  
ASP C    C  N N 60  
ASP O    O  N N 61  
ASP CB   C  N N 62  
ASP CG   C  N N 63  
ASP OD1  O  N N 64  
ASP OD2  O  N N 65  
ASP OXT  O  N N 66  
ASP H    H  N N 67  
ASP H2   H  N N 68  
ASP HA   H  N N 69  
ASP HB2  H  N N 70  
ASP HB3  H  N N 71  
ASP HD2  H  N N 72  
ASP HXT  H  N N 73  
CYS N    N  N N 74  
CYS CA   C  N R 75  
CYS C    C  N N 76  
CYS O    O  N N 77  
CYS CB   C  N N 78  
CYS SG   S  N N 79  
CYS OXT  O  N N 80  
CYS H    H  N N 81  
CYS H2   H  N N 82  
CYS HA   H  N N 83  
CYS HB2  H  N N 84  
CYS HB3  H  N N 85  
CYS HG   H  N N 86  
CYS HXT  H  N N 87  
GLN N    N  N N 88  
GLN CA   C  N S 89  
GLN C    C  N N 90  
GLN O    O  N N 91  
GLN CB   C  N N 92  
GLN CG   C  N N 93  
GLN CD   C  N N 94  
GLN OE1  O  N N 95  
GLN NE2  N  N N 96  
GLN OXT  O  N N 97  
GLN H    H  N N 98  
GLN H2   H  N N 99  
GLN HA   H  N N 100 
GLN HB2  H  N N 101 
GLN HB3  H  N N 102 
GLN HG2  H  N N 103 
GLN HG3  H  N N 104 
GLN HE21 H  N N 105 
GLN HE22 H  N N 106 
GLN HXT  H  N N 107 
GLU N    N  N N 108 
GLU CA   C  N S 109 
GLU C    C  N N 110 
GLU O    O  N N 111 
GLU CB   C  N N 112 
GLU CG   C  N N 113 
GLU CD   C  N N 114 
GLU OE1  O  N N 115 
GLU OE2  O  N N 116 
GLU OXT  O  N N 117 
GLU H    H  N N 118 
GLU H2   H  N N 119 
GLU HA   H  N N 120 
GLU HB2  H  N N 121 
GLU HB3  H  N N 122 
GLU HG2  H  N N 123 
GLU HG3  H  N N 124 
GLU HE2  H  N N 125 
GLU HXT  H  N N 126 
GLY N    N  N N 127 
GLY CA   C  N N 128 
GLY C    C  N N 129 
GLY O    O  N N 130 
GLY OXT  O  N N 131 
GLY H    H  N N 132 
GLY H2   H  N N 133 
GLY HA2  H  N N 134 
GLY HA3  H  N N 135 
GLY HXT  H  N N 136 
HIS N    N  N N 137 
HIS CA   C  N S 138 
HIS C    C  N N 139 
HIS O    O  N N 140 
HIS CB   C  N N 141 
HIS CG   C  Y N 142 
HIS ND1  N  Y N 143 
HIS CD2  C  Y N 144 
HIS CE1  C  Y N 145 
HIS NE2  N  Y N 146 
HIS OXT  O  N N 147 
HIS H    H  N N 148 
HIS H2   H  N N 149 
HIS HA   H  N N 150 
HIS HB2  H  N N 151 
HIS HB3  H  N N 152 
HIS HD1  H  N N 153 
HIS HD2  H  N N 154 
HIS HE1  H  N N 155 
HIS HE2  H  N N 156 
HIS HXT  H  N N 157 
HOH O    O  N N 158 
HOH H1   H  N N 159 
HOH H2   H  N N 160 
ILE N    N  N N 161 
ILE CA   C  N S 162 
ILE C    C  N N 163 
ILE O    O  N N 164 
ILE CB   C  N S 165 
ILE CG1  C  N N 166 
ILE CG2  C  N N 167 
ILE CD1  C  N N 168 
ILE OXT  O  N N 169 
ILE H    H  N N 170 
ILE H2   H  N N 171 
ILE HA   H  N N 172 
ILE HB   H  N N 173 
ILE HG12 H  N N 174 
ILE HG13 H  N N 175 
ILE HG21 H  N N 176 
ILE HG22 H  N N 177 
ILE HG23 H  N N 178 
ILE HD11 H  N N 179 
ILE HD12 H  N N 180 
ILE HD13 H  N N 181 
ILE HXT  H  N N 182 
LEU N    N  N N 183 
LEU CA   C  N S 184 
LEU C    C  N N 185 
LEU O    O  N N 186 
LEU CB   C  N N 187 
LEU CG   C  N N 188 
LEU CD1  C  N N 189 
LEU CD2  C  N N 190 
LEU OXT  O  N N 191 
LEU H    H  N N 192 
LEU H2   H  N N 193 
LEU HA   H  N N 194 
LEU HB2  H  N N 195 
LEU HB3  H  N N 196 
LEU HG   H  N N 197 
LEU HD11 H  N N 198 
LEU HD12 H  N N 199 
LEU HD13 H  N N 200 
LEU HD21 H  N N 201 
LEU HD22 H  N N 202 
LEU HD23 H  N N 203 
LEU HXT  H  N N 204 
LYS N    N  N N 205 
LYS CA   C  N S 206 
LYS C    C  N N 207 
LYS O    O  N N 208 
LYS CB   C  N N 209 
LYS CG   C  N N 210 
LYS CD   C  N N 211 
LYS CE   C  N N 212 
LYS NZ   N  N N 213 
LYS OXT  O  N N 214 
LYS H    H  N N 215 
LYS H2   H  N N 216 
LYS HA   H  N N 217 
LYS HB2  H  N N 218 
LYS HB3  H  N N 219 
LYS HG2  H  N N 220 
LYS HG3  H  N N 221 
LYS HD2  H  N N 222 
LYS HD3  H  N N 223 
LYS HE2  H  N N 224 
LYS HE3  H  N N 225 
LYS HZ1  H  N N 226 
LYS HZ2  H  N N 227 
LYS HZ3  H  N N 228 
LYS HXT  H  N N 229 
MET N    N  N N 230 
MET CA   C  N S 231 
MET C    C  N N 232 
MET O    O  N N 233 
MET CB   C  N N 234 
MET CG   C  N N 235 
MET SD   S  N N 236 
MET CE   C  N N 237 
MET OXT  O  N N 238 
MET H    H  N N 239 
MET H2   H  N N 240 
MET HA   H  N N 241 
MET HB2  H  N N 242 
MET HB3  H  N N 243 
MET HG2  H  N N 244 
MET HG3  H  N N 245 
MET HE1  H  N N 246 
MET HE2  H  N N 247 
MET HE3  H  N N 248 
MET HXT  H  N N 249 
MG  MG   MG N N 250 
O4B CAA  C  N N 251 
O4B OAM  O  N N 252 
O4B CAC  C  N N 253 
O4B CAD  C  N N 254 
O4B OAO  O  N N 255 
O4B CAG  C  N N 256 
O4B CAH  C  N N 257 
O4B OAQ  O  N N 258 
O4B CAK  C  N N 259 
O4B CAL  C  N N 260 
O4B OAR  O  N N 261 
O4B CAJ  C  N N 262 
O4B CAI  C  N N 263 
O4B OAP  O  N N 264 
O4B CAF  C  N N 265 
O4B CAE  C  N N 266 
O4B OAN  O  N N 267 
O4B CAB  C  N N 268 
O4B HAA1 H  N N 269 
O4B HAA2 H  N N 270 
O4B HAB1 H  N N 271 
O4B HAB2 H  N N 272 
O4B HAC1 H  N N 273 
O4B HAC2 H  N N 274 
O4B HAD1 H  N N 275 
O4B HAD2 H  N N 276 
O4B HAG1 H  N N 277 
O4B HAG2 H  N N 278 
O4B HAH1 H  N N 279 
O4B HAH2 H  N N 280 
O4B HAK1 H  N N 281 
O4B HAK2 H  N N 282 
O4B HAL1 H  N N 283 
O4B HAL2 H  N N 284 
O4B HAJ1 H  N N 285 
O4B HAJ2 H  N N 286 
O4B HAI1 H  N N 287 
O4B HAI2 H  N N 288 
O4B HAF1 H  N N 289 
O4B HAF2 H  N N 290 
O4B HAE1 H  N N 291 
O4B HAE2 H  N N 292 
PHE N    N  N N 293 
PHE CA   C  N S 294 
PHE C    C  N N 295 
PHE O    O  N N 296 
PHE CB   C  N N 297 
PHE CG   C  Y N 298 
PHE CD1  C  Y N 299 
PHE CD2  C  Y N 300 
PHE CE1  C  Y N 301 
PHE CE2  C  Y N 302 
PHE CZ   C  Y N 303 
PHE OXT  O  N N 304 
PHE H    H  N N 305 
PHE H2   H  N N 306 
PHE HA   H  N N 307 
PHE HB2  H  N N 308 
PHE HB3  H  N N 309 
PHE HD1  H  N N 310 
PHE HD2  H  N N 311 
PHE HE1  H  N N 312 
PHE HE2  H  N N 313 
PHE HZ   H  N N 314 
PHE HXT  H  N N 315 
PRO N    N  N N 316 
PRO CA   C  N S 317 
PRO C    C  N N 318 
PRO O    O  N N 319 
PRO CB   C  N N 320 
PRO CG   C  N N 321 
PRO CD   C  N N 322 
PRO OXT  O  N N 323 
PRO H    H  N N 324 
PRO HA   H  N N 325 
PRO HB2  H  N N 326 
PRO HB3  H  N N 327 
PRO HG2  H  N N 328 
PRO HG3  H  N N 329 
PRO HD2  H  N N 330 
PRO HD3  H  N N 331 
PRO HXT  H  N N 332 
SER N    N  N N 333 
SER CA   C  N S 334 
SER C    C  N N 335 
SER O    O  N N 336 
SER CB   C  N N 337 
SER OG   O  N N 338 
SER OXT  O  N N 339 
SER H    H  N N 340 
SER H2   H  N N 341 
SER HA   H  N N 342 
SER HB2  H  N N 343 
SER HB3  H  N N 344 
SER HG   H  N N 345 
SER HXT  H  N N 346 
THR N    N  N N 347 
THR CA   C  N S 348 
THR C    C  N N 349 
THR O    O  N N 350 
THR CB   C  N R 351 
THR OG1  O  N N 352 
THR CG2  C  N N 353 
THR OXT  O  N N 354 
THR H    H  N N 355 
THR H2   H  N N 356 
THR HA   H  N N 357 
THR HB   H  N N 358 
THR HG1  H  N N 359 
THR HG21 H  N N 360 
THR HG22 H  N N 361 
THR HG23 H  N N 362 
THR HXT  H  N N 363 
TRP N    N  N N 364 
TRP CA   C  N S 365 
TRP C    C  N N 366 
TRP O    O  N N 367 
TRP CB   C  N N 368 
TRP CG   C  Y N 369 
TRP CD1  C  Y N 370 
TRP CD2  C  Y N 371 
TRP NE1  N  Y N 372 
TRP CE2  C  Y N 373 
TRP CE3  C  Y N 374 
TRP CZ2  C  Y N 375 
TRP CZ3  C  Y N 376 
TRP CH2  C  Y N 377 
TRP OXT  O  N N 378 
TRP H    H  N N 379 
TRP H2   H  N N 380 
TRP HA   H  N N 381 
TRP HB2  H  N N 382 
TRP HB3  H  N N 383 
TRP HD1  H  N N 384 
TRP HE1  H  N N 385 
TRP HE3  H  N N 386 
TRP HZ2  H  N N 387 
TRP HZ3  H  N N 388 
TRP HH2  H  N N 389 
TRP HXT  H  N N 390 
TYR N    N  N N 391 
TYR CA   C  N S 392 
TYR C    C  N N 393 
TYR O    O  N N 394 
TYR CB   C  N N 395 
TYR CG   C  Y N 396 
TYR CD1  C  Y N 397 
TYR CD2  C  Y N 398 
TYR CE1  C  Y N 399 
TYR CE2  C  Y N 400 
TYR CZ   C  Y N 401 
TYR OH   O  N N 402 
TYR OXT  O  N N 403 
TYR H    H  N N 404 
TYR H2   H  N N 405 
TYR HA   H  N N 406 
TYR HB2  H  N N 407 
TYR HB3  H  N N 408 
TYR HD1  H  N N 409 
TYR HD2  H  N N 410 
TYR HE1  H  N N 411 
TYR HE2  H  N N 412 
TYR HH   H  N N 413 
TYR HXT  H  N N 414 
VAL N    N  N N 415 
VAL CA   C  N S 416 
VAL C    C  N N 417 
VAL O    O  N N 418 
VAL CB   C  N N 419 
VAL CG1  C  N N 420 
VAL CG2  C  N N 421 
VAL OXT  O  N N 422 
VAL H    H  N N 423 
VAL H2   H  N N 424 
VAL HA   H  N N 425 
VAL HB   H  N N 426 
VAL HG11 H  N N 427 
VAL HG12 H  N N 428 
VAL HG13 H  N N 429 
VAL HG21 H  N N 430 
VAL HG22 H  N N 431 
VAL HG23 H  N N 432 
VAL HXT  H  N N 433 
# 
loop_
_chem_comp_bond.comp_id 
_chem_comp_bond.atom_id_1 
_chem_comp_bond.atom_id_2 
_chem_comp_bond.value_order 
_chem_comp_bond.pdbx_aromatic_flag 
_chem_comp_bond.pdbx_stereo_config 
_chem_comp_bond.pdbx_ordinal 
ALA N   CA   sing N N 1   
ALA N   H    sing N N 2   
ALA N   H2   sing N N 3   
ALA CA  C    sing N N 4   
ALA CA  CB   sing N N 5   
ALA CA  HA   sing N N 6   
ALA C   O    doub N N 7   
ALA C   OXT  sing N N 8   
ALA CB  HB1  sing N N 9   
ALA CB  HB2  sing N N 10  
ALA CB  HB3  sing N N 11  
ALA OXT HXT  sing N N 12  
ARG N   CA   sing N N 13  
ARG N   H    sing N N 14  
ARG N   H2   sing N N 15  
ARG CA  C    sing N N 16  
ARG CA  CB   sing N N 17  
ARG CA  HA   sing N N 18  
ARG C   O    doub N N 19  
ARG C   OXT  sing N N 20  
ARG CB  CG   sing N N 21  
ARG CB  HB2  sing N N 22  
ARG CB  HB3  sing N N 23  
ARG CG  CD   sing N N 24  
ARG CG  HG2  sing N N 25  
ARG CG  HG3  sing N N 26  
ARG CD  NE   sing N N 27  
ARG CD  HD2  sing N N 28  
ARG CD  HD3  sing N N 29  
ARG NE  CZ   sing N N 30  
ARG NE  HE   sing N N 31  
ARG CZ  NH1  sing N N 32  
ARG CZ  NH2  doub N N 33  
ARG NH1 HH11 sing N N 34  
ARG NH1 HH12 sing N N 35  
ARG NH2 HH21 sing N N 36  
ARG NH2 HH22 sing N N 37  
ARG OXT HXT  sing N N 38  
ASN N   CA   sing N N 39  
ASN N   H    sing N N 40  
ASN N   H2   sing N N 41  
ASN CA  C    sing N N 42  
ASN CA  CB   sing N N 43  
ASN CA  HA   sing N N 44  
ASN C   O    doub N N 45  
ASN C   OXT  sing N N 46  
ASN CB  CG   sing N N 47  
ASN CB  HB2  sing N N 48  
ASN CB  HB3  sing N N 49  
ASN CG  OD1  doub N N 50  
ASN CG  ND2  sing N N 51  
ASN ND2 HD21 sing N N 52  
ASN ND2 HD22 sing N N 53  
ASN OXT HXT  sing N N 54  
ASP N   CA   sing N N 55  
ASP N   H    sing N N 56  
ASP N   H2   sing N N 57  
ASP CA  C    sing N N 58  
ASP CA  CB   sing N N 59  
ASP CA  HA   sing N N 60  
ASP C   O    doub N N 61  
ASP C   OXT  sing N N 62  
ASP CB  CG   sing N N 63  
ASP CB  HB2  sing N N 64  
ASP CB  HB3  sing N N 65  
ASP CG  OD1  doub N N 66  
ASP CG  OD2  sing N N 67  
ASP OD2 HD2  sing N N 68  
ASP OXT HXT  sing N N 69  
CYS N   CA   sing N N 70  
CYS N   H    sing N N 71  
CYS N   H2   sing N N 72  
CYS CA  C    sing N N 73  
CYS CA  CB   sing N N 74  
CYS CA  HA   sing N N 75  
CYS C   O    doub N N 76  
CYS C   OXT  sing N N 77  
CYS CB  SG   sing N N 78  
CYS CB  HB2  sing N N 79  
CYS CB  HB3  sing N N 80  
CYS SG  HG   sing N N 81  
CYS OXT HXT  sing N N 82  
GLN N   CA   sing N N 83  
GLN N   H    sing N N 84  
GLN N   H2   sing N N 85  
GLN CA  C    sing N N 86  
GLN CA  CB   sing N N 87  
GLN CA  HA   sing N N 88  
GLN C   O    doub N N 89  
GLN C   OXT  sing N N 90  
GLN CB  CG   sing N N 91  
GLN CB  HB2  sing N N 92  
GLN CB  HB3  sing N N 93  
GLN CG  CD   sing N N 94  
GLN CG  HG2  sing N N 95  
GLN CG  HG3  sing N N 96  
GLN CD  OE1  doub N N 97  
GLN CD  NE2  sing N N 98  
GLN NE2 HE21 sing N N 99  
GLN NE2 HE22 sing N N 100 
GLN OXT HXT  sing N N 101 
GLU N   CA   sing N N 102 
GLU N   H    sing N N 103 
GLU N   H2   sing N N 104 
GLU CA  C    sing N N 105 
GLU CA  CB   sing N N 106 
GLU CA  HA   sing N N 107 
GLU C   O    doub N N 108 
GLU C   OXT  sing N N 109 
GLU CB  CG   sing N N 110 
GLU CB  HB2  sing N N 111 
GLU CB  HB3  sing N N 112 
GLU CG  CD   sing N N 113 
GLU CG  HG2  sing N N 114 
GLU CG  HG3  sing N N 115 
GLU CD  OE1  doub N N 116 
GLU CD  OE2  sing N N 117 
GLU OE2 HE2  sing N N 118 
GLU OXT HXT  sing N N 119 
GLY N   CA   sing N N 120 
GLY N   H    sing N N 121 
GLY N   H2   sing N N 122 
GLY CA  C    sing N N 123 
GLY CA  HA2  sing N N 124 
GLY CA  HA3  sing N N 125 
GLY C   O    doub N N 126 
GLY C   OXT  sing N N 127 
GLY OXT HXT  sing N N 128 
HIS N   CA   sing N N 129 
HIS N   H    sing N N 130 
HIS N   H2   sing N N 131 
HIS CA  C    sing N N 132 
HIS CA  CB   sing N N 133 
HIS CA  HA   sing N N 134 
HIS C   O    doub N N 135 
HIS C   OXT  sing N N 136 
HIS CB  CG   sing N N 137 
HIS CB  HB2  sing N N 138 
HIS CB  HB3  sing N N 139 
HIS CG  ND1  sing Y N 140 
HIS CG  CD2  doub Y N 141 
HIS ND1 CE1  doub Y N 142 
HIS ND1 HD1  sing N N 143 
HIS CD2 NE2  sing Y N 144 
HIS CD2 HD2  sing N N 145 
HIS CE1 NE2  sing Y N 146 
HIS CE1 HE1  sing N N 147 
HIS NE2 HE2  sing N N 148 
HIS OXT HXT  sing N N 149 
HOH O   H1   sing N N 150 
HOH O   H2   sing N N 151 
ILE N   CA   sing N N 152 
ILE N   H    sing N N 153 
ILE N   H2   sing N N 154 
ILE CA  C    sing N N 155 
ILE CA  CB   sing N N 156 
ILE CA  HA   sing N N 157 
ILE C   O    doub N N 158 
ILE C   OXT  sing N N 159 
ILE CB  CG1  sing N N 160 
ILE CB  CG2  sing N N 161 
ILE CB  HB   sing N N 162 
ILE CG1 CD1  sing N N 163 
ILE CG1 HG12 sing N N 164 
ILE CG1 HG13 sing N N 165 
ILE CG2 HG21 sing N N 166 
ILE CG2 HG22 sing N N 167 
ILE CG2 HG23 sing N N 168 
ILE CD1 HD11 sing N N 169 
ILE CD1 HD12 sing N N 170 
ILE CD1 HD13 sing N N 171 
ILE OXT HXT  sing N N 172 
LEU N   CA   sing N N 173 
LEU N   H    sing N N 174 
LEU N   H2   sing N N 175 
LEU CA  C    sing N N 176 
LEU CA  CB   sing N N 177 
LEU CA  HA   sing N N 178 
LEU C   O    doub N N 179 
LEU C   OXT  sing N N 180 
LEU CB  CG   sing N N 181 
LEU CB  HB2  sing N N 182 
LEU CB  HB3  sing N N 183 
LEU CG  CD1  sing N N 184 
LEU CG  CD2  sing N N 185 
LEU CG  HG   sing N N 186 
LEU CD1 HD11 sing N N 187 
LEU CD1 HD12 sing N N 188 
LEU CD1 HD13 sing N N 189 
LEU CD2 HD21 sing N N 190 
LEU CD2 HD22 sing N N 191 
LEU CD2 HD23 sing N N 192 
LEU OXT HXT  sing N N 193 
LYS N   CA   sing N N 194 
LYS N   H    sing N N 195 
LYS N   H2   sing N N 196 
LYS CA  C    sing N N 197 
LYS CA  CB   sing N N 198 
LYS CA  HA   sing N N 199 
LYS C   O    doub N N 200 
LYS C   OXT  sing N N 201 
LYS CB  CG   sing N N 202 
LYS CB  HB2  sing N N 203 
LYS CB  HB3  sing N N 204 
LYS CG  CD   sing N N 205 
LYS CG  HG2  sing N N 206 
LYS CG  HG3  sing N N 207 
LYS CD  CE   sing N N 208 
LYS CD  HD2  sing N N 209 
LYS CD  HD3  sing N N 210 
LYS CE  NZ   sing N N 211 
LYS CE  HE2  sing N N 212 
LYS CE  HE3  sing N N 213 
LYS NZ  HZ1  sing N N 214 
LYS NZ  HZ2  sing N N 215 
LYS NZ  HZ3  sing N N 216 
LYS OXT HXT  sing N N 217 
MET N   CA   sing N N 218 
MET N   H    sing N N 219 
MET N   H2   sing N N 220 
MET CA  C    sing N N 221 
MET CA  CB   sing N N 222 
MET CA  HA   sing N N 223 
MET C   O    doub N N 224 
MET C   OXT  sing N N 225 
MET CB  CG   sing N N 226 
MET CB  HB2  sing N N 227 
MET CB  HB3  sing N N 228 
MET CG  SD   sing N N 229 
MET CG  HG2  sing N N 230 
MET CG  HG3  sing N N 231 
MET SD  CE   sing N N 232 
MET CE  HE1  sing N N 233 
MET CE  HE2  sing N N 234 
MET CE  HE3  sing N N 235 
MET OXT HXT  sing N N 236 
O4B CAA OAM  sing N N 237 
O4B CAA CAB  sing N N 238 
O4B OAM CAC  sing N N 239 
O4B CAC CAD  sing N N 240 
O4B CAD OAO  sing N N 241 
O4B OAO CAG  sing N N 242 
O4B CAG CAH  sing N N 243 
O4B CAH OAQ  sing N N 244 
O4B OAQ CAK  sing N N 245 
O4B CAK CAL  sing N N 246 
O4B CAL OAR  sing N N 247 
O4B OAR CAJ  sing N N 248 
O4B CAJ CAI  sing N N 249 
O4B CAI OAP  sing N N 250 
O4B OAP CAF  sing N N 251 
O4B CAF CAE  sing N N 252 
O4B CAE OAN  sing N N 253 
O4B OAN CAB  sing N N 254 
O4B CAA HAA1 sing N N 255 
O4B CAA HAA2 sing N N 256 
O4B CAB HAB1 sing N N 257 
O4B CAB HAB2 sing N N 258 
O4B CAC HAC1 sing N N 259 
O4B CAC HAC2 sing N N 260 
O4B CAD HAD1 sing N N 261 
O4B CAD HAD2 sing N N 262 
O4B CAG HAG1 sing N N 263 
O4B CAG HAG2 sing N N 264 
O4B CAH HAH1 sing N N 265 
O4B CAH HAH2 sing N N 266 
O4B CAK HAK1 sing N N 267 
O4B CAK HAK2 sing N N 268 
O4B CAL HAL1 sing N N 269 
O4B CAL HAL2 sing N N 270 
O4B CAJ HAJ1 sing N N 271 
O4B CAJ HAJ2 sing N N 272 
O4B CAI HAI1 sing N N 273 
O4B CAI HAI2 sing N N 274 
O4B CAF HAF1 sing N N 275 
O4B CAF HAF2 sing N N 276 
O4B CAE HAE1 sing N N 277 
O4B CAE HAE2 sing N N 278 
PHE N   CA   sing N N 279 
PHE N   H    sing N N 280 
PHE N   H2   sing N N 281 
PHE CA  C    sing N N 282 
PHE CA  CB   sing N N 283 
PHE CA  HA   sing N N 284 
PHE C   O    doub N N 285 
PHE C   OXT  sing N N 286 
PHE CB  CG   sing N N 287 
PHE CB  HB2  sing N N 288 
PHE CB  HB3  sing N N 289 
PHE CG  CD1  doub Y N 290 
PHE CG  CD2  sing Y N 291 
PHE CD1 CE1  sing Y N 292 
PHE CD1 HD1  sing N N 293 
PHE CD2 CE2  doub Y N 294 
PHE CD2 HD2  sing N N 295 
PHE CE1 CZ   doub Y N 296 
PHE CE1 HE1  sing N N 297 
PHE CE2 CZ   sing Y N 298 
PHE CE2 HE2  sing N N 299 
PHE CZ  HZ   sing N N 300 
PHE OXT HXT  sing N N 301 
PRO N   CA   sing N N 302 
PRO N   CD   sing N N 303 
PRO N   H    sing N N 304 
PRO CA  C    sing N N 305 
PRO CA  CB   sing N N 306 
PRO CA  HA   sing N N 307 
PRO C   O    doub N N 308 
PRO C   OXT  sing N N 309 
PRO CB  CG   sing N N 310 
PRO CB  HB2  sing N N 311 
PRO CB  HB3  sing N N 312 
PRO CG  CD   sing N N 313 
PRO CG  HG2  sing N N 314 
PRO CG  HG3  sing N N 315 
PRO CD  HD2  sing N N 316 
PRO CD  HD3  sing N N 317 
PRO OXT HXT  sing N N 318 
SER N   CA   sing N N 319 
SER N   H    sing N N 320 
SER N   H2   sing N N 321 
SER CA  C    sing N N 322 
SER CA  CB   sing N N 323 
SER CA  HA   sing N N 324 
SER C   O    doub N N 325 
SER C   OXT  sing N N 326 
SER CB  OG   sing N N 327 
SER CB  HB2  sing N N 328 
SER CB  HB3  sing N N 329 
SER OG  HG   sing N N 330 
SER OXT HXT  sing N N 331 
THR N   CA   sing N N 332 
THR N   H    sing N N 333 
THR N   H2   sing N N 334 
THR CA  C    sing N N 335 
THR CA  CB   sing N N 336 
THR CA  HA   sing N N 337 
THR C   O    doub N N 338 
THR C   OXT  sing N N 339 
THR CB  OG1  sing N N 340 
THR CB  CG2  sing N N 341 
THR CB  HB   sing N N 342 
THR OG1 HG1  sing N N 343 
THR CG2 HG21 sing N N 344 
THR CG2 HG22 sing N N 345 
THR CG2 HG23 sing N N 346 
THR OXT HXT  sing N N 347 
TRP N   CA   sing N N 348 
TRP N   H    sing N N 349 
TRP N   H2   sing N N 350 
TRP CA  C    sing N N 351 
TRP CA  CB   sing N N 352 
TRP CA  HA   sing N N 353 
TRP C   O    doub N N 354 
TRP C   OXT  sing N N 355 
TRP CB  CG   sing N N 356 
TRP CB  HB2  sing N N 357 
TRP CB  HB3  sing N N 358 
TRP CG  CD1  doub Y N 359 
TRP CG  CD2  sing Y N 360 
TRP CD1 NE1  sing Y N 361 
TRP CD1 HD1  sing N N 362 
TRP CD2 CE2  doub Y N 363 
TRP CD2 CE3  sing Y N 364 
TRP NE1 CE2  sing Y N 365 
TRP NE1 HE1  sing N N 366 
TRP CE2 CZ2  sing Y N 367 
TRP CE3 CZ3  doub Y N 368 
TRP CE3 HE3  sing N N 369 
TRP CZ2 CH2  doub Y N 370 
TRP CZ2 HZ2  sing N N 371 
TRP CZ3 CH2  sing Y N 372 
TRP CZ3 HZ3  sing N N 373 
TRP CH2 HH2  sing N N 374 
TRP OXT HXT  sing N N 375 
TYR N   CA   sing N N 376 
TYR N   H    sing N N 377 
TYR N   H2   sing N N 378 
TYR CA  C    sing N N 379 
TYR CA  CB   sing N N 380 
TYR CA  HA   sing N N 381 
TYR C   O    doub N N 382 
TYR C   OXT  sing N N 383 
TYR CB  CG   sing N N 384 
TYR CB  HB2  sing N N 385 
TYR CB  HB3  sing N N 386 
TYR CG  CD1  doub Y N 387 
TYR CG  CD2  sing Y N 388 
TYR CD1 CE1  sing Y N 389 
TYR CD1 HD1  sing N N 390 
TYR CD2 CE2  doub Y N 391 
TYR CD2 HD2  sing N N 392 
TYR CE1 CZ   doub Y N 393 
TYR CE1 HE1  sing N N 394 
TYR CE2 CZ   sing Y N 395 
TYR CE2 HE2  sing N N 396 
TYR CZ  OH   sing N N 397 
TYR OH  HH   sing N N 398 
TYR OXT HXT  sing N N 399 
VAL N   CA   sing N N 400 
VAL N   H    sing N N 401 
VAL N   H2   sing N N 402 
VAL CA  C    sing N N 403 
VAL CA  CB   sing N N 404 
VAL CA  HA   sing N N 405 
VAL C   O    doub N N 406 
VAL C   OXT  sing N N 407 
VAL CB  CG1  sing N N 408 
VAL CB  CG2  sing N N 409 
VAL CB  HB   sing N N 410 
VAL CG1 HG11 sing N N 411 
VAL CG1 HG12 sing N N 412 
VAL CG1 HG13 sing N N 413 
VAL CG2 HG21 sing N N 414 
VAL CG2 HG22 sing N N 415 
VAL CG2 HG23 sing N N 416 
VAL OXT HXT  sing N N 417 
# 
loop_
_pdbx_entity_nonpoly.entity_id 
_pdbx_entity_nonpoly.name 
_pdbx_entity_nonpoly.comp_id 
2 1,4,7,10,13,16-HEXAOXACYCLOOCTADECANE O4B 
3 'MAGNESIUM ION'                       MG  
4 water                                 HOH 
# 
_pdbx_initial_refinement_model.id               1 
_pdbx_initial_refinement_model.entity_id_list   ? 
_pdbx_initial_refinement_model.type             'experimental model' 
_pdbx_initial_refinement_model.source_name      PDB 
_pdbx_initial_refinement_model.accession_code   7C3Y 
_pdbx_initial_refinement_model.details          ? 
# 
_pdbx_struct_assembly_auth_evidence.id                     1 
_pdbx_struct_assembly_auth_evidence.assembly_id            1 
_pdbx_struct_assembly_auth_evidence.experimental_support   none 
_pdbx_struct_assembly_auth_evidence.details                ? 
# 
